data_5FJU
#
_entry.id   5FJU
#
_cell.length_a   216.900
_cell.length_b   216.900
_cell.length_c   261.630
_cell.angle_alpha   90.00
_cell.angle_beta   90.00
_cell.angle_gamma   120.00
#
_symmetry.space_group_name_H-M   'H 3 2'
#
loop_
_entity.id
_entity.type
_entity.pdbx_description
1 polymer 'O-SUCCINYLBENZOATE SYNTHASE'
2 non-polymer 'MAGNESIUM ION'
3 non-polymer N-acetyl-L-phenylalanine
4 water water
#
_entity_poly.entity_id   1
_entity_poly.type   'polypeptide(L)'
_entity_poly.pdbx_seq_one_letter_code
;MKLSGVELRRVQMPLVAPFRTSFGTASVRELLLLRAVTPAGEGWGECVTIAGPLYSSEYNDGAEHVLRHYLIPALLAAED
ITAAKVTPLLAKFKGHRMAKGALEMAVLDAELRAHERSFAAELGSVRDSVPCGVSVGIMDTIPQLLDVVGGYLDEGYVRI
KLKIEPGWDVEPVRAVRERFGDDVLLQVDANTAYTLGDAPQLARLDPFGLLLIEQPLEEEDVLGHAELARRIQTPICLDE
SIVSARAAADAIKLGAVQIVNIKPGRVGGYLEARRVHDVCAAHGIPVWCGDMIETGLGRAANVALASLPNFTLPGDTSAS
DRYYKTDITEPFVLSGGHLPVPTGPGLGVAPIPELLDEVTTAKVWIGS
;
_entity_poly.pdbx_strand_id   A,B,C,D
#
# COMPACT_ATOMS: atom_id res chain seq x y z
N MET A 1 -27.38 11.82 3.40
CA MET A 1 -28.57 11.94 2.57
C MET A 1 -29.17 10.52 2.24
N LYS A 2 -30.47 10.45 1.91
CA LYS A 2 -31.14 9.26 1.28
C LYS A 2 -31.08 9.48 -0.24
N LEU A 3 -30.75 8.42 -0.99
CA LEU A 3 -30.73 8.51 -2.46
C LEU A 3 -32.15 8.40 -2.93
N SER A 4 -32.59 9.35 -3.75
CA SER A 4 -33.96 9.39 -4.23
C SER A 4 -34.15 8.47 -5.41
N GLY A 5 -33.19 8.47 -6.31
CA GLY A 5 -33.20 7.56 -7.47
C GLY A 5 -32.05 7.83 -8.44
N VAL A 6 -32.03 7.07 -9.52
CA VAL A 6 -30.98 7.16 -10.51
C VAL A 6 -31.54 7.04 -11.90
N GLU A 7 -31.11 7.94 -12.77
CA GLU A 7 -31.46 7.89 -14.17
C GLU A 7 -30.33 7.22 -14.97
N LEU A 8 -30.66 6.15 -15.70
CA LEU A 8 -29.76 5.44 -16.56
C LEU A 8 -30.01 5.84 -17.96
N ARG A 9 -28.96 6.29 -18.63
CA ARG A 9 -29.02 6.65 -20.03
C ARG A 9 -28.08 5.81 -20.85
N ARG A 10 -28.54 5.33 -21.99
CA ARG A 10 -27.64 4.79 -23.05
C ARG A 10 -27.31 5.91 -24.02
N VAL A 11 -26.03 6.01 -24.37
CA VAL A 11 -25.53 7.11 -25.17
C VAL A 11 -24.66 6.50 -26.28
N GLN A 12 -24.76 7.05 -27.48
CA GLN A 12 -23.91 6.63 -28.59
C GLN A 12 -23.29 7.88 -29.25
N MET A 13 -21.97 7.93 -29.36
CA MET A 13 -21.26 9.07 -29.90
C MET A 13 -20.30 8.62 -30.97
N PRO A 14 -20.33 9.25 -32.13
CA PRO A 14 -19.39 8.82 -33.18
C PRO A 14 -17.93 9.26 -32.88
N LEU A 15 -16.96 8.43 -33.27
CA LEU A 15 -15.55 8.76 -33.15
C LEU A 15 -15.06 9.46 -34.42
N VAL A 16 -14.21 10.45 -34.24
CA VAL A 16 -13.51 11.11 -35.31
C VAL A 16 -12.78 10.12 -36.26
N ALA A 17 -12.28 8.99 -35.77
CA ALA A 17 -11.56 8.01 -36.58
C ALA A 17 -11.70 6.64 -35.98
N PRO A 18 -11.67 5.59 -36.79
CA PRO A 18 -11.74 4.25 -36.18
C PRO A 18 -10.58 4.00 -35.20
N PHE A 19 -10.90 3.28 -34.11
CA PHE A 19 -9.92 2.96 -33.08
C PHE A 19 -9.76 1.43 -32.98
N ARG A 20 -8.59 0.94 -33.38
CA ARG A 20 -8.33 -0.46 -33.38
C ARG A 20 -7.32 -0.89 -32.32
N THR A 21 -7.64 -2.01 -31.70
CA THR A 21 -6.98 -2.53 -30.52
C THR A 21 -6.76 -4.02 -30.80
N SER A 22 -5.98 -4.73 -30.01
CA SER A 22 -5.86 -6.18 -30.24
C SER A 22 -7.17 -6.97 -30.22
N PHE A 23 -8.20 -6.45 -29.56
CA PHE A 23 -9.53 -7.09 -29.39
C PHE A 23 -10.63 -6.65 -30.31
N GLY A 24 -10.39 -5.64 -31.13
CA GLY A 24 -11.40 -5.22 -32.12
C GLY A 24 -11.26 -3.79 -32.56
N THR A 25 -12.26 -3.32 -33.30
CA THR A 25 -12.24 -1.97 -33.89
C THR A 25 -13.53 -1.34 -33.55
N ALA A 26 -13.49 -0.04 -33.30
CA ALA A 26 -14.72 0.73 -33.04
C ALA A 26 -14.73 2.04 -33.82
N SER A 27 -15.88 2.39 -34.37
CA SER A 27 -16.17 3.70 -35.00
C SER A 27 -17.03 4.59 -34.16
N VAL A 28 -17.49 4.05 -33.05
CA VAL A 28 -18.51 4.66 -32.23
C VAL A 28 -18.16 4.28 -30.77
N ARG A 29 -18.57 5.10 -29.81
CA ARG A 29 -18.51 4.79 -28.39
C ARG A 29 -19.91 4.64 -27.90
N GLU A 30 -20.28 3.44 -27.43
CA GLU A 30 -21.58 3.20 -26.76
C GLU A 30 -21.34 3.13 -25.27
N LEU A 31 -22.05 3.94 -24.48
CA LEU A 31 -21.82 3.95 -23.06
C LEU A 31 -23.05 4.15 -22.22
N LEU A 32 -22.92 3.89 -20.91
CA LEU A 32 -23.95 4.21 -19.89
C LEU A 32 -23.60 5.45 -19.11
N LEU A 33 -24.57 6.37 -18.94
CA LEU A 33 -24.42 7.46 -17.99
C LEU A 33 -25.43 7.31 -16.91
N LEU A 34 -25.07 7.78 -15.72
CA LEU A 34 -25.95 7.76 -14.58
C LEU A 34 -26.16 9.18 -14.09
N ARG A 35 -27.38 9.50 -13.71
CA ARG A 35 -27.69 10.73 -12.98
C ARG A 35 -28.27 10.30 -11.61
N ALA A 36 -27.50 10.51 -10.55
CA ALA A 36 -27.98 10.25 -9.21
C ALA A 36 -28.71 11.48 -8.71
N VAL A 37 -29.89 11.25 -8.12
CA VAL A 37 -30.69 12.32 -7.58
C VAL A 37 -30.75 12.20 -6.08
N THR A 38 -30.39 13.27 -5.39
CA THR A 38 -30.54 13.38 -3.95
C THR A 38 -31.35 14.62 -3.56
N PRO A 39 -31.71 14.73 -2.27
CA PRO A 39 -32.31 16.01 -1.84
C PRO A 39 -31.36 17.17 -2.03
N ALA A 40 -30.10 16.91 -1.70
CA ALA A 40 -28.98 17.88 -1.88
C ALA A 40 -28.78 18.33 -3.35
N GLY A 41 -29.06 17.44 -4.31
CA GLY A 41 -28.92 17.75 -5.76
C GLY A 41 -28.52 16.55 -6.64
N GLU A 42 -28.03 16.83 -7.82
CA GLU A 42 -27.74 15.82 -8.82
C GLU A 42 -26.26 15.51 -8.86
N GLY A 43 -25.93 14.32 -9.32
CA GLY A 43 -24.55 14.01 -9.70
C GLY A 43 -24.50 13.08 -10.89
N TRP A 44 -23.41 13.17 -11.67
CA TRP A 44 -23.21 12.39 -12.84
C TRP A 44 -22.13 11.34 -12.70
N GLY A 45 -22.40 10.16 -13.26
CA GLY A 45 -21.38 9.13 -13.38
C GLY A 45 -21.39 8.52 -14.76
N GLU A 46 -20.25 7.95 -15.12
CA GLU A 46 -20.03 7.35 -16.42
C GLU A 46 -19.47 5.92 -16.24
N CYS A 47 -20.09 4.95 -16.91
CA CYS A 47 -19.61 3.59 -16.94
C CYS A 47 -18.65 3.45 -18.13
N VAL A 48 -17.54 2.77 -17.91
CA VAL A 48 -16.55 2.60 -18.95
C VAL A 48 -16.69 1.23 -19.70
N THR A 49 -17.75 0.49 -19.47
CA THR A 49 -17.99 -0.67 -20.25
C THR A 49 -18.13 -0.34 -21.73
N ILE A 50 -17.84 -1.33 -22.56
CA ILE A 50 -18.09 -1.30 -24.00
C ILE A 50 -19.23 -2.31 -24.33
N ALA A 51 -19.52 -2.50 -25.60
CA ALA A 51 -20.73 -3.21 -26.04
C ALA A 51 -20.73 -4.69 -25.75
N GLY A 52 -19.57 -5.33 -25.90
CA GLY A 52 -19.42 -6.78 -25.57
C GLY A 52 -18.21 -7.07 -24.68
N PRO A 53 -18.11 -8.30 -24.15
CA PRO A 53 -17.06 -8.58 -23.13
C PRO A 53 -15.73 -8.94 -23.75
N LEU A 54 -15.14 -7.98 -24.44
CA LEU A 54 -13.92 -8.21 -25.18
C LEU A 54 -12.65 -7.70 -24.46
N TYR A 55 -12.80 -6.74 -23.56
CA TYR A 55 -11.67 -6.12 -22.79
C TYR A 55 -11.68 -6.71 -21.38
N SER A 56 -12.87 -6.80 -20.76
CA SER A 56 -13.10 -7.52 -19.53
C SER A 56 -14.47 -8.20 -19.62
N SER A 57 -14.86 -8.91 -18.59
CA SER A 57 -16.13 -9.63 -18.61
C SER A 57 -17.38 -8.74 -18.60
N GLU A 58 -17.20 -7.45 -18.23
CA GLU A 58 -18.32 -6.53 -18.11
C GLU A 58 -18.61 -5.90 -19.43
N TYR A 59 -19.89 -5.62 -19.64
CA TYR A 59 -20.34 -4.98 -20.86
C TYR A 59 -21.62 -4.17 -20.67
N ASN A 60 -21.97 -3.33 -21.63
CA ASN A 60 -23.03 -2.32 -21.41
C ASN A 60 -24.36 -2.89 -20.97
N ASP A 61 -24.92 -3.88 -21.67
CA ASP A 61 -26.21 -4.46 -21.23
C ASP A 61 -26.12 -5.14 -19.85
N GLY A 62 -24.97 -5.76 -19.57
CA GLY A 62 -24.72 -6.41 -18.28
C GLY A 62 -24.62 -5.40 -17.15
N ALA A 63 -23.90 -4.30 -17.39
CA ALA A 63 -23.79 -3.26 -16.39
C ALA A 63 -25.17 -2.63 -16.13
N GLU A 64 -25.94 -2.40 -17.19
CA GLU A 64 -27.24 -1.76 -17.05
C GLU A 64 -28.09 -2.69 -16.17
N HIS A 65 -28.06 -3.96 -16.48
CA HIS A 65 -28.87 -4.93 -15.76
C HIS A 65 -28.48 -4.97 -14.29
N VAL A 66 -27.18 -5.12 -14.00
CA VAL A 66 -26.79 -5.34 -12.62
C VAL A 66 -27.06 -4.06 -11.83
N LEU A 67 -26.87 -2.88 -12.44
CA LEU A 67 -27.18 -1.59 -11.77
C LEU A 67 -28.65 -1.50 -11.40
N ARG A 68 -29.48 -1.85 -12.34
CA ARG A 68 -30.91 -1.67 -12.21
C ARG A 68 -31.58 -2.62 -11.23
N HIS A 69 -31.14 -3.87 -11.20
CA HIS A 69 -31.78 -4.90 -10.35
C HIS A 69 -31.06 -5.26 -9.06
N TYR A 70 -29.80 -4.82 -8.87
CA TYR A 70 -29.05 -5.14 -7.65
C TYR A 70 -28.39 -3.93 -7.03
N LEU A 71 -27.57 -3.21 -7.78
CA LEU A 71 -26.77 -2.17 -7.14
C LEU A 71 -27.60 -0.97 -6.70
N ILE A 72 -28.40 -0.44 -7.61
CA ILE A 72 -29.15 0.75 -7.31
C ILE A 72 -30.22 0.46 -6.19
N PRO A 73 -31.00 -0.64 -6.31
CA PRO A 73 -31.88 -1.01 -5.19
C PRO A 73 -31.21 -1.15 -3.82
N ALA A 74 -30.00 -1.69 -3.76
CA ALA A 74 -29.28 -1.78 -2.49
C ALA A 74 -28.95 -0.41 -1.91
N LEU A 75 -28.65 0.57 -2.76
CA LEU A 75 -28.44 1.92 -2.26
C LEU A 75 -29.73 2.62 -1.88
N LEU A 76 -30.80 2.40 -2.64
CA LEU A 76 -32.10 3.01 -2.28
C LEU A 76 -32.62 2.48 -0.94
N ALA A 77 -32.41 1.19 -0.66
CA ALA A 77 -32.81 0.57 0.61
C ALA A 77 -32.00 1.02 1.83
N ALA A 78 -30.88 1.69 1.66
CA ALA A 78 -30.11 2.10 2.82
C ALA A 78 -30.67 3.36 3.45
N GLU A 79 -30.34 3.58 4.73
CA GLU A 79 -30.78 4.76 5.52
C GLU A 79 -30.03 6.04 5.20
N ASP A 80 -28.72 5.98 5.35
CA ASP A 80 -27.82 7.13 5.15
C ASP A 80 -26.82 6.62 4.10
N ILE A 81 -26.35 7.50 3.20
CA ILE A 81 -25.40 7.16 2.13
C ILE A 81 -24.35 8.21 2.00
N THR A 82 -23.12 7.77 1.80
CA THR A 82 -22.02 8.63 1.39
C THR A 82 -21.29 7.85 0.34
N ALA A 83 -20.43 8.53 -0.39
CA ALA A 83 -19.61 7.87 -1.38
C ALA A 83 -18.80 6.74 -0.74
N ALA A 84 -18.14 7.00 0.40
CA ALA A 84 -17.43 5.98 1.12
C ALA A 84 -18.26 4.75 1.50
N LYS A 85 -19.54 4.93 1.81
CA LYS A 85 -20.39 3.82 2.23
C LYS A 85 -20.93 2.97 1.11
N VAL A 86 -20.83 3.46 -0.12
CA VAL A 86 -21.23 2.70 -1.28
C VAL A 86 -20.52 1.36 -1.36
N THR A 87 -19.21 1.34 -1.10
CA THR A 87 -18.46 0.09 -1.14
C THR A 87 -19.01 -1.03 -0.19
N PRO A 88 -19.08 -0.77 1.13
CA PRO A 88 -19.69 -1.78 2.02
C PRO A 88 -21.13 -2.13 1.68
N LEU A 89 -21.95 -1.16 1.27
CA LEU A 89 -23.34 -1.47 0.91
C LEU A 89 -23.44 -2.44 -0.29
N LEU A 90 -22.47 -2.36 -1.20
CA LEU A 90 -22.46 -3.19 -2.40
C LEU A 90 -21.50 -4.38 -2.33
N ALA A 91 -20.86 -4.54 -1.18
CA ALA A 91 -19.80 -5.55 -1.04
C ALA A 91 -20.28 -7.01 -1.25
N LYS A 92 -21.50 -7.31 -0.85
CA LYS A 92 -22.07 -8.65 -1.07
C LYS A 92 -22.17 -9.05 -2.54
N PHE A 93 -22.11 -8.10 -3.46
CA PHE A 93 -22.22 -8.42 -4.88
C PHE A 93 -20.78 -8.57 -5.42
N LYS A 94 -20.48 -9.72 -6.03
CA LYS A 94 -19.12 -10.04 -6.42
C LYS A 94 -18.84 -9.43 -7.77
N GLY A 95 -17.67 -8.82 -7.92
CA GLY A 95 -17.27 -8.22 -9.19
C GLY A 95 -18.08 -6.98 -9.55
N HIS A 96 -18.41 -6.88 -10.83
CA HIS A 96 -19.14 -5.75 -11.41
C HIS A 96 -18.51 -4.40 -11.03
N ARG A 97 -17.20 -4.33 -11.12
CA ARG A 97 -16.45 -3.18 -10.67
C ARG A 97 -16.76 -1.91 -11.47
N MET A 98 -16.90 -2.04 -12.78
CA MET A 98 -17.13 -0.89 -13.62
C MET A 98 -18.48 -0.28 -13.30
N ALA A 99 -19.45 -1.15 -13.13
CA ALA A 99 -20.80 -0.73 -12.75
C ALA A 99 -20.78 -0.06 -11.37
N LYS A 100 -20.14 -0.67 -10.40
CA LYS A 100 -20.07 -0.08 -9.05
C LYS A 100 -19.40 1.29 -9.09
N GLY A 101 -18.37 1.38 -9.92
CA GLY A 101 -17.54 2.58 -10.02
C GLY A 101 -18.29 3.74 -10.63
N ALA A 102 -19.07 3.43 -11.62
CA ALA A 102 -19.98 4.40 -12.21
C ALA A 102 -21.01 4.97 -11.19
N LEU A 103 -21.58 4.10 -10.38
CA LEU A 103 -22.55 4.49 -9.38
C LEU A 103 -21.90 5.29 -8.25
N GLU A 104 -20.72 4.85 -7.79
CA GLU A 104 -19.95 5.63 -6.86
C GLU A 104 -19.62 7.01 -7.41
N MET A 105 -19.25 7.11 -8.67
CA MET A 105 -18.87 8.40 -9.25
C MET A 105 -20.03 9.39 -9.16
N ALA A 106 -21.23 8.93 -9.54
CA ALA A 106 -22.41 9.75 -9.47
C ALA A 106 -22.75 10.19 -8.03
N VAL A 107 -22.71 9.27 -7.08
CA VAL A 107 -22.92 9.61 -5.70
C VAL A 107 -21.87 10.62 -5.19
N LEU A 108 -20.62 10.45 -5.58
CA LEU A 108 -19.57 11.35 -5.14
C LEU A 108 -19.74 12.73 -5.70
N ASP A 109 -20.10 12.79 -6.98
CA ASP A 109 -20.32 14.06 -7.67
C ASP A 109 -21.48 14.80 -6.99
N ALA A 110 -22.59 14.12 -6.68
CA ALA A 110 -23.68 14.76 -5.95
C ALA A 110 -23.23 15.26 -4.55
N GLU A 111 -22.52 14.41 -3.81
CA GLU A 111 -22.00 14.77 -2.47
C GLU A 111 -21.07 16.03 -2.56
N LEU A 112 -20.14 16.03 -3.49
CA LEU A 112 -19.16 17.12 -3.58
C LEU A 112 -19.77 18.46 -4.10
N ARG A 113 -20.70 18.38 -5.04
CA ARG A 113 -21.47 19.58 -5.48
C ARG A 113 -22.19 20.23 -4.34
N ALA A 114 -22.81 19.42 -3.48
CA ALA A 114 -23.47 19.96 -2.30
C ALA A 114 -22.52 20.64 -1.29
N HIS A 115 -21.26 20.25 -1.23
CA HIS A 115 -20.28 20.89 -0.37
C HIS A 115 -19.44 21.91 -1.18
N GLU A 116 -19.82 22.17 -2.43
CA GLU A 116 -19.07 23.10 -3.27
C GLU A 116 -17.57 22.80 -3.41
N ARG A 117 -17.26 21.51 -3.54
CA ARG A 117 -15.90 20.98 -3.52
C ARG A 117 -15.61 20.21 -4.77
N SER A 118 -14.40 20.40 -5.32
CA SER A 118 -14.02 19.70 -6.57
C SER A 118 -13.56 18.24 -6.35
N PHE A 119 -13.70 17.42 -7.38
CA PHE A 119 -13.05 16.10 -7.42
C PHE A 119 -11.56 16.26 -7.10
N ALA A 120 -10.91 17.23 -7.72
CA ALA A 120 -9.48 17.43 -7.49
C ALA A 120 -9.16 17.62 -6.01
N ALA A 121 -9.92 18.48 -5.35
CA ALA A 121 -9.67 18.74 -3.94
C ALA A 121 -9.93 17.47 -3.12
N GLU A 122 -11.04 16.76 -3.39
CA GLU A 122 -11.33 15.50 -2.67
C GLU A 122 -10.26 14.43 -2.83
N LEU A 123 -9.72 14.28 -4.02
CA LEU A 123 -8.71 13.25 -4.31
C LEU A 123 -7.29 13.59 -3.85
N GLY A 124 -6.99 14.88 -3.65
CA GLY A 124 -5.67 15.31 -3.22
C GLY A 124 -4.75 15.80 -4.33
N SER A 125 -5.30 16.58 -5.23
CA SER A 125 -4.57 17.23 -6.29
C SER A 125 -3.46 18.12 -5.74
N VAL A 126 -2.29 18.08 -6.39
CA VAL A 126 -1.18 18.97 -6.10
C VAL A 126 -0.72 19.84 -7.30
N ARG A 127 -1.36 19.72 -8.45
CA ARG A 127 -1.02 20.52 -9.62
C ARG A 127 -2.30 20.90 -10.33
N ASP A 128 -2.21 21.95 -11.12
CA ASP A 128 -3.35 22.56 -11.82
C ASP A 128 -3.45 22.15 -13.26
N SER A 129 -2.45 21.46 -13.77
CA SER A 129 -2.54 20.90 -15.11
C SER A 129 -1.65 19.68 -15.17
N VAL A 130 -1.93 18.85 -16.15
CA VAL A 130 -1.25 17.54 -16.27
C VAL A 130 -0.78 17.31 -17.72
N PRO A 131 0.39 16.69 -17.91
CA PRO A 131 0.88 16.42 -19.27
C PRO A 131 0.15 15.20 -19.85
N CYS A 132 -0.17 15.27 -21.14
CA CYS A 132 -1.04 14.32 -21.79
C CYS A 132 -0.38 13.68 -22.94
N GLY A 133 -0.52 12.38 -23.01
CA GLY A 133 -0.11 11.60 -24.16
C GLY A 133 -1.33 11.19 -24.94
N VAL A 134 -1.11 10.31 -25.91
CA VAL A 134 -2.13 9.83 -26.78
C VAL A 134 -1.93 8.36 -27.07
N SER A 135 -3.04 7.65 -27.17
CA SER A 135 -3.06 6.25 -27.51
C SER A 135 -3.43 6.12 -28.98
N VAL A 136 -2.59 5.42 -29.76
CA VAL A 136 -2.72 5.30 -31.22
C VAL A 136 -2.99 3.88 -31.58
N GLY A 137 -4.05 3.66 -32.32
CA GLY A 137 -4.49 2.31 -32.67
C GLY A 137 -3.65 1.59 -33.70
N ILE A 138 -3.99 0.34 -33.91
CA ILE A 138 -3.41 -0.46 -34.97
C ILE A 138 -3.97 0.11 -36.26
N MET A 139 -3.10 0.19 -37.26
CA MET A 139 -3.45 0.67 -38.60
C MET A 139 -3.24 -0.45 -39.65
N ASP A 140 -3.77 -0.24 -40.84
CA ASP A 140 -3.55 -1.19 -41.96
C ASP A 140 -2.15 -1.15 -42.58
N THR A 141 -1.47 0.01 -42.55
CA THR A 141 -0.12 0.15 -43.15
C THR A 141 0.80 1.00 -42.27
N ILE A 142 2.12 0.73 -42.37
CA ILE A 142 3.10 1.51 -41.65
C ILE A 142 2.99 3.01 -42.04
N PRO A 143 2.91 3.35 -43.34
CA PRO A 143 2.87 4.80 -43.67
C PRO A 143 1.66 5.59 -43.11
N GLN A 144 0.49 4.94 -43.02
CA GLN A 144 -0.70 5.54 -42.34
C GLN A 144 -0.43 5.81 -40.84
N LEU A 145 0.25 4.87 -40.17
CA LEU A 145 0.69 5.05 -38.77
C LEU A 145 1.63 6.26 -38.59
N LEU A 146 2.64 6.35 -39.43
CA LEU A 146 3.57 7.43 -39.36
C LEU A 146 2.91 8.80 -39.54
N ASP A 147 1.97 8.89 -40.46
CA ASP A 147 1.15 10.08 -40.65
C ASP A 147 0.37 10.51 -39.39
N VAL A 148 -0.42 9.59 -38.83
CA VAL A 148 -1.18 9.82 -37.61
C VAL A 148 -0.29 10.23 -36.43
N VAL A 149 0.79 9.47 -36.23
CA VAL A 149 1.75 9.80 -35.16
C VAL A 149 2.32 11.18 -35.32
N GLY A 150 2.77 11.48 -36.54
CA GLY A 150 3.33 12.80 -36.87
C GLY A 150 2.33 13.92 -36.58
N GLY A 151 1.06 13.69 -36.91
CA GLY A 151 -0.04 14.61 -36.57
C GLY A 151 -0.22 14.92 -35.07
N TYR A 152 -0.18 13.87 -34.24
CA TYR A 152 -0.33 14.03 -32.81
C TYR A 152 0.91 14.68 -32.16
N LEU A 153 2.10 14.36 -32.63
CA LEU A 153 3.32 15.12 -32.21
C LEU A 153 3.25 16.64 -32.57
N ASP A 154 2.74 16.96 -33.76
CA ASP A 154 2.43 18.33 -34.16
C ASP A 154 1.44 19.05 -33.26
N GLU A 155 0.37 18.38 -32.80
CA GLU A 155 -0.54 18.98 -31.84
C GLU A 155 0.10 19.23 -30.45
N GLY A 156 1.25 18.61 -30.16
CA GLY A 156 1.98 18.83 -28.89
C GLY A 156 1.77 17.76 -27.81
N TYR A 157 1.16 16.61 -28.15
CA TYR A 157 1.15 15.42 -27.25
C TYR A 157 2.59 15.02 -26.88
N VAL A 158 2.83 14.72 -25.61
CA VAL A 158 4.19 14.59 -25.06
C VAL A 158 4.69 13.18 -25.09
N ARG A 159 3.81 12.24 -25.47
CA ARG A 159 4.10 10.81 -25.43
C ARG A 159 3.18 10.06 -26.36
N ILE A 160 3.72 9.04 -27.03
CA ILE A 160 2.96 8.18 -27.94
C ILE A 160 2.89 6.76 -27.42
N LYS A 161 1.69 6.22 -27.42
CA LYS A 161 1.41 4.84 -27.01
C LYS A 161 0.82 4.13 -28.21
N LEU A 162 1.43 3.02 -28.62
CA LEU A 162 0.99 2.26 -29.76
C LEU A 162 0.33 1.00 -29.31
N LYS A 163 -0.87 0.77 -29.81
CA LYS A 163 -1.48 -0.55 -29.70
C LYS A 163 -0.67 -1.52 -30.52
N ILE A 164 -0.45 -2.71 -29.96
CA ILE A 164 0.25 -3.78 -30.65
C ILE A 164 -0.48 -5.13 -30.49
N GLU A 165 -0.06 -6.08 -31.33
CA GLU A 165 -0.57 -7.44 -31.35
C GLU A 165 0.36 -8.28 -32.20
N PRO A 166 0.30 -9.61 -32.08
CA PRO A 166 1.09 -10.42 -33.04
C PRO A 166 0.90 -10.00 -34.50
N GLY A 167 2.01 -9.89 -35.23
CA GLY A 167 2.02 -9.34 -36.59
C GLY A 167 2.12 -7.83 -36.68
N TRP A 168 2.16 -7.11 -35.54
CA TRP A 168 2.12 -5.62 -35.51
C TRP A 168 2.73 -5.16 -34.19
N ASP A 169 4.05 -5.30 -34.12
CA ASP A 169 4.79 -4.91 -32.95
C ASP A 169 6.16 -4.32 -33.24
N VAL A 170 7.10 -5.16 -33.65
CA VAL A 170 8.48 -4.75 -33.90
C VAL A 170 8.54 -3.79 -35.09
N GLU A 171 7.82 -4.09 -36.18
CA GLU A 171 7.83 -3.21 -37.36
C GLU A 171 7.30 -1.79 -37.10
N PRO A 172 6.07 -1.63 -36.58
CA PRO A 172 5.59 -0.27 -36.25
C PRO A 172 6.51 0.47 -35.27
N VAL A 173 7.06 -0.21 -34.29
CA VAL A 173 7.96 0.47 -33.37
C VAL A 173 9.22 0.94 -34.07
N ARG A 174 9.84 0.06 -34.88
CA ARG A 174 11.10 0.39 -35.58
C ARG A 174 10.83 1.60 -36.49
N ALA A 175 9.73 1.53 -37.25
CA ALA A 175 9.36 2.61 -38.16
C ALA A 175 9.18 3.96 -37.46
N VAL A 176 8.49 3.97 -36.33
CA VAL A 176 8.30 5.20 -35.56
C VAL A 176 9.63 5.74 -35.05
N ARG A 177 10.50 4.83 -34.69
CA ARG A 177 11.82 5.21 -34.14
C ARG A 177 12.72 5.76 -35.25
N GLU A 178 12.68 5.15 -36.44
CA GLU A 178 13.42 5.61 -37.64
C GLU A 178 12.90 7.00 -38.06
N ARG A 179 11.58 7.20 -38.15
CA ARG A 179 11.05 8.49 -38.59
C ARG A 179 11.20 9.61 -37.57
N PHE A 180 10.92 9.37 -36.28
CA PHE A 180 10.83 10.46 -35.30
C PHE A 180 11.93 10.53 -34.27
N GLY A 181 12.77 9.51 -34.21
CA GLY A 181 13.95 9.55 -33.34
C GLY A 181 13.77 8.99 -31.95
N ASP A 182 14.88 8.96 -31.22
CA ASP A 182 14.99 8.30 -29.96
C ASP A 182 14.54 9.15 -28.77
N ASP A 183 14.20 10.40 -28.97
CA ASP A 183 13.79 11.26 -27.85
C ASP A 183 12.28 11.34 -27.57
N VAL A 184 11.45 11.05 -28.58
CA VAL A 184 10.02 10.81 -28.39
C VAL A 184 9.77 9.75 -27.27
N LEU A 185 8.94 10.09 -26.31
CA LEU A 185 8.50 9.13 -25.29
C LEU A 185 7.54 8.17 -25.97
N LEU A 186 7.90 6.90 -26.00
CA LEU A 186 7.20 5.88 -26.73
C LEU A 186 6.96 4.63 -25.89
N GLN A 187 5.73 4.13 -25.94
CA GLN A 187 5.37 2.89 -25.24
C GLN A 187 4.40 2.05 -26.06
N VAL A 188 4.17 0.81 -25.64
CA VAL A 188 3.23 -0.05 -26.35
C VAL A 188 2.23 -0.70 -25.41
N ASP A 189 1.13 -1.18 -25.98
CA ASP A 189 0.07 -1.81 -25.26
C ASP A 189 -0.54 -2.94 -26.09
N ALA A 190 -0.54 -4.13 -25.50
CA ALA A 190 -1.00 -5.34 -26.12
C ALA A 190 -2.41 -5.77 -25.78
N ASN A 191 -3.03 -5.20 -24.73
CA ASN A 191 -4.35 -5.66 -24.27
C ASN A 191 -4.46 -7.21 -24.24
N THR A 192 -3.47 -7.88 -23.63
CA THR A 192 -3.49 -9.32 -23.33
C THR A 192 -3.20 -10.24 -24.52
N ALA A 193 -2.74 -9.70 -25.63
CA ALA A 193 -2.64 -10.47 -26.87
C ALA A 193 -1.47 -11.47 -26.97
N TYR A 194 -0.53 -11.49 -26.02
CA TYR A 194 0.58 -12.43 -26.07
C TYR A 194 0.57 -13.47 -24.99
N THR A 195 1.44 -14.45 -25.15
CA THR A 195 1.69 -15.46 -24.13
C THR A 195 3.17 -15.44 -23.75
N LEU A 196 3.48 -16.16 -22.71
CA LEU A 196 4.87 -16.24 -22.25
C LEU A 196 5.78 -16.85 -23.31
N GLY A 197 5.20 -17.70 -24.15
CA GLY A 197 5.89 -18.28 -25.27
C GLY A 197 6.32 -17.28 -26.31
N ASP A 198 5.70 -16.10 -26.33
CA ASP A 198 6.08 -15.02 -27.23
C ASP A 198 7.18 -14.14 -26.65
N ALA A 199 7.79 -14.51 -25.52
CA ALA A 199 8.92 -13.72 -24.97
C ALA A 199 10.05 -13.38 -25.94
N PRO A 200 10.47 -14.33 -26.80
CA PRO A 200 11.56 -13.95 -27.76
C PRO A 200 11.15 -12.84 -28.77
N GLN A 201 9.89 -12.84 -29.19
CA GLN A 201 9.37 -11.75 -30.03
C GLN A 201 9.26 -10.42 -29.30
N LEU A 202 8.78 -10.43 -28.06
CA LEU A 202 8.74 -9.20 -27.25
C LEU A 202 10.15 -8.69 -26.88
N ALA A 203 11.11 -9.61 -26.76
CA ALA A 203 12.52 -9.21 -26.51
C ALA A 203 13.15 -8.50 -27.69
N ARG A 204 12.61 -8.70 -28.89
CA ARG A 204 13.03 -7.92 -30.05
C ARG A 204 12.70 -6.41 -29.92
N LEU A 205 11.83 -6.04 -29.00
CA LEU A 205 11.58 -4.61 -28.67
C LEU A 205 12.65 -3.98 -27.75
N ASP A 206 13.53 -4.79 -27.15
CA ASP A 206 14.64 -4.29 -26.27
C ASP A 206 15.45 -3.08 -26.84
N PRO A 207 15.87 -3.12 -28.11
CA PRO A 207 16.72 -2.01 -28.55
C PRO A 207 16.01 -0.66 -28.75
N PHE A 208 14.68 -0.63 -28.80
CA PHE A 208 13.98 0.62 -29.09
C PHE A 208 13.66 1.53 -27.87
N GLY A 209 14.18 1.22 -26.67
CA GLY A 209 14.11 2.13 -25.53
C GLY A 209 12.69 2.58 -25.16
N LEU A 210 11.74 1.65 -25.21
CA LEU A 210 10.38 1.93 -24.82
C LEU A 210 10.24 2.20 -23.29
N LEU A 211 9.33 3.09 -22.89
CA LEU A 211 9.06 3.30 -21.48
C LEU A 211 8.50 2.07 -20.82
N LEU A 212 7.62 1.38 -21.54
CA LEU A 212 6.94 0.25 -20.98
C LEU A 212 6.21 -0.54 -22.05
N ILE A 213 5.83 -1.73 -21.67
CA ILE A 213 4.86 -2.54 -22.41
C ILE A 213 3.72 -2.84 -21.45
N GLU A 214 2.52 -2.45 -21.86
CA GLU A 214 1.34 -2.56 -21.03
C GLU A 214 0.59 -3.90 -21.30
N GLN A 215 0.33 -4.64 -20.23
CA GLN A 215 -0.47 -5.86 -20.24
C GLN A 215 -0.19 -6.77 -21.44
N PRO A 216 1.03 -7.29 -21.54
CA PRO A 216 1.36 -8.22 -22.62
C PRO A 216 0.61 -9.53 -22.55
N LEU A 217 0.34 -10.02 -21.34
CA LEU A 217 -0.30 -11.32 -21.08
C LEU A 217 -1.69 -11.18 -20.48
N GLU A 218 -2.39 -12.29 -20.31
CA GLU A 218 -3.79 -12.24 -19.91
C GLU A 218 -3.98 -11.69 -18.46
N GLU A 219 -5.19 -11.21 -18.18
CA GLU A 219 -5.56 -10.56 -16.93
C GLU A 219 -5.14 -11.37 -15.70
N GLU A 220 -5.43 -12.66 -15.73
CA GLU A 220 -5.14 -13.55 -14.59
C GLU A 220 -3.68 -14.00 -14.44
N ASP A 221 -2.83 -13.78 -15.45
CA ASP A 221 -1.49 -14.30 -15.42
C ASP A 221 -0.48 -13.35 -14.82
N VAL A 222 -0.61 -13.11 -13.53
CA VAL A 222 0.29 -12.25 -12.79
C VAL A 222 1.67 -12.89 -12.67
N LEU A 223 1.73 -14.16 -12.27
CA LEU A 223 3.03 -14.84 -12.16
C LEU A 223 3.80 -14.91 -13.48
N GLY A 224 3.05 -15.06 -14.59
CA GLY A 224 3.63 -15.04 -15.91
C GLY A 224 4.27 -13.69 -16.24
N HIS A 225 3.68 -12.60 -15.79
CA HIS A 225 4.29 -11.29 -16.05
C HIS A 225 5.60 -11.17 -15.31
N ALA A 226 5.67 -11.70 -14.09
CA ALA A 226 6.94 -11.71 -13.35
C ALA A 226 8.00 -12.53 -14.07
N GLU A 227 7.59 -13.67 -14.66
CA GLU A 227 8.49 -14.46 -15.49
C GLU A 227 8.92 -13.69 -16.73
N LEU A 228 7.98 -13.03 -17.39
CA LEU A 228 8.30 -12.25 -18.61
C LEU A 228 9.29 -11.16 -18.32
N ALA A 229 9.20 -10.58 -17.14
CA ALA A 229 10.10 -9.49 -16.78
C ALA A 229 11.54 -9.90 -16.68
N ARG A 230 11.79 -11.16 -16.40
CA ARG A 230 13.14 -11.66 -16.32
C ARG A 230 13.73 -11.93 -17.67
N ARG A 231 12.92 -11.86 -18.70
CA ARG A 231 13.34 -12.15 -20.08
C ARG A 231 13.36 -10.98 -21.04
N ILE A 232 12.78 -9.84 -20.68
CA ILE A 232 12.82 -8.67 -21.55
C ILE A 232 13.32 -7.46 -20.76
N GLN A 233 13.89 -6.52 -21.50
CA GLN A 233 14.44 -5.27 -20.95
C GLN A 233 13.33 -4.20 -20.82
N THR A 234 12.29 -4.23 -21.67
CA THR A 234 11.18 -3.29 -21.55
C THR A 234 10.39 -3.47 -20.23
N PRO A 235 10.24 -2.39 -19.43
CA PRO A 235 9.51 -2.54 -18.15
C PRO A 235 8.06 -2.97 -18.36
N ILE A 236 7.55 -3.79 -17.45
CA ILE A 236 6.18 -4.25 -17.54
C ILE A 236 5.25 -3.31 -16.78
N CYS A 237 4.13 -2.99 -17.41
CA CYS A 237 3.04 -2.23 -16.85
C CYS A 237 1.79 -3.07 -16.94
N LEU A 238 0.96 -3.02 -15.91
CA LEU A 238 -0.27 -3.79 -15.89
C LEU A 238 -1.42 -2.84 -15.93
N ASP A 239 -2.51 -3.31 -16.55
CA ASP A 239 -3.73 -2.57 -16.71
C ASP A 239 -4.88 -3.50 -16.30
N GLU A 240 -5.31 -4.39 -17.20
CA GLU A 240 -6.39 -5.33 -16.96
C GLU A 240 -6.22 -6.06 -15.62
N SER A 241 -4.99 -6.39 -15.24
CA SER A 241 -4.77 -7.18 -13.99
C SER A 241 -5.03 -6.41 -12.71
N ILE A 242 -4.91 -5.10 -12.75
CA ILE A 242 -4.97 -4.27 -11.55
C ILE A 242 -6.42 -3.89 -11.28
N VAL A 243 -7.13 -4.79 -10.61
CA VAL A 243 -8.54 -4.63 -10.33
C VAL A 243 -8.83 -4.04 -8.94
N SER A 244 -7.80 -3.77 -8.14
CA SER A 244 -7.98 -3.22 -6.78
C SER A 244 -6.62 -2.86 -6.22
N ALA A 245 -6.62 -2.17 -5.10
CA ALA A 245 -5.38 -1.84 -4.40
C ALA A 245 -4.68 -3.12 -3.91
N ARG A 246 -5.46 -4.09 -3.42
CA ARG A 246 -4.91 -5.38 -3.02
C ARG A 246 -4.23 -6.05 -4.21
N ALA A 247 -4.86 -6.01 -5.38
CA ALA A 247 -4.24 -6.60 -6.58
C ALA A 247 -2.92 -5.94 -6.96
N ALA A 248 -2.84 -4.65 -6.79
CA ALA A 248 -1.62 -3.95 -7.09
C ALA A 248 -0.51 -4.32 -6.10
N ALA A 249 -0.85 -4.38 -4.82
CA ALA A 249 0.09 -4.81 -3.81
C ALA A 249 0.62 -6.23 -4.07
N ASP A 250 -0.28 -7.14 -4.44
CA ASP A 250 0.08 -8.52 -4.76
C ASP A 250 1.02 -8.55 -5.97
N ALA A 251 0.67 -7.84 -7.05
CA ALA A 251 1.52 -7.83 -8.24
C ALA A 251 2.91 -7.30 -7.99
N ILE A 252 2.96 -6.26 -7.18
CA ILE A 252 4.21 -5.66 -6.81
C ILE A 252 5.05 -6.61 -5.99
N LYS A 253 4.49 -7.18 -4.92
CA LYS A 253 5.20 -8.21 -4.13
C LYS A 253 5.72 -9.36 -4.96
N LEU A 254 5.02 -9.77 -6.02
CA LEU A 254 5.51 -10.86 -6.85
C LEU A 254 6.53 -10.45 -7.94
N GLY A 255 6.94 -9.19 -8.02
CA GLY A 255 7.80 -8.70 -9.12
C GLY A 255 7.17 -8.70 -10.51
N ALA A 256 5.85 -8.64 -10.58
CA ALA A 256 5.11 -8.71 -11.85
C ALA A 256 4.88 -7.40 -12.51
N VAL A 257 5.26 -6.31 -11.87
CA VAL A 257 4.97 -5.00 -12.41
C VAL A 257 5.96 -3.97 -11.91
N GLN A 258 6.37 -3.05 -12.78
CA GLN A 258 7.21 -1.89 -12.42
C GLN A 258 6.50 -0.52 -12.52
N ILE A 259 5.43 -0.44 -13.25
CA ILE A 259 4.67 0.76 -13.48
C ILE A 259 3.20 0.34 -13.59
N VAL A 260 2.28 1.09 -12.99
CA VAL A 260 0.86 0.72 -13.01
C VAL A 260 -0.02 1.76 -13.72
N ASN A 261 -0.90 1.28 -14.59
CA ASN A 261 -1.91 2.09 -15.25
C ASN A 261 -3.13 2.08 -14.32
N ILE A 262 -3.59 3.27 -13.92
CA ILE A 262 -4.80 3.38 -13.13
C ILE A 262 -5.97 3.82 -14.02
N LYS A 263 -7.01 2.99 -14.04
CA LYS A 263 -8.31 3.32 -14.57
C LYS A 263 -9.38 3.16 -13.50
N PRO A 264 -10.00 4.26 -13.09
CA PRO A 264 -11.01 4.26 -12.02
C PRO A 264 -12.15 3.25 -12.18
N GLY A 265 -12.79 3.19 -13.34
CA GLY A 265 -13.86 2.22 -13.57
C GLY A 265 -13.38 0.78 -13.38
N ARG A 266 -12.21 0.48 -13.91
CA ARG A 266 -11.67 -0.90 -13.86
C ARG A 266 -11.46 -1.39 -12.44
N VAL A 267 -11.16 -0.45 -11.52
CA VAL A 267 -10.93 -0.78 -10.11
C VAL A 267 -12.11 -0.58 -9.18
N GLY A 268 -13.24 -0.21 -9.73
CA GLY A 268 -14.45 -0.02 -8.93
C GLY A 268 -14.62 1.38 -8.33
N GLY A 269 -14.02 2.39 -8.96
CA GLY A 269 -14.26 3.76 -8.59
C GLY A 269 -13.09 4.67 -8.33
N TYR A 270 -13.35 5.97 -8.30
CA TYR A 270 -12.34 6.98 -8.02
C TYR A 270 -11.74 6.82 -6.61
N LEU A 271 -12.52 6.37 -5.65
CA LEU A 271 -11.98 6.22 -4.28
C LEU A 271 -11.03 5.03 -4.19
N GLU A 272 -11.34 3.91 -4.83
CA GLU A 272 -10.38 2.84 -4.91
C GLU A 272 -9.15 3.22 -5.75
N ALA A 273 -9.36 3.99 -6.81
CA ALA A 273 -8.24 4.49 -7.59
C ALA A 273 -7.24 5.28 -6.78
N ARG A 274 -7.74 6.10 -5.89
CA ARG A 274 -6.89 6.84 -5.01
C ARG A 274 -6.08 5.88 -4.14
N ARG A 275 -6.72 4.86 -3.62
CA ARG A 275 -6.00 3.85 -2.82
C ARG A 275 -4.95 3.10 -3.65
N VAL A 276 -5.22 2.83 -4.92
CA VAL A 276 -4.21 2.22 -5.80
C VAL A 276 -2.99 3.14 -5.94
N HIS A 277 -3.25 4.40 -6.16
CA HIS A 277 -2.20 5.39 -6.23
C HIS A 277 -1.33 5.40 -5.00
N ASP A 278 -1.96 5.34 -3.85
CA ASP A 278 -1.27 5.43 -2.54
C ASP A 278 -0.45 4.18 -2.20
N VAL A 279 -1.00 3.03 -2.52
CA VAL A 279 -0.29 1.75 -2.40
C VAL A 279 0.94 1.72 -3.33
N CYS A 280 0.75 2.12 -4.60
CA CYS A 280 1.88 2.18 -5.52
C CYS A 280 2.97 3.18 -5.03
N ALA A 281 2.55 4.34 -4.58
CA ALA A 281 3.52 5.35 -4.08
C ALA A 281 4.33 4.82 -2.91
N ALA A 282 3.68 4.12 -2.00
CA ALA A 282 4.37 3.53 -0.86
C ALA A 282 5.41 2.46 -1.21
N HIS A 283 5.24 1.80 -2.36
CA HIS A 283 6.25 0.83 -2.86
C HIS A 283 7.19 1.40 -3.93
N GLY A 284 7.11 2.70 -4.23
CA GLY A 284 7.99 3.33 -5.21
C GLY A 284 7.63 3.04 -6.66
N ILE A 285 6.38 2.66 -6.92
CA ILE A 285 5.94 2.30 -8.21
C ILE A 285 5.24 3.53 -8.80
N PRO A 286 5.79 4.11 -9.88
CA PRO A 286 5.10 5.14 -10.61
C PRO A 286 3.76 4.69 -11.14
N VAL A 287 2.79 5.60 -11.21
CA VAL A 287 1.54 5.32 -11.89
C VAL A 287 1.27 6.35 -12.97
N TRP A 288 0.33 6.02 -13.85
CA TRP A 288 -0.17 6.94 -14.82
C TRP A 288 -1.62 6.66 -15.12
N CYS A 289 -2.33 7.67 -15.60
CA CYS A 289 -3.79 7.63 -15.74
C CYS A 289 -4.24 7.08 -17.10
N GLY A 290 -5.05 6.06 -17.08
CA GLY A 290 -5.61 5.52 -18.30
C GLY A 290 -6.87 6.20 -18.74
N ASP A 291 -7.32 5.82 -19.91
CA ASP A 291 -8.45 6.43 -20.59
C ASP A 291 -9.26 5.30 -21.21
N MET A 292 -10.58 5.45 -21.21
CA MET A 292 -11.49 4.47 -21.78
C MET A 292 -12.37 5.17 -22.76
N ILE A 293 -11.81 6.16 -23.45
CA ILE A 293 -12.56 6.96 -24.41
C ILE A 293 -13.84 7.52 -23.77
N GLU A 294 -13.68 8.10 -22.61
CA GLU A 294 -14.81 8.67 -21.91
C GLU A 294 -15.27 10.00 -22.55
N THR A 295 -16.54 10.32 -22.32
CA THR A 295 -17.05 11.66 -22.52
C THR A 295 -16.34 12.61 -21.55
N GLY A 296 -16.63 13.89 -21.71
CA GLY A 296 -16.10 14.94 -20.82
C GLY A 296 -16.36 14.77 -19.33
N LEU A 297 -17.38 14.00 -18.95
CA LEU A 297 -17.63 13.69 -17.53
C LEU A 297 -16.49 12.86 -16.92
N GLY A 298 -16.23 11.69 -17.50
CA GLY A 298 -15.12 10.87 -17.09
C GLY A 298 -13.77 11.49 -17.32
N ARG A 299 -13.64 12.23 -18.41
CA ARG A 299 -12.39 12.89 -18.70
C ARG A 299 -12.06 13.88 -17.59
N ALA A 300 -13.06 14.61 -17.13
CA ALA A 300 -12.86 15.61 -16.06
C ALA A 300 -12.40 14.98 -14.77
N ALA A 301 -13.00 13.84 -14.44
CA ALA A 301 -12.66 13.12 -13.23
C ALA A 301 -11.26 12.56 -13.37
N ASN A 302 -10.92 12.05 -14.54
CA ASN A 302 -9.58 11.47 -14.77
C ASN A 302 -8.46 12.49 -14.74
N VAL A 303 -8.70 13.68 -15.30
CA VAL A 303 -7.70 14.75 -15.26
C VAL A 303 -7.44 15.17 -13.83
N ALA A 304 -8.50 15.21 -13.02
CA ALA A 304 -8.36 15.48 -11.61
C ALA A 304 -7.48 14.42 -10.94
N LEU A 305 -7.86 13.18 -11.14
CA LEU A 305 -7.12 12.06 -10.59
C LEU A 305 -5.66 12.11 -11.00
N ALA A 306 -5.40 12.41 -12.26
CA ALA A 306 -4.06 12.45 -12.77
C ALA A 306 -3.18 13.52 -12.18
N SER A 307 -3.75 14.44 -11.43
CA SER A 307 -3.00 15.54 -10.81
C SER A 307 -2.48 15.18 -9.43
N LEU A 308 -2.71 13.93 -8.99
CA LEU A 308 -2.14 13.43 -7.72
C LEU A 308 -0.61 13.26 -7.82
N PRO A 309 0.12 13.27 -6.70
CA PRO A 309 1.60 13.37 -6.74
C PRO A 309 2.39 12.24 -7.41
N ASN A 310 1.91 11.01 -7.37
CA ASN A 310 2.66 9.85 -7.86
C ASN A 310 2.31 9.52 -9.32
N PHE A 311 1.45 10.29 -9.96
CA PHE A 311 1.29 10.23 -11.38
C PHE A 311 2.51 10.93 -12.01
N THR A 312 3.56 10.20 -12.25
CA THR A 312 4.81 10.78 -12.73
C THR A 312 5.19 10.37 -14.15
N LEU A 313 4.26 9.74 -14.86
CA LEU A 313 4.35 9.54 -16.31
C LEU A 313 3.09 10.06 -16.94
N PRO A 314 3.21 10.62 -18.15
CA PRO A 314 2.04 11.15 -18.84
C PRO A 314 0.94 10.12 -19.04
N GLY A 315 -0.30 10.57 -18.98
CA GLY A 315 -1.45 9.71 -19.12
C GLY A 315 -1.99 9.66 -20.53
N ASP A 316 -3.00 8.80 -20.71
CA ASP A 316 -3.79 8.71 -21.93
C ASP A 316 -4.93 9.71 -21.97
N THR A 317 -5.07 10.59 -20.97
CA THR A 317 -6.18 11.56 -21.01
C THR A 317 -5.94 12.64 -22.07
N SER A 318 -6.29 12.31 -23.29
CA SER A 318 -6.11 13.16 -24.43
C SER A 318 -7.20 14.20 -24.47
N ALA A 319 -7.06 15.16 -25.36
CA ALA A 319 -8.10 16.18 -25.54
C ALA A 319 -9.39 15.58 -26.14
N SER A 320 -10.53 16.17 -25.83
CA SER A 320 -11.83 15.69 -26.33
C SER A 320 -11.82 15.41 -27.81
N ASP A 321 -11.23 16.31 -28.58
CA ASP A 321 -11.28 16.22 -30.05
C ASP A 321 -10.37 15.11 -30.66
N ARG A 322 -9.52 14.45 -29.87
CA ARG A 322 -8.87 13.29 -30.36
C ARG A 322 -9.89 12.21 -30.64
N TYR A 323 -10.97 12.16 -29.88
CA TYR A 323 -11.98 11.12 -30.08
C TYR A 323 -13.26 11.65 -30.69
N TYR A 324 -13.69 12.84 -30.27
CA TYR A 324 -15.04 13.38 -30.59
C TYR A 324 -15.06 14.75 -31.26
N LYS A 325 -15.85 14.91 -32.34
CA LYS A 325 -16.11 16.24 -32.93
C LYS A 325 -16.83 17.12 -31.87
N THR A 326 -17.83 16.55 -31.23
CA THR A 326 -18.69 17.27 -30.29
C THR A 326 -18.81 16.47 -28.99
N ASP A 327 -18.20 16.96 -27.93
CA ASP A 327 -18.33 16.38 -26.61
C ASP A 327 -19.65 16.90 -25.99
N ILE A 328 -20.22 16.14 -25.07
CA ILE A 328 -21.44 16.53 -24.38
C ILE A 328 -21.22 17.54 -23.26
N THR A 329 -19.97 17.88 -22.95
CA THR A 329 -19.64 18.88 -21.95
C THR A 329 -18.80 19.94 -22.64
N GLU A 330 -18.44 20.97 -21.88
CA GLU A 330 -17.35 21.85 -22.30
C GLU A 330 -16.11 20.99 -22.65
N PRO A 331 -15.58 21.11 -23.88
CA PRO A 331 -14.50 20.18 -24.28
C PRO A 331 -13.18 20.46 -23.56
N PHE A 332 -12.36 19.43 -23.44
CA PHE A 332 -11.00 19.56 -23.01
C PHE A 332 -10.11 19.84 -24.23
N VAL A 333 -9.30 20.88 -24.11
CA VAL A 333 -8.44 21.35 -25.19
C VAL A 333 -7.00 21.39 -24.77
N LEU A 334 -6.18 20.71 -25.55
CA LEU A 334 -4.73 20.65 -25.26
C LEU A 334 -4.09 22.02 -25.40
N SER A 335 -3.09 22.27 -24.56
CA SER A 335 -2.44 23.56 -24.48
C SER A 335 -1.06 23.35 -23.91
N GLY A 336 -0.04 23.46 -24.75
CA GLY A 336 1.35 23.20 -24.34
C GLY A 336 1.57 21.75 -23.92
N GLY A 337 0.87 20.82 -24.57
CA GLY A 337 0.83 19.43 -24.17
C GLY A 337 0.10 19.06 -22.87
N HIS A 338 -0.56 20.03 -22.24
CA HIS A 338 -1.26 19.81 -20.96
C HIS A 338 -2.76 20.00 -21.08
N LEU A 339 -3.49 19.41 -20.15
CA LEU A 339 -4.89 19.68 -19.96
C LEU A 339 -5.00 20.35 -18.60
N PRO A 340 -5.88 21.31 -18.46
CA PRO A 340 -6.07 21.91 -17.12
C PRO A 340 -7.02 21.11 -16.24
N VAL A 341 -6.72 21.11 -14.95
CA VAL A 341 -7.55 20.46 -13.96
C VAL A 341 -8.79 21.32 -13.71
N PRO A 342 -9.99 20.71 -13.78
CA PRO A 342 -11.28 21.43 -13.49
C PRO A 342 -11.37 22.04 -12.08
N THR A 343 -12.13 23.14 -11.94
CA THR A 343 -12.10 23.92 -10.73
C THR A 343 -13.42 24.02 -10.04
N GLY A 344 -14.52 23.87 -10.74
CA GLY A 344 -15.80 24.08 -9.99
C GLY A 344 -16.13 22.99 -8.98
N PRO A 345 -17.34 23.03 -8.46
CA PRO A 345 -17.80 21.90 -7.70
C PRO A 345 -17.98 20.58 -8.46
N GLY A 346 -17.82 19.48 -7.71
CA GLY A 346 -17.84 18.15 -8.24
C GLY A 346 -16.89 17.96 -9.42
N LEU A 347 -17.39 17.31 -10.45
CA LEU A 347 -16.60 17.07 -11.66
C LEU A 347 -16.05 18.34 -12.26
N GLY A 348 -16.74 19.46 -12.02
CA GLY A 348 -16.35 20.75 -12.61
C GLY A 348 -16.91 20.98 -14.02
N VAL A 349 -17.74 20.03 -14.48
CA VAL A 349 -18.43 20.05 -15.73
C VAL A 349 -19.75 19.25 -15.60
N ALA A 350 -20.63 19.50 -16.54
CA ALA A 350 -21.95 18.89 -16.58
C ALA A 350 -22.37 18.79 -18.02
N PRO A 351 -23.28 17.87 -18.31
CA PRO A 351 -23.68 17.77 -19.65
C PRO A 351 -24.45 18.99 -20.06
N ILE A 352 -24.22 19.44 -21.29
CA ILE A 352 -25.06 20.42 -21.96
C ILE A 352 -26.31 19.65 -22.47
N PRO A 353 -27.50 19.90 -21.88
CA PRO A 353 -28.66 19.04 -22.08
C PRO A 353 -29.08 18.79 -23.51
N GLU A 354 -28.94 19.79 -24.35
CA GLU A 354 -29.33 19.66 -25.77
C GLU A 354 -28.38 18.71 -26.48
N LEU A 355 -27.08 18.81 -26.19
CA LEU A 355 -26.08 17.92 -26.81
C LEU A 355 -26.25 16.49 -26.34
N LEU A 356 -26.58 16.32 -25.04
CA LEU A 356 -26.78 15.02 -24.44
C LEU A 356 -28.02 14.31 -25.03
N ASP A 357 -29.12 15.04 -25.18
CA ASP A 357 -30.33 14.51 -25.82
C ASP A 357 -30.09 14.05 -27.29
N GLU A 358 -29.27 14.77 -28.07
CA GLU A 358 -29.00 14.37 -29.47
C GLU A 358 -28.45 12.96 -29.54
N VAL A 359 -27.72 12.58 -28.51
CA VAL A 359 -26.87 11.39 -28.44
C VAL A 359 -27.42 10.28 -27.54
N THR A 360 -28.50 10.58 -26.84
CA THR A 360 -29.19 9.59 -26.03
C THR A 360 -30.07 8.62 -26.86
N THR A 361 -29.84 7.33 -26.73
CA THR A 361 -30.62 6.29 -27.42
C THR A 361 -31.67 5.67 -26.50
N ALA A 362 -31.56 5.82 -25.18
CA ALA A 362 -32.53 5.23 -24.22
C ALA A 362 -32.33 5.82 -22.83
N LYS A 363 -33.36 5.76 -22.00
CA LYS A 363 -33.39 6.51 -20.74
C LYS A 363 -34.40 5.81 -19.85
N VAL A 364 -34.05 5.57 -18.60
CA VAL A 364 -34.99 5.00 -17.65
C VAL A 364 -34.71 5.52 -16.26
N TRP A 365 -35.78 5.65 -15.48
CA TRP A 365 -35.69 6.14 -14.11
C TRP A 365 -35.79 4.96 -13.18
N ILE A 366 -34.90 4.86 -12.18
CA ILE A 366 -34.99 3.83 -11.13
C ILE A 366 -35.12 4.53 -9.78
N GLY A 367 -36.24 4.28 -9.08
CA GLY A 367 -36.58 4.88 -7.77
C GLY A 367 -37.08 3.77 -6.86
N SER A 368 -37.41 4.12 -5.58
CA SER A 368 -37.80 3.11 -4.54
C SER A 368 -39.30 2.75 -4.61
N MET B 1 -7.77 29.19 -0.41
CA MET B 1 -7.28 29.78 0.84
C MET B 1 -5.95 30.43 0.52
N LYS B 2 -5.80 31.71 0.84
CA LYS B 2 -4.47 32.30 1.13
C LYS B 2 -4.51 32.24 2.66
N LEU B 3 -3.42 31.77 3.24
CA LEU B 3 -3.28 31.74 4.68
C LEU B 3 -2.85 33.14 5.19
N SER B 4 -3.64 33.72 6.12
CA SER B 4 -3.36 35.04 6.70
C SER B 4 -2.36 34.98 7.86
N GLY B 5 -2.52 33.97 8.71
CA GLY B 5 -1.53 33.69 9.76
C GLY B 5 -1.92 32.55 10.67
N VAL B 6 -1.08 32.30 11.66
CA VAL B 6 -1.30 31.22 12.57
C VAL B 6 -0.99 31.69 13.96
N GLU B 7 -1.89 31.35 14.86
CA GLU B 7 -1.67 31.55 16.26
C GLU B 7 -1.16 30.27 16.90
N LEU B 8 -0.01 30.38 17.58
CA LEU B 8 0.55 29.31 18.37
C LEU B 8 0.26 29.54 19.83
N ARG B 9 -0.34 28.56 20.47
CA ARG B 9 -0.59 28.55 21.89
C ARG B 9 0.14 27.44 22.57
N ARG B 10 0.77 27.72 23.70
CA ARG B 10 1.19 26.68 24.67
C ARG B 10 0.03 26.49 25.65
N VAL B 11 -0.25 25.25 25.95
CA VAL B 11 -1.33 24.89 26.83
C VAL B 11 -0.80 23.88 27.85
N GLN B 12 -1.28 23.97 29.08
CA GLN B 12 -0.95 23.01 30.13
C GLN B 12 -2.21 22.58 30.85
N MET B 13 -2.47 21.30 30.90
CA MET B 13 -3.72 20.77 31.44
C MET B 13 -3.42 19.66 32.42
N PRO B 14 -4.00 19.70 33.61
CA PRO B 14 -3.67 18.67 34.57
C PRO B 14 -4.34 17.34 34.22
N LEU B 15 -3.69 16.23 34.54
CA LEU B 15 -4.28 14.90 34.38
C LEU B 15 -4.99 14.46 35.63
N VAL B 16 -6.11 13.80 35.46
CA VAL B 16 -6.81 13.14 36.53
C VAL B 16 -5.92 12.21 37.39
N ALA B 17 -4.91 11.58 36.82
CA ALA B 17 -4.03 10.66 37.56
C ALA B 17 -2.67 10.64 36.87
N PRO B 18 -1.59 10.40 37.61
CA PRO B 18 -0.31 10.26 36.92
C PRO B 18 -0.34 9.14 35.86
N PHE B 19 0.33 9.38 34.73
CA PHE B 19 0.43 8.40 33.65
C PHE B 19 1.91 8.02 33.48
N ARG B 20 2.20 6.78 33.81
CA ARG B 20 3.55 6.29 33.66
C ARG B 20 3.73 5.28 32.52
N THR B 21 4.85 5.43 31.84
CA THR B 21 5.20 4.74 30.61
C THR B 21 6.66 4.27 30.81
N SER B 22 7.19 3.46 29.94
CA SER B 22 8.60 3.05 30.09
C SER B 22 9.63 4.19 30.06
N PHE B 23 9.27 5.31 29.44
CA PHE B 23 10.11 6.51 29.31
C PHE B 23 9.90 7.63 30.33
N GLY B 24 8.90 7.52 31.20
CA GLY B 24 8.70 8.53 32.24
C GLY B 24 7.29 8.64 32.73
N THR B 25 7.05 9.67 33.53
CA THR B 25 5.75 9.85 34.25
C THR B 25 5.33 11.25 34.02
N ALA B 26 4.03 11.46 33.85
CA ALA B 26 3.49 12.81 33.65
C ALA B 26 2.23 12.99 34.50
N SER B 27 2.12 14.17 35.14
CA SER B 27 0.91 14.57 35.91
C SER B 27 0.14 15.66 35.20
N VAL B 28 0.68 16.10 34.09
CA VAL B 28 0.21 17.23 33.34
C VAL B 28 0.45 16.91 31.83
N ARG B 29 -0.34 17.48 30.96
CA ARG B 29 -0.11 17.42 29.54
C ARG B 29 0.27 18.80 29.08
N GLU B 30 1.50 18.98 28.58
CA GLU B 30 1.91 20.27 27.97
C GLU B 30 1.85 20.08 26.43
N LEU B 31 1.10 20.95 25.73
CA LEU B 31 0.98 20.83 24.29
C LEU B 31 0.90 22.13 23.52
N LEU B 32 1.05 22.04 22.19
CA LEU B 32 0.92 23.17 21.27
C LEU B 32 -0.37 23.10 20.53
N LEU B 33 -1.11 24.21 20.46
CA LEU B 33 -2.30 24.30 19.62
C LEU B 33 -2.06 25.34 18.57
N LEU B 34 -2.68 25.17 17.41
CA LEU B 34 -2.52 26.08 16.29
C LEU B 34 -3.87 26.54 15.86
N ARG B 35 -3.99 27.84 15.62
CA ARG B 35 -5.22 28.40 15.03
C ARG B 35 -4.83 29.02 13.70
N ALA B 36 -5.24 28.38 12.61
CA ALA B 36 -4.94 28.89 11.30
C ALA B 36 -6.04 29.86 10.91
N VAL B 37 -5.67 31.04 10.45
CA VAL B 37 -6.64 32.07 10.07
C VAL B 37 -6.60 32.29 8.59
N THR B 38 -7.78 32.21 7.97
CA THR B 38 -7.97 32.51 6.54
C THR B 38 -9.01 33.64 6.38
N PRO B 39 -9.12 34.22 5.16
CA PRO B 39 -10.25 35.09 4.87
C PRO B 39 -11.61 34.42 5.13
N ALA B 40 -11.75 33.17 4.67
CA ALA B 40 -12.91 32.29 4.95
C ALA B 40 -13.24 32.12 6.47
N GLY B 41 -12.22 31.98 7.33
CA GLY B 41 -12.41 31.66 8.76
C GLY B 41 -11.25 30.86 9.36
N GLU B 42 -11.53 30.16 10.43
CA GLU B 42 -10.50 29.56 11.26
C GLU B 42 -10.43 28.05 11.12
N GLY B 43 -9.28 27.49 11.48
CA GLY B 43 -9.19 26.07 11.77
C GLY B 43 -8.21 25.80 12.88
N TRP B 44 -8.45 24.72 13.59
CA TRP B 44 -7.62 24.31 14.73
C TRP B 44 -6.77 23.05 14.47
N GLY B 45 -5.54 23.07 14.97
CA GLY B 45 -4.69 21.89 14.99
C GLY B 45 -4.01 21.72 16.29
N GLU B 46 -3.61 20.49 16.54
CA GLU B 46 -2.98 20.09 17.79
C GLU B 46 -1.70 19.30 17.51
N CYS B 47 -0.61 19.68 18.13
CA CYS B 47 0.64 18.99 18.08
C CYS B 47 0.68 17.99 19.21
N VAL B 48 1.17 16.80 18.91
CA VAL B 48 1.20 15.71 19.91
C VAL B 48 2.58 15.55 20.53
N THR B 49 3.51 16.48 20.26
CA THR B 49 4.75 16.45 21.00
C THR B 49 4.50 16.55 22.53
N ILE B 50 5.47 16.08 23.30
CA ILE B 50 5.57 16.24 24.73
C ILE B 50 6.78 17.16 25.05
N ALA B 51 7.09 17.33 26.34
CA ALA B 51 8.02 18.41 26.78
C ALA B 51 9.46 18.19 26.37
N GLY B 52 9.92 16.95 26.43
CA GLY B 52 11.28 16.58 25.99
C GLY B 52 11.29 15.41 25.00
N PRO B 53 12.44 15.17 24.36
CA PRO B 53 12.53 14.10 23.36
C PRO B 53 12.68 12.68 23.90
N LEU B 54 11.65 12.17 24.56
CA LEU B 54 11.72 10.90 25.27
C LEU B 54 10.95 9.79 24.57
N TYR B 55 9.95 10.16 23.77
CA TYR B 55 9.13 9.21 22.96
C TYR B 55 9.66 9.20 21.48
N SER B 56 9.93 10.38 20.92
CA SER B 56 10.62 10.56 19.67
C SER B 56 11.51 11.80 19.77
N SER B 57 12.22 12.12 18.71
CA SER B 57 13.14 13.24 18.74
C SER B 57 12.47 14.65 18.80
N GLU B 58 11.18 14.70 18.49
CA GLU B 58 10.43 15.91 18.53
C GLU B 58 9.96 16.23 19.93
N TYR B 59 9.93 17.52 20.24
CA TYR B 59 9.45 18.01 21.54
C TYR B 59 8.86 19.43 21.44
N ASN B 60 8.13 19.86 22.46
CA ASN B 60 7.32 21.08 22.35
C ASN B 60 8.09 22.32 21.90
N ASP B 61 9.19 22.64 22.56
CA ASP B 61 9.93 23.83 22.16
C ASP B 61 10.48 23.70 20.73
N GLY B 62 10.90 22.48 20.37
CA GLY B 62 11.44 22.20 19.02
C GLY B 62 10.37 22.33 17.97
N ALA B 63 9.18 21.83 18.26
CA ALA B 63 8.08 21.98 17.32
C ALA B 63 7.66 23.44 17.17
N GLU B 64 7.62 24.17 18.28
CA GLU B 64 7.24 25.58 18.23
C GLU B 64 8.27 26.31 17.35
N HIS B 65 9.53 26.01 17.57
CA HIS B 65 10.57 26.69 16.84
C HIS B 65 10.51 26.40 15.34
N VAL B 66 10.41 25.14 14.97
CA VAL B 66 10.43 24.79 13.57
C VAL B 66 9.17 25.34 12.90
N LEU B 67 8.03 25.33 13.58
CA LEU B 67 6.76 25.88 13.00
C LEU B 67 6.90 27.36 12.70
N ARG B 68 7.48 28.06 13.66
CA ARG B 68 7.52 29.48 13.62
C ARG B 68 8.49 30.03 12.60
N HIS B 69 9.65 29.40 12.45
CA HIS B 69 10.71 29.94 11.59
C HIS B 69 10.85 29.26 10.26
N TYR B 70 10.22 28.10 10.06
CA TYR B 70 10.34 27.37 8.76
C TYR B 70 8.99 26.99 8.18
N LEU B 71 8.18 26.24 8.93
CA LEU B 71 6.97 25.68 8.35
C LEU B 71 5.89 26.71 8.05
N ILE B 72 5.55 27.53 9.04
CA ILE B 72 4.51 28.51 8.84
C ILE B 72 4.91 29.56 7.77
N PRO B 73 6.10 30.16 7.87
CA PRO B 73 6.53 31.04 6.77
C PRO B 73 6.44 30.44 5.38
N ALA B 74 6.80 29.15 5.22
CA ALA B 74 6.71 28.50 3.89
C ALA B 74 5.27 28.44 3.39
N LEU B 75 4.31 28.24 4.29
CA LEU B 75 2.90 28.32 3.89
C LEU B 75 2.38 29.74 3.65
N LEU B 76 2.81 30.71 4.44
CA LEU B 76 2.43 32.11 4.19
C LEU B 76 2.96 32.64 2.85
N ALA B 77 4.12 32.17 2.46
CA ALA B 77 4.71 32.56 1.20
C ALA B 77 4.04 31.98 -0.03
N ALA B 78 3.23 30.94 0.15
CA ALA B 78 2.57 30.33 -0.99
C ALA B 78 1.35 31.08 -1.43
N GLU B 79 1.05 30.97 -2.72
CA GLU B 79 -0.08 31.65 -3.32
C GLU B 79 -1.42 30.97 -3.09
N ASP B 80 -1.50 29.67 -3.32
CA ASP B 80 -2.75 28.98 -3.09
C ASP B 80 -2.38 27.92 -2.14
N ILE B 81 -3.31 27.54 -1.29
CA ILE B 81 -2.97 26.52 -0.35
C ILE B 81 -4.15 25.58 -0.17
N THR B 82 -3.88 24.28 -0.08
CA THR B 82 -4.88 23.28 0.29
C THR B 82 -4.17 22.39 1.24
N ALA B 83 -4.94 21.61 1.97
CA ALA B 83 -4.37 20.62 2.87
C ALA B 83 -3.44 19.69 2.12
N ALA B 84 -3.87 19.16 0.98
CA ALA B 84 -2.99 18.32 0.14
C ALA B 84 -1.66 18.97 -0.26
N LYS B 85 -1.65 20.28 -0.52
CA LYS B 85 -0.44 20.98 -0.96
C LYS B 85 0.51 21.29 0.15
N VAL B 86 0.07 21.19 1.38
CA VAL B 86 0.95 21.39 2.50
C VAL B 86 2.19 20.50 2.37
N THR B 87 1.98 19.22 2.07
CA THR B 87 3.09 18.26 2.07
C THR B 87 4.22 18.66 1.08
N PRO B 88 3.89 18.90 -0.22
CA PRO B 88 4.90 19.38 -1.13
C PRO B 88 5.51 20.72 -0.76
N LEU B 89 4.71 21.68 -0.28
CA LEU B 89 5.25 22.99 0.22
C LEU B 89 6.25 22.86 1.39
N LEU B 90 6.08 21.84 2.22
CA LEU B 90 7.01 21.57 3.33
C LEU B 90 8.04 20.42 3.11
N ALA B 91 8.07 19.86 1.92
CA ALA B 91 8.85 18.62 1.68
C ALA B 91 10.35 18.79 1.83
N LYS B 92 10.85 19.96 1.46
CA LYS B 92 12.25 20.29 1.63
C LYS B 92 12.75 20.25 3.09
N PHE B 93 11.85 20.29 4.07
CA PHE B 93 12.27 20.24 5.47
C PHE B 93 12.19 18.82 5.90
N LYS B 94 13.31 18.30 6.39
CA LYS B 94 13.38 16.88 6.74
C LYS B 94 12.78 16.65 8.09
N GLY B 95 11.98 15.59 8.23
CA GLY B 95 11.45 15.18 9.52
C GLY B 95 10.38 16.16 9.98
N HIS B 96 10.38 16.40 11.29
CA HIS B 96 9.45 17.27 11.94
C HIS B 96 8.03 16.92 11.59
N ARG B 97 7.75 15.62 11.63
CA ARG B 97 6.44 15.13 11.24
C ARG B 97 5.30 15.60 12.15
N MET B 98 5.51 15.61 13.46
CA MET B 98 4.44 16.00 14.41
C MET B 98 4.06 17.46 14.22
N ALA B 99 5.08 18.28 14.01
CA ALA B 99 4.87 19.66 13.70
C ALA B 99 4.13 19.83 12.36
N LYS B 100 4.59 19.17 11.30
CA LYS B 100 3.91 19.29 10.01
C LYS B 100 2.48 18.84 10.10
N GLY B 101 2.25 17.79 10.88
CA GLY B 101 0.94 17.20 11.01
C GLY B 101 -0.02 18.14 11.69
N ALA B 102 0.46 18.80 12.74
CA ALA B 102 -0.35 19.80 13.47
C ALA B 102 -0.78 20.96 12.57
N LEU B 103 0.13 21.41 11.71
CA LEU B 103 -0.17 22.47 10.77
C LEU B 103 -1.12 22.05 9.69
N GLU B 104 -0.91 20.86 9.15
CA GLU B 104 -1.85 20.26 8.18
C GLU B 104 -3.22 20.12 8.79
N MET B 105 -3.32 19.75 10.05
CA MET B 105 -4.64 19.57 10.71
C MET B 105 -5.41 20.87 10.74
N ALA B 106 -4.73 21.94 11.11
CA ALA B 106 -5.36 23.24 11.15
C ALA B 106 -5.81 23.69 9.80
N VAL B 107 -4.94 23.57 8.81
CA VAL B 107 -5.31 23.95 7.45
C VAL B 107 -6.51 23.12 6.97
N LEU B 108 -6.51 21.83 7.28
CA LEU B 108 -7.59 20.94 6.83
C LEU B 108 -8.89 21.28 7.49
N ASP B 109 -8.81 21.59 8.77
CA ASP B 109 -10.02 22.02 9.54
C ASP B 109 -10.60 23.33 8.94
N ALA B 110 -9.74 24.30 8.61
CA ALA B 110 -10.23 25.50 7.96
C ALA B 110 -10.86 25.22 6.59
N GLU B 111 -10.19 24.42 5.78
CA GLU B 111 -10.68 24.07 4.43
C GLU B 111 -12.03 23.37 4.53
N LEU B 112 -12.15 22.39 5.41
CA LEU B 112 -13.35 21.63 5.49
C LEU B 112 -14.55 22.42 6.09
N ARG B 113 -14.27 23.27 7.09
CA ARG B 113 -15.31 24.17 7.62
C ARG B 113 -15.89 25.06 6.52
N ALA B 114 -15.03 25.55 5.66
CA ALA B 114 -15.48 26.36 4.51
C ALA B 114 -16.33 25.60 3.51
N HIS B 115 -16.22 24.28 3.43
CA HIS B 115 -17.05 23.50 2.52
C HIS B 115 -18.14 22.83 3.31
N GLU B 116 -18.27 23.16 4.60
CA GLU B 116 -19.28 22.53 5.45
C GLU B 116 -19.23 21.00 5.47
N ARG B 117 -18.02 20.48 5.57
CA ARG B 117 -17.76 19.03 5.47
C ARG B 117 -16.99 18.55 6.70
N SER B 118 -17.36 17.38 7.21
CA SER B 118 -16.69 16.82 8.37
C SER B 118 -15.36 16.11 8.06
N PHE B 119 -14.48 16.04 9.07
CA PHE B 119 -13.28 15.22 9.00
C PHE B 119 -13.71 13.78 8.61
N ALA B 120 -14.76 13.26 9.23
CA ALA B 120 -15.20 11.91 8.97
C ALA B 120 -15.50 11.70 7.49
N ALA B 121 -16.20 12.64 6.91
CA ALA B 121 -16.57 12.52 5.49
C ALA B 121 -15.31 12.57 4.62
N GLU B 122 -14.43 13.51 4.89
CA GLU B 122 -13.20 13.65 4.13
C GLU B 122 -12.35 12.37 4.19
N LEU B 123 -12.24 11.75 5.36
CA LEU B 123 -11.38 10.62 5.51
C LEU B 123 -11.96 9.31 5.03
N GLY B 124 -13.26 9.25 4.87
CA GLY B 124 -13.96 8.04 4.41
C GLY B 124 -14.56 7.15 5.49
N SER B 125 -15.22 7.78 6.46
CA SER B 125 -15.90 7.09 7.54
C SER B 125 -16.95 6.18 7.01
N VAL B 126 -17.05 4.98 7.59
CA VAL B 126 -18.15 4.02 7.30
C VAL B 126 -18.99 3.59 8.51
N ARG B 127 -18.73 4.16 9.69
CA ARG B 127 -19.57 3.97 10.88
C ARG B 127 -19.71 5.29 11.67
N ASP B 128 -20.71 5.34 12.54
CA ASP B 128 -21.10 6.54 13.33
C ASP B 128 -20.62 6.49 14.74
N SER B 129 -20.08 5.35 15.16
CA SER B 129 -19.42 5.28 16.43
C SER B 129 -18.38 4.19 16.39
N VAL B 130 -17.47 4.24 17.36
CA VAL B 130 -16.32 3.36 17.38
C VAL B 130 -16.13 2.79 18.78
N PRO B 131 -15.77 1.50 18.88
CA PRO B 131 -15.46 0.94 20.17
C PRO B 131 -14.10 1.42 20.72
N CYS B 132 -14.03 1.63 22.03
CA CYS B 132 -12.89 2.26 22.69
C CYS B 132 -12.32 1.43 23.78
N GLY B 133 -11.01 1.35 23.78
CA GLY B 133 -10.27 0.76 24.84
C GLY B 133 -9.60 1.84 25.65
N VAL B 134 -8.70 1.40 26.54
CA VAL B 134 -8.00 2.32 27.42
C VAL B 134 -6.57 1.85 27.63
N SER B 135 -5.68 2.81 27.70
CA SER B 135 -4.28 2.55 27.94
C SER B 135 -4.02 2.80 29.42
N VAL B 136 -3.44 1.82 30.11
CA VAL B 136 -3.22 1.86 31.56
C VAL B 136 -1.73 1.84 31.89
N GLY B 137 -1.29 2.80 32.68
CA GLY B 137 0.12 3.00 32.93
C GLY B 137 0.76 1.96 33.83
N ILE B 138 2.08 2.09 33.96
CA ILE B 138 2.81 1.35 34.95
C ILE B 138 2.42 1.94 36.35
N MET B 139 2.25 1.05 37.32
CA MET B 139 1.89 1.40 38.69
C MET B 139 2.96 0.92 39.65
N ASP B 140 2.89 1.39 40.89
CA ASP B 140 3.84 0.92 41.92
C ASP B 140 3.62 -0.49 42.44
N THR B 141 2.36 -0.95 42.46
CA THR B 141 2.02 -2.27 43.01
C THR B 141 1.00 -2.97 42.14
N ILE B 142 1.01 -4.30 42.19
CA ILE B 142 0.01 -5.07 41.50
C ILE B 142 -1.41 -4.72 41.98
N PRO B 143 -1.65 -4.65 43.30
CA PRO B 143 -3.08 -4.39 43.72
C PRO B 143 -3.67 -3.05 43.27
N GLN B 144 -2.84 -2.03 43.20
CA GLN B 144 -3.23 -0.75 42.62
C GLN B 144 -3.61 -0.82 41.10
N LEU B 145 -2.84 -1.61 40.33
CA LEU B 145 -3.18 -1.92 38.94
C LEU B 145 -4.55 -2.61 38.80
N LEU B 146 -4.76 -3.65 39.59
CA LEU B 146 -6.02 -4.41 39.53
C LEU B 146 -7.25 -3.54 39.84
N ASP B 147 -7.10 -2.63 40.79
CA ASP B 147 -8.12 -1.59 41.04
C ASP B 147 -8.46 -0.73 39.82
N VAL B 148 -7.45 -0.08 39.27
CA VAL B 148 -7.59 0.81 38.11
C VAL B 148 -8.19 0.08 36.90
N VAL B 149 -7.66 -1.11 36.61
CA VAL B 149 -8.23 -1.94 35.55
C VAL B 149 -9.67 -2.29 35.78
N GLY B 150 -9.98 -2.78 36.99
CA GLY B 150 -11.36 -3.12 37.35
C GLY B 150 -12.27 -1.93 37.14
N GLY B 151 -11.79 -0.73 37.52
CA GLY B 151 -12.56 0.53 37.32
C GLY B 151 -12.94 0.82 35.88
N TYR B 152 -11.96 0.64 34.97
CA TYR B 152 -12.17 0.90 33.56
C TYR B 152 -13.03 -0.16 32.90
N LEU B 153 -12.89 -1.42 33.30
CA LEU B 153 -13.87 -2.46 32.86
C LEU B 153 -15.31 -2.15 33.29
N ASP B 154 -15.48 -1.66 34.53
CA ASP B 154 -16.77 -1.17 35.06
C ASP B 154 -17.35 -0.04 34.25
N GLU B 155 -16.54 0.92 33.82
CA GLU B 155 -17.04 1.99 32.92
C GLU B 155 -17.49 1.48 31.52
N GLY B 156 -17.10 0.26 31.13
CA GLY B 156 -17.50 -0.33 29.85
C GLY B 156 -16.48 -0.21 28.72
N TYR B 157 -15.23 0.18 29.02
CA TYR B 157 -14.12 0.02 28.05
C TYR B 157 -14.03 -1.44 27.58
N VAL B 158 -13.84 -1.63 26.28
CA VAL B 158 -13.92 -2.98 25.65
C VAL B 158 -12.59 -3.72 25.56
N ARG B 159 -11.50 -3.08 25.99
CA ARG B 159 -10.14 -3.59 25.88
C ARG B 159 -9.19 -2.85 26.78
N ILE B 160 -8.23 -3.59 27.35
CA ILE B 160 -7.21 -3.05 28.20
C ILE B 160 -5.85 -3.19 27.56
N LYS B 161 -5.09 -2.10 27.58
CA LYS B 161 -3.71 -2.07 27.16
C LYS B 161 -2.89 -1.68 28.39
N LEU B 162 -1.87 -2.48 28.71
CA LEU B 162 -0.96 -2.22 29.77
C LEU B 162 0.39 -1.74 29.28
N LYS B 163 0.87 -0.63 29.82
CA LYS B 163 2.23 -0.26 29.68
C LYS B 163 3.12 -1.25 30.42
N ILE B 164 4.24 -1.62 29.79
CA ILE B 164 5.20 -2.55 30.37
C ILE B 164 6.61 -2.08 30.16
N GLU B 165 7.50 -2.69 30.92
CA GLU B 165 8.95 -2.44 30.87
C GLU B 165 9.66 -3.57 31.63
N PRO B 166 10.97 -3.77 31.41
CA PRO B 166 11.69 -4.71 32.30
C PRO B 166 11.38 -4.52 33.80
N GLY B 167 11.11 -5.62 34.49
CA GLY B 167 10.63 -5.58 35.85
C GLY B 167 9.14 -5.45 36.02
N TRP B 168 8.38 -5.28 34.93
CA TRP B 168 6.92 -5.01 34.98
C TRP B 168 6.30 -5.47 33.66
N ASP B 169 6.20 -6.78 33.52
CA ASP B 169 5.62 -7.37 32.34
C ASP B 169 4.81 -8.63 32.62
N VAL B 170 5.49 -9.72 32.98
CA VAL B 170 4.84 -11.00 33.19
C VAL B 170 3.93 -10.95 34.41
N GLU B 171 4.40 -10.36 35.52
CA GLU B 171 3.60 -10.30 36.77
C GLU B 171 2.28 -9.52 36.62
N PRO B 172 2.31 -8.27 36.15
CA PRO B 172 1.07 -7.56 35.90
C PRO B 172 0.13 -8.28 34.94
N VAL B 173 0.66 -8.89 33.89
CA VAL B 173 -0.20 -9.61 32.93
C VAL B 173 -0.85 -10.82 33.56
N ARG B 174 -0.08 -11.61 34.30
CA ARG B 174 -0.60 -12.78 35.01
C ARG B 174 -1.71 -12.37 35.99
N ALA B 175 -1.39 -11.36 36.81
CA ALA B 175 -2.32 -10.86 37.80
C ALA B 175 -3.65 -10.45 37.15
N VAL B 176 -3.60 -9.71 36.04
CA VAL B 176 -4.83 -9.24 35.37
C VAL B 176 -5.62 -10.39 34.80
N ARG B 177 -4.90 -11.40 34.37
CA ARG B 177 -5.51 -12.59 33.80
C ARG B 177 -6.18 -13.43 34.90
N GLU B 178 -5.47 -13.60 36.05
CA GLU B 178 -5.99 -14.34 37.24
C GLU B 178 -7.26 -13.61 37.81
N ARG B 179 -7.22 -12.28 37.98
CA ARG B 179 -8.39 -11.53 38.47
C ARG B 179 -9.59 -11.43 37.51
N PHE B 180 -9.37 -11.11 36.23
CA PHE B 180 -10.48 -10.79 35.31
C PHE B 180 -10.76 -11.80 34.21
N GLY B 181 -9.93 -12.83 34.08
CA GLY B 181 -10.23 -13.93 33.18
C GLY B 181 -9.72 -13.77 31.76
N ASP B 182 -9.92 -14.83 30.98
CA ASP B 182 -9.31 -14.96 29.67
C ASP B 182 -10.10 -14.30 28.55
N ASP B 183 -11.30 -13.76 28.82
CA ASP B 183 -12.11 -13.15 27.74
C ASP B 183 -11.94 -11.64 27.56
N VAL B 184 -11.46 -10.95 28.57
CA VAL B 184 -11.01 -9.59 28.46
C VAL B 184 -9.98 -9.46 27.31
N LEU B 185 -10.18 -8.54 26.41
CA LEU B 185 -9.22 -8.20 25.40
C LEU B 185 -8.09 -7.45 26.06
N LEU B 186 -6.90 -8.03 25.97
CA LEU B 186 -5.75 -7.54 26.69
C LEU B 186 -4.51 -7.47 25.77
N GLN B 187 -3.78 -6.35 25.84
CA GLN B 187 -2.55 -6.17 25.09
C GLN B 187 -1.52 -5.41 25.89
N VAL B 188 -0.28 -5.37 25.42
CA VAL B 188 0.78 -4.63 26.15
C VAL B 188 1.51 -3.66 25.22
N ASP B 189 2.24 -2.71 25.82
CA ASP B 189 3.01 -1.71 25.09
C ASP B 189 4.24 -1.33 25.84
N ALA B 190 5.38 -1.52 25.20
CA ALA B 190 6.68 -1.35 25.80
C ALA B 190 7.38 -0.01 25.49
N ASN B 191 6.87 0.77 24.54
CA ASN B 191 7.53 1.99 24.10
C ASN B 191 9.05 1.84 23.95
N THR B 192 9.50 0.77 23.26
CA THR B 192 10.91 0.56 22.91
C THR B 192 11.81 0.03 24.00
N ALA B 193 11.26 -0.39 25.11
CA ALA B 193 12.09 -0.68 26.32
C ALA B 193 12.89 -1.99 26.33
N TYR B 194 12.69 -2.87 25.35
CA TYR B 194 13.41 -4.13 25.31
C TYR B 194 14.41 -4.22 24.18
N THR B 195 15.25 -5.25 24.27
CA THR B 195 16.15 -5.61 23.16
C THR B 195 15.85 -7.02 22.72
N LEU B 196 16.45 -7.40 21.59
CA LEU B 196 16.25 -8.75 21.05
C LEU B 196 16.77 -9.82 22.04
N GLY B 197 17.76 -9.44 22.87
CA GLY B 197 18.24 -10.27 23.97
C GLY B 197 17.22 -10.58 25.07
N ASP B 198 16.13 -9.81 25.14
CA ASP B 198 15.06 -10.07 26.09
C ASP B 198 13.99 -10.96 25.50
N ALA B 199 14.20 -11.55 24.33
CA ALA B 199 13.20 -12.49 23.75
C ALA B 199 12.70 -13.60 24.68
N PRO B 200 13.58 -14.24 25.47
CA PRO B 200 13.06 -15.28 26.39
C PRO B 200 12.09 -14.74 27.46
N GLN B 201 12.33 -13.54 27.93
CA GLN B 201 11.40 -12.88 28.84
C GLN B 201 10.04 -12.51 28.19
N LEU B 202 10.09 -11.99 26.97
CA LEU B 202 8.85 -11.68 26.24
C LEU B 202 8.11 -12.94 25.82
N ALA B 203 8.83 -14.03 25.60
CA ALA B 203 8.20 -15.33 25.31
C ALA B 203 7.42 -15.88 26.52
N ARG B 204 7.77 -15.45 27.74
CA ARG B 204 6.99 -15.80 28.91
C ARG B 204 5.56 -15.19 28.91
N LEU B 205 5.29 -14.24 28.02
CA LEU B 205 3.92 -13.75 27.78
C LEU B 205 3.07 -14.64 26.86
N ASP B 206 3.69 -15.61 26.18
CA ASP B 206 2.97 -16.57 25.27
C ASP B 206 1.67 -17.16 25.87
N PRO B 207 1.69 -17.67 27.14
CA PRO B 207 0.46 -18.36 27.58
C PRO B 207 -0.72 -17.44 27.89
N PHE B 208 -0.54 -16.12 27.99
CA PHE B 208 -1.65 -15.25 28.40
C PHE B 208 -2.55 -14.72 27.28
N GLY B 209 -2.37 -15.19 26.04
CA GLY B 209 -3.34 -14.87 24.97
C GLY B 209 -3.54 -13.40 24.68
N LEU B 210 -2.46 -12.65 24.73
CA LEU B 210 -2.50 -11.24 24.39
C LEU B 210 -2.80 -10.97 22.90
N LEU B 211 -3.57 -9.92 22.59
CA LEU B 211 -3.80 -9.54 21.22
C LEU B 211 -2.51 -9.13 20.52
N LEU B 212 -1.64 -8.40 21.24
CA LEU B 212 -0.43 -7.92 20.66
C LEU B 212 0.53 -7.40 21.70
N ILE B 213 1.75 -7.20 21.26
CA ILE B 213 2.74 -6.45 22.00
C ILE B 213 3.19 -5.31 21.08
N GLU B 214 3.08 -4.08 21.56
CA GLU B 214 3.33 -2.89 20.80
C GLU B 214 4.77 -2.42 21.02
N GLN B 215 5.50 -2.24 19.92
CA GLN B 215 6.83 -1.64 19.90
C GLN B 215 7.74 -2.13 21.05
N PRO B 216 8.03 -3.45 21.09
CA PRO B 216 8.95 -3.97 22.07
C PRO B 216 10.38 -3.44 21.93
N LEU B 217 10.85 -3.18 20.70
CA LEU B 217 12.23 -2.76 20.41
C LEU B 217 12.31 -1.36 19.89
N GLU B 218 13.52 -0.85 19.73
CA GLU B 218 13.68 0.56 19.37
C GLU B 218 13.09 0.92 17.98
N GLU B 219 12.83 2.20 17.78
CA GLU B 219 12.19 2.75 16.58
C GLU B 219 12.86 2.28 15.25
N GLU B 220 14.17 2.34 15.22
CA GLU B 220 14.94 1.98 14.04
C GLU B 220 15.12 0.46 13.81
N ASP B 221 14.78 -0.39 14.78
CA ASP B 221 15.09 -1.79 14.66
C ASP B 221 13.93 -2.60 14.06
N VAL B 222 13.65 -2.35 12.79
CA VAL B 222 12.59 -3.04 12.06
C VAL B 222 12.98 -4.52 11.82
N LEU B 223 14.22 -4.80 11.40
CA LEU B 223 14.68 -6.16 11.23
C LEU B 223 14.69 -6.97 12.48
N GLY B 224 15.00 -6.32 13.58
CA GLY B 224 14.96 -6.98 14.91
C GLY B 224 13.54 -7.41 15.29
N HIS B 225 12.52 -6.61 14.94
CA HIS B 225 11.16 -7.00 15.21
C HIS B 225 10.80 -8.24 14.42
N ALA B 226 11.26 -8.34 13.16
CA ALA B 226 10.99 -9.54 12.38
C ALA B 226 11.66 -10.74 13.02
N GLU B 227 12.86 -10.57 13.58
CA GLU B 227 13.54 -11.63 14.30
C GLU B 227 12.75 -11.99 15.56
N LEU B 228 12.29 -10.98 16.29
CA LEU B 228 11.57 -11.24 17.50
C LEU B 228 10.29 -12.01 17.24
N ALA B 229 9.65 -11.77 16.11
CA ALA B 229 8.41 -12.45 15.76
C ALA B 229 8.57 -13.93 15.56
N ARG B 230 9.77 -14.36 15.13
CA ARG B 230 10.08 -15.80 15.00
C ARG B 230 10.21 -16.50 16.36
N ARG B 231 10.41 -15.76 17.42
CA ARG B 231 10.67 -16.27 18.76
C ARG B 231 9.55 -16.13 19.79
N ILE B 232 8.49 -15.37 19.50
CA ILE B 232 7.37 -15.25 20.42
C ILE B 232 6.07 -15.48 19.69
N GLN B 233 5.07 -15.93 20.46
CA GLN B 233 3.73 -16.22 19.94
C GLN B 233 2.86 -14.95 19.89
N THR B 234 3.13 -13.98 20.77
CA THR B 234 2.36 -12.76 20.77
C THR B 234 2.62 -11.97 19.46
N PRO B 235 1.56 -11.59 18.74
CA PRO B 235 1.73 -10.77 17.54
C PRO B 235 2.40 -9.40 17.78
N ILE B 236 3.26 -8.98 16.87
CA ILE B 236 3.97 -7.75 17.00
C ILE B 236 3.15 -6.63 16.35
N CYS B 237 3.07 -5.51 17.06
CA CYS B 237 2.47 -4.26 16.58
C CYS B 237 3.52 -3.18 16.69
N LEU B 238 3.57 -2.30 15.70
CA LEU B 238 4.54 -1.23 15.69
C LEU B 238 3.81 0.06 15.83
N ASP B 239 4.48 1.01 16.47
CA ASP B 239 3.97 2.34 16.73
C ASP B 239 5.08 3.30 16.33
N GLU B 240 6.08 3.51 17.18
CA GLU B 240 7.16 4.46 16.93
C GLU B 240 7.77 4.27 15.56
N SER B 241 7.90 3.01 15.10
CA SER B 241 8.58 2.71 13.81
C SER B 241 7.78 3.15 12.57
N ILE B 242 6.48 3.28 12.69
CA ILE B 242 5.61 3.57 11.54
C ILE B 242 5.51 5.06 11.39
N VAL B 243 6.49 5.64 10.74
CA VAL B 243 6.52 7.08 10.50
C VAL B 243 5.87 7.56 9.19
N SER B 244 5.38 6.63 8.36
CA SER B 244 4.82 6.95 7.02
C SER B 244 4.24 5.72 6.41
N ALA B 245 3.52 5.90 5.31
CA ALA B 245 2.96 4.77 4.60
C ALA B 245 4.08 3.91 4.04
N ARG B 246 5.14 4.54 3.55
CA ARG B 246 6.28 3.80 3.02
C ARG B 246 6.89 2.94 4.12
N ALA B 247 7.04 3.49 5.32
CA ALA B 247 7.58 2.72 6.45
C ALA B 247 6.72 1.53 6.80
N ALA B 248 5.41 1.68 6.69
CA ALA B 248 4.52 0.59 6.99
C ALA B 248 4.68 -0.52 5.92
N ALA B 249 4.76 -0.11 4.66
CA ALA B 249 4.94 -1.06 3.58
C ALA B 249 6.25 -1.83 3.75
N ASP B 250 7.30 -1.13 4.12
CA ASP B 250 8.62 -1.75 4.37
C ASP B 250 8.59 -2.73 5.51
N ALA B 251 8.00 -2.33 6.63
CA ALA B 251 7.86 -3.23 7.79
C ALA B 251 7.06 -4.51 7.48
N ILE B 252 5.98 -4.35 6.74
CA ILE B 252 5.14 -5.45 6.31
C ILE B 252 5.89 -6.40 5.38
N LYS B 253 6.53 -5.88 4.34
CA LYS B 253 7.39 -6.70 3.48
C LYS B 253 8.47 -7.47 4.22
N LEU B 254 9.03 -6.92 5.28
CA LEU B 254 10.06 -7.63 6.03
C LEU B 254 9.52 -8.60 7.08
N GLY B 255 8.22 -8.79 7.20
CA GLY B 255 7.65 -9.60 8.29
C GLY B 255 7.84 -9.06 9.72
N ALA B 256 7.99 -7.76 9.84
CA ALA B 256 8.25 -7.13 11.14
C ALA B 256 7.03 -6.75 11.92
N VAL B 257 5.83 -6.92 11.35
CA VAL B 257 4.64 -6.40 11.95
C VAL B 257 3.42 -7.14 11.43
N GLN B 258 2.48 -7.42 12.31
CA GLN B 258 1.18 -8.04 11.98
C GLN B 258 -0.01 -7.12 12.17
N ILE B 259 0.14 -6.09 12.98
CA ILE B 259 -0.92 -5.15 13.31
C ILE B 259 -0.23 -3.81 13.45
N VAL B 260 -0.84 -2.75 12.96
CA VAL B 260 -0.24 -1.41 13.02
C VAL B 260 -1.07 -0.40 13.83
N ASN B 261 -0.41 0.34 14.71
CA ASN B 261 -1.01 1.45 15.45
C ASN B 261 -0.84 2.67 14.58
N ILE B 262 -1.93 3.34 14.28
CA ILE B 262 -1.87 4.60 13.56
C ILE B 262 -2.07 5.78 14.51
N LYS B 263 -1.09 6.69 14.53
CA LYS B 263 -1.17 8.00 15.16
C LYS B 263 -0.88 9.10 14.15
N PRO B 264 -1.86 9.93 13.85
CA PRO B 264 -1.75 10.97 12.83
C PRO B 264 -0.55 11.87 12.96
N GLY B 265 -0.29 12.38 14.16
CA GLY B 265 0.86 13.29 14.35
C GLY B 265 2.19 12.62 14.12
N ARG B 266 2.31 11.40 14.60
CA ARG B 266 3.54 10.61 14.39
C ARG B 266 3.92 10.42 12.91
N VAL B 267 2.91 10.35 12.03
CA VAL B 267 3.10 10.12 10.60
C VAL B 267 3.04 11.37 9.73
N GLY B 268 2.91 12.54 10.34
CA GLY B 268 2.91 13.78 9.63
C GLY B 268 1.56 14.18 9.12
N GLY B 269 0.50 13.73 9.78
CA GLY B 269 -0.85 14.23 9.52
C GLY B 269 -1.95 13.22 9.26
N TYR B 270 -3.19 13.71 9.32
CA TYR B 270 -4.39 12.92 9.06
C TYR B 270 -4.39 12.39 7.62
N LEU B 271 -3.86 13.13 6.68
CA LEU B 271 -3.88 12.67 5.30
C LEU B 271 -2.85 11.51 5.07
N GLU B 272 -1.65 11.62 5.61
CA GLU B 272 -0.77 10.48 5.59
C GLU B 272 -1.34 9.29 6.40
N ALA B 273 -2.00 9.56 7.52
CA ALA B 273 -2.62 8.48 8.29
C ALA B 273 -3.64 7.66 7.46
N ARG B 274 -4.42 8.33 6.62
CA ARG B 274 -5.35 7.68 5.77
C ARG B 274 -4.58 6.79 4.78
N ARG B 275 -3.46 7.26 4.26
CA ARG B 275 -2.63 6.43 3.41
C ARG B 275 -2.05 5.22 4.13
N VAL B 276 -1.64 5.37 5.39
CA VAL B 276 -1.16 4.24 6.16
C VAL B 276 -2.25 3.20 6.31
N HIS B 277 -3.45 3.66 6.60
CA HIS B 277 -4.63 2.78 6.69
C HIS B 277 -4.86 1.99 5.41
N ASP B 278 -4.74 2.66 4.26
CA ASP B 278 -5.02 2.08 2.94
C ASP B 278 -3.93 1.09 2.51
N VAL B 279 -2.68 1.41 2.83
CA VAL B 279 -1.58 0.51 2.60
C VAL B 279 -1.73 -0.76 3.45
N CYS B 280 -2.03 -0.60 4.73
CA CYS B 280 -2.20 -1.73 5.57
C CYS B 280 -3.36 -2.61 5.09
N ALA B 281 -4.48 -1.98 4.75
CA ALA B 281 -5.69 -2.74 4.27
C ALA B 281 -5.33 -3.58 3.05
N ALA B 282 -4.56 -3.00 2.14
CA ALA B 282 -4.20 -3.68 0.92
C ALA B 282 -3.33 -4.92 1.15
N HIS B 283 -2.59 -4.97 2.25
CA HIS B 283 -1.80 -6.14 2.63
C HIS B 283 -2.48 -7.06 3.64
N GLY B 284 -3.73 -6.80 4.02
CA GLY B 284 -4.39 -7.57 5.03
C GLY B 284 -3.91 -7.35 6.47
N ILE B 285 -3.26 -6.24 6.75
CA ILE B 285 -2.82 -5.87 8.09
C ILE B 285 -3.87 -4.99 8.83
N PRO B 286 -4.50 -5.49 9.94
CA PRO B 286 -5.45 -4.68 10.75
C PRO B 286 -4.76 -3.47 11.31
N VAL B 287 -5.49 -2.37 11.43
CA VAL B 287 -4.97 -1.20 12.13
C VAL B 287 -5.88 -0.81 13.28
N TRP B 288 -5.34 -0.02 14.20
CA TRP B 288 -6.12 0.57 15.27
C TRP B 288 -5.59 1.93 15.60
N CYS B 289 -6.45 2.77 16.18
CA CYS B 289 -6.14 4.17 16.40
C CYS B 289 -5.43 4.40 17.73
N GLY B 290 -4.29 5.06 17.68
CA GLY B 290 -3.58 5.45 18.89
C GLY B 290 -4.03 6.79 19.44
N ASP B 291 -3.51 7.10 20.60
CA ASP B 291 -3.87 8.29 21.37
C ASP B 291 -2.58 8.85 21.92
N MET B 292 -2.47 10.18 21.93
CA MET B 292 -1.35 10.88 22.52
C MET B 292 -1.87 11.83 23.63
N ILE B 293 -2.91 11.41 24.38
CA ILE B 293 -3.54 12.20 25.43
C ILE B 293 -3.89 13.60 24.88
N GLU B 294 -4.56 13.61 23.75
CA GLU B 294 -4.92 14.85 23.14
C GLU B 294 -6.09 15.48 23.90
N THR B 295 -6.20 16.79 23.72
CA THR B 295 -7.46 17.50 24.00
C THR B 295 -8.56 17.05 23.05
N GLY B 296 -9.77 17.55 23.29
CA GLY B 296 -10.92 17.23 22.47
C GLY B 296 -10.79 17.52 20.99
N LEU B 297 -9.85 18.41 20.62
CA LEU B 297 -9.61 18.72 19.23
C LEU B 297 -9.04 17.48 18.51
N GLY B 298 -7.90 17.01 19.01
CA GLY B 298 -7.28 15.83 18.47
C GLY B 298 -8.16 14.62 18.65
N ARG B 299 -8.85 14.56 19.78
CA ARG B 299 -9.68 13.39 20.04
C ARG B 299 -10.76 13.30 18.96
N ALA B 300 -11.32 14.45 18.57
CA ALA B 300 -12.39 14.46 17.59
C ALA B 300 -11.92 13.97 16.23
N ALA B 301 -10.73 14.40 15.85
CA ALA B 301 -10.14 14.01 14.60
C ALA B 301 -9.81 12.50 14.65
N ASN B 302 -9.31 12.01 15.78
CA ASN B 302 -8.97 10.60 15.91
C ASN B 302 -10.18 9.69 15.84
N VAL B 303 -11.27 10.09 16.46
CA VAL B 303 -12.49 9.29 16.49
C VAL B 303 -13.04 9.18 15.06
N ALA B 304 -12.97 10.27 14.31
CA ALA B 304 -13.31 10.27 12.91
C ALA B 304 -12.40 9.28 12.13
N LEU B 305 -11.09 9.44 12.28
CA LEU B 305 -10.15 8.55 11.66
C LEU B 305 -10.47 7.07 12.00
N ALA B 306 -10.76 6.80 13.25
CA ALA B 306 -10.99 5.42 13.71
C ALA B 306 -12.22 4.75 13.16
N SER B 307 -13.05 5.52 12.48
CA SER B 307 -14.28 5.00 11.91
C SER B 307 -14.08 4.51 10.47
N LEU B 308 -12.83 4.58 9.97
CA LEU B 308 -12.50 3.98 8.64
C LEU B 308 -12.57 2.45 8.67
N PRO B 309 -12.72 1.81 7.51
CA PRO B 309 -13.10 0.35 7.49
C PRO B 309 -12.10 -0.65 8.03
N ASN B 310 -10.81 -0.36 7.98
CA ASN B 310 -9.80 -1.32 8.37
C ASN B 310 -9.40 -1.17 9.82
N PHE B 311 -9.98 -0.21 10.53
CA PHE B 311 -9.79 -0.10 11.99
C PHE B 311 -10.62 -1.19 12.63
N THR B 312 -10.05 -2.37 12.77
CA THR B 312 -10.86 -3.54 13.17
C THR B 312 -10.49 -4.04 14.55
N LEU B 313 -9.67 -3.28 15.26
CA LEU B 313 -9.38 -3.53 16.66
C LEU B 313 -9.68 -2.25 17.38
N PRO B 314 -10.15 -2.35 18.61
CA PRO B 314 -10.44 -1.15 19.39
C PRO B 314 -9.22 -0.23 19.56
N GLY B 315 -9.46 1.07 19.54
CA GLY B 315 -8.41 2.09 19.74
C GLY B 315 -8.20 2.55 21.18
N ASP B 316 -7.17 3.35 21.37
CA ASP B 316 -6.86 4.01 22.61
C ASP B 316 -7.63 5.32 22.74
N THR B 317 -8.52 5.68 21.81
CA THR B 317 -9.29 6.93 21.96
C THR B 317 -10.35 6.82 23.07
N SER B 318 -9.89 7.04 24.31
CA SER B 318 -10.70 6.92 25.48
C SER B 318 -11.53 8.20 25.65
N ALA B 319 -12.48 8.18 26.57
CA ALA B 319 -13.33 9.34 26.85
C ALA B 319 -12.50 10.46 27.49
N SER B 320 -12.91 11.71 27.26
CA SER B 320 -12.18 12.88 27.77
C SER B 320 -11.84 12.74 29.25
N ASP B 321 -12.79 12.21 30.06
CA ASP B 321 -12.58 12.12 31.52
C ASP B 321 -11.60 11.04 32.00
N ARG B 322 -11.15 10.14 31.12
CA ARG B 322 -10.03 9.25 31.49
C ARG B 322 -8.75 10.04 31.73
N TYR B 323 -8.57 11.14 31.06
CA TYR B 323 -7.37 11.97 31.25
C TYR B 323 -7.63 13.31 31.96
N TYR B 324 -8.75 13.95 31.66
CA TYR B 324 -9.03 15.35 32.08
C TYR B 324 -10.36 15.57 32.83
N LYS B 325 -10.34 16.28 33.97
CA LYS B 325 -11.59 16.68 34.65
C LYS B 325 -12.38 17.59 33.71
N THR B 326 -11.66 18.53 33.11
CA THR B 326 -12.25 19.54 32.27
C THR B 326 -11.50 19.66 30.92
N ASP B 327 -12.16 19.20 29.85
CA ASP B 327 -11.64 19.33 28.50
C ASP B 327 -11.91 20.74 28.01
N ILE B 328 -11.09 21.22 27.07
CA ILE B 328 -11.33 22.49 26.44
C ILE B 328 -12.42 22.52 25.35
N THR B 329 -13.03 21.39 25.05
CA THR B 329 -14.16 21.32 24.10
C THR B 329 -15.28 20.67 24.84
N GLU B 330 -16.38 20.46 24.16
CA GLU B 330 -17.44 19.72 24.78
C GLU B 330 -16.79 18.34 24.85
N PRO B 331 -16.85 17.71 26.00
CA PRO B 331 -16.20 16.42 26.24
C PRO B 331 -16.76 15.17 25.49
N PHE B 332 -15.90 14.18 25.24
CA PHE B 332 -16.29 12.91 24.70
C PHE B 332 -16.67 12.03 25.87
N VAL B 333 -17.85 11.41 25.76
CA VAL B 333 -18.39 10.60 26.83
C VAL B 333 -18.70 9.19 26.36
N LEU B 334 -18.10 8.23 27.06
CA LEU B 334 -18.30 6.83 26.70
C LEU B 334 -19.77 6.45 26.83
N SER B 335 -20.22 5.58 25.95
CA SER B 335 -21.61 5.15 25.94
C SER B 335 -21.71 3.76 25.30
N GLY B 336 -21.95 2.73 26.10
CA GLY B 336 -21.93 1.36 25.59
C GLY B 336 -20.56 0.93 25.06
N GLY B 337 -19.49 1.39 25.69
CA GLY B 337 -18.12 1.20 25.22
C GLY B 337 -17.69 1.93 23.94
N HIS B 338 -18.55 2.81 23.40
CA HIS B 338 -18.29 3.51 22.16
C HIS B 338 -18.21 5.03 22.36
N LEU B 339 -17.54 5.71 21.42
CA LEU B 339 -17.57 7.14 21.32
C LEU B 339 -18.24 7.45 20.01
N PRO B 340 -19.06 8.51 19.97
CA PRO B 340 -19.74 8.84 18.69
C PRO B 340 -18.84 9.72 17.80
N VAL B 341 -18.99 9.52 16.50
CA VAL B 341 -18.21 10.22 15.53
C VAL B 341 -18.84 11.58 15.37
N PRO B 342 -18.04 12.66 15.48
CA PRO B 342 -18.54 14.03 15.30
C PRO B 342 -19.21 14.26 13.95
N THR B 343 -20.15 15.19 13.90
CA THR B 343 -20.96 15.42 12.70
C THR B 343 -20.87 16.79 12.10
N GLY B 344 -20.47 17.82 12.84
CA GLY B 344 -20.48 19.13 12.20
C GLY B 344 -19.40 19.33 11.16
N PRO B 345 -19.31 20.54 10.65
CA PRO B 345 -18.15 20.82 9.80
C PRO B 345 -16.80 20.72 10.51
N GLY B 346 -15.77 20.40 9.71
CA GLY B 346 -14.41 20.20 10.17
C GLY B 346 -14.32 19.17 11.28
N LEU B 347 -13.56 19.53 12.32
CA LEU B 347 -13.42 18.66 13.46
C LEU B 347 -14.74 18.30 14.12
N GLY B 348 -15.75 19.18 13.98
CA GLY B 348 -17.06 19.00 14.61
C GLY B 348 -17.12 19.51 16.05
N VAL B 349 -16.02 20.14 16.49
CA VAL B 349 -15.82 20.71 17.81
C VAL B 349 -14.85 21.90 17.70
N ALA B 350 -14.89 22.74 18.72
CA ALA B 350 -14.03 23.93 18.80
C ALA B 350 -13.76 24.23 20.26
N PRO B 351 -12.65 24.89 20.56
CA PRO B 351 -12.41 25.25 21.96
C PRO B 351 -13.45 26.24 22.52
N ILE B 352 -13.90 25.95 23.74
CA ILE B 352 -14.77 26.83 24.56
C ILE B 352 -13.80 27.91 25.11
N PRO B 353 -13.87 29.15 24.60
CA PRO B 353 -12.76 30.14 24.82
C PRO B 353 -12.36 30.41 26.27
N GLU B 354 -13.33 30.35 27.19
CA GLU B 354 -13.08 30.59 28.63
C GLU B 354 -12.26 29.45 29.23
N LEU B 355 -12.61 28.22 28.87
CA LEU B 355 -11.83 27.04 29.30
C LEU B 355 -10.40 26.98 28.71
N LEU B 356 -10.27 27.38 27.45
CA LEU B 356 -8.98 27.45 26.79
C LEU B 356 -8.06 28.49 27.41
N ASP B 357 -8.60 29.69 27.68
CA ASP B 357 -7.80 30.77 28.31
C ASP B 357 -7.28 30.35 29.70
N GLU B 358 -8.07 29.63 30.49
CA GLU B 358 -7.68 29.18 31.82
C GLU B 358 -6.34 28.38 31.77
N VAL B 359 -6.16 27.61 30.69
CA VAL B 359 -5.05 26.65 30.55
C VAL B 359 -3.97 27.11 29.56
N THR B 360 -4.14 28.25 28.92
CA THR B 360 -3.10 28.80 28.06
C THR B 360 -1.96 29.42 28.87
N THR B 361 -0.73 29.00 28.64
CA THR B 361 0.47 29.56 29.29
C THR B 361 1.23 30.53 28.41
N ALA B 362 0.96 30.55 27.10
CA ALA B 362 1.66 31.46 26.16
C ALA B 362 0.99 31.45 24.81
N LYS B 363 1.21 32.50 24.03
CA LYS B 363 0.44 32.74 22.84
C LYS B 363 1.29 33.65 21.95
N VAL B 364 1.38 33.36 20.67
CA VAL B 364 2.03 34.26 19.72
C VAL B 364 1.39 34.16 18.33
N TRP B 365 1.38 35.28 17.63
CA TRP B 365 0.75 35.40 16.31
C TRP B 365 1.86 35.44 15.27
N ILE B 366 1.75 34.63 14.22
CA ILE B 366 2.73 34.61 13.11
C ILE B 366 1.98 34.95 11.85
N GLY B 367 2.31 36.07 11.19
CA GLY B 367 1.43 36.74 10.15
C GLY B 367 2.03 37.25 8.84
N MET C 1 -19.83 -32.12 -36.62
CA MET C 1 -21.03 -31.53 -36.02
C MET C 1 -21.12 -30.09 -36.55
N LYS C 2 -22.22 -29.75 -37.22
CA LYS C 2 -22.63 -28.35 -37.43
C LYS C 2 -23.71 -28.24 -36.37
N LEU C 3 -23.66 -27.16 -35.58
CA LEU C 3 -24.68 -26.90 -34.56
C LEU C 3 -25.90 -26.22 -35.21
N SER C 4 -27.08 -26.81 -35.05
CA SER C 4 -28.34 -26.27 -35.62
C SER C 4 -28.97 -25.19 -34.74
N GLY C 5 -28.96 -25.43 -33.43
CA GLY C 5 -29.41 -24.44 -32.47
C GLY C 5 -29.41 -24.92 -31.04
N VAL C 6 -29.82 -24.04 -30.15
CA VAL C 6 -29.80 -24.34 -28.73
C VAL C 6 -31.07 -23.85 -28.12
N GLU C 7 -31.64 -24.68 -27.26
CA GLU C 7 -32.81 -24.34 -26.50
C GLU C 7 -32.40 -23.98 -25.08
N LEU C 8 -32.75 -22.79 -24.64
CA LEU C 8 -32.50 -22.31 -23.31
C LEU C 8 -33.78 -22.41 -22.52
N ARG C 9 -33.69 -23.09 -21.38
CA ARG C 9 -34.78 -23.22 -20.45
C ARG C 9 -34.43 -22.62 -19.11
N ARG C 10 -35.35 -21.86 -18.53
CA ARG C 10 -35.31 -21.55 -17.10
C ARG C 10 -36.09 -22.63 -16.37
N VAL C 11 -35.54 -23.08 -15.26
CA VAL C 11 -36.14 -24.12 -14.45
C VAL C 11 -36.14 -23.67 -13.00
N GLN C 12 -37.21 -23.98 -12.27
CA GLN C 12 -37.26 -23.73 -10.83
C GLN C 12 -37.72 -24.99 -10.10
N MET C 13 -36.95 -25.46 -9.14
CA MET C 13 -37.21 -26.72 -8.43
C MET C 13 -37.17 -26.45 -6.95
N PRO C 14 -38.18 -26.88 -6.22
CA PRO C 14 -38.14 -26.65 -4.76
C PRO C 14 -37.13 -27.57 -4.03
N LEU C 15 -36.53 -27.07 -2.96
CA LEU C 15 -35.61 -27.84 -2.16
C LEU C 15 -36.35 -28.47 -1.00
N VAL C 16 -35.96 -29.68 -0.68
CA VAL C 16 -36.45 -30.38 0.48
C VAL C 16 -36.35 -29.56 1.76
N ALA C 17 -35.36 -28.68 1.89
CA ALA C 17 -35.13 -27.88 3.11
C ALA C 17 -34.37 -26.64 2.76
N PRO C 18 -34.54 -25.56 3.54
CA PRO C 18 -33.72 -24.37 3.26
C PRO C 18 -32.20 -24.64 3.38
N PHE C 19 -31.42 -24.05 2.46
CA PHE C 19 -29.96 -24.23 2.42
C PHE C 19 -29.31 -22.86 2.66
N ARG C 20 -28.71 -22.73 3.82
CA ARG C 20 -28.09 -21.48 4.20
C ARG C 20 -26.54 -21.54 4.20
N THR C 21 -25.95 -20.47 3.68
CA THR C 21 -24.54 -20.36 3.34
C THR C 21 -24.11 -18.98 3.90
N SER C 22 -22.83 -18.68 3.98
CA SER C 22 -22.44 -17.33 4.43
C SER C 22 -22.97 -16.15 3.60
N PHE C 23 -23.32 -16.40 2.34
CA PHE C 23 -23.90 -15.40 1.43
C PHE C 23 -25.43 -15.31 1.31
N GLY C 24 -26.16 -16.22 1.94
CA GLY C 24 -27.64 -16.18 1.86
C GLY C 24 -28.32 -17.51 2.03
N THR C 25 -29.62 -17.54 1.79
CA THR C 25 -30.46 -18.72 2.03
C THR C 25 -31.31 -18.95 0.82
N ALA C 26 -31.54 -20.21 0.48
CA ALA C 26 -32.41 -20.56 -0.64
C ALA C 26 -33.34 -21.71 -0.25
N SER C 27 -34.59 -21.59 -0.68
CA SER C 27 -35.61 -22.64 -0.57
C SER C 27 -35.91 -23.30 -1.89
N VAL C 28 -35.30 -22.79 -2.94
CA VAL C 28 -35.59 -23.16 -4.29
C VAL C 28 -34.26 -23.11 -5.06
N ARG C 29 -34.14 -23.88 -6.13
CA ARG C 29 -33.01 -23.80 -7.03
C ARG C 29 -33.53 -23.24 -8.34
N GLU C 30 -33.04 -22.08 -8.77
CA GLU C 30 -33.36 -21.53 -10.11
C GLU C 30 -32.16 -21.75 -11.00
N LEU C 31 -32.35 -22.38 -12.14
CA LEU C 31 -31.24 -22.65 -13.03
C LEU C 31 -31.54 -22.61 -14.50
N LEU C 32 -30.48 -22.60 -15.31
CA LEU C 32 -30.56 -22.65 -16.77
C LEU C 32 -30.20 -24.02 -17.27
N LEU C 33 -30.99 -24.57 -18.19
CA LEU C 33 -30.62 -25.77 -18.92
C LEU C 33 -30.50 -25.47 -20.39
N LEU C 34 -29.61 -26.19 -21.07
CA LEU C 34 -29.36 -26.02 -22.50
C LEU C 34 -29.60 -27.33 -23.21
N ARG C 35 -30.26 -27.27 -24.35
CA ARG C 35 -30.40 -28.41 -25.24
C ARG C 35 -29.77 -28.06 -26.56
N ALA C 36 -28.62 -28.64 -26.84
CA ALA C 36 -27.95 -28.41 -28.09
C ALA C 36 -28.50 -29.39 -29.11
N VAL C 37 -28.85 -28.89 -30.28
CA VAL C 37 -29.42 -29.68 -31.35
C VAL C 37 -28.45 -29.73 -32.52
N THR C 38 -28.17 -30.95 -32.97
CA THR C 38 -27.35 -31.22 -34.15
C THR C 38 -28.15 -32.07 -35.15
N PRO C 39 -27.65 -32.21 -36.39
CA PRO C 39 -28.22 -33.20 -37.30
C PRO C 39 -28.20 -34.63 -36.70
N ALA C 40 -27.08 -34.99 -36.08
CA ALA C 40 -26.90 -36.25 -35.31
C ALA C 40 -27.94 -36.49 -34.19
N GLY C 41 -28.29 -35.42 -33.45
CA GLY C 41 -29.16 -35.52 -32.27
C GLY C 41 -28.89 -34.46 -31.20
N GLU C 42 -29.29 -34.74 -29.97
CA GLU C 42 -29.33 -33.77 -28.92
C GLU C 42 -28.23 -33.94 -27.89
N GLY C 43 -27.92 -32.85 -27.17
CA GLY C 43 -27.15 -32.93 -25.92
C GLY C 43 -27.64 -31.92 -24.92
N TRP C 44 -27.50 -32.25 -23.62
CA TRP C 44 -27.92 -31.44 -22.54
C TRP C 44 -26.76 -30.82 -21.74
N GLY C 45 -26.92 -29.57 -21.34
CA GLY C 45 -26.04 -28.93 -20.44
C GLY C 45 -26.80 -28.19 -19.34
N GLU C 46 -26.11 -27.93 -18.24
CA GLU C 46 -26.65 -27.26 -17.11
C GLU C 46 -25.70 -26.14 -16.67
N CYS C 47 -26.25 -24.96 -16.43
CA CYS C 47 -25.51 -23.85 -15.89
C CYS C 47 -25.64 -23.88 -14.37
N VAL C 48 -24.57 -23.61 -13.67
CA VAL C 48 -24.58 -23.64 -12.21
C VAL C 48 -24.73 -22.24 -11.57
N THR C 49 -24.99 -21.22 -12.37
CA THR C 49 -25.30 -19.93 -11.79
C THR C 49 -26.49 -20.01 -10.84
N ILE C 50 -26.56 -19.07 -9.91
CA ILE C 50 -27.71 -18.84 -9.08
C ILE C 50 -28.36 -17.46 -9.47
N ALA C 51 -29.37 -17.00 -8.73
CA ALA C 51 -30.21 -15.91 -9.16
C ALA C 51 -29.49 -14.56 -9.21
N GLY C 52 -28.63 -14.29 -8.22
CA GLY C 52 -27.88 -13.03 -8.15
C GLY C 52 -26.40 -13.28 -7.93
N PRO C 53 -25.58 -12.22 -8.10
CA PRO C 53 -24.16 -12.40 -8.02
C PRO C 53 -23.60 -12.41 -6.59
N LEU C 54 -23.94 -13.45 -5.82
CA LEU C 54 -23.56 -13.53 -4.42
C LEU C 54 -22.45 -14.54 -4.12
N TYR C 55 -22.27 -15.51 -5.01
CA TYR C 55 -21.20 -16.52 -4.91
C TYR C 55 -20.04 -16.14 -5.86
N SER C 56 -20.36 -15.73 -7.07
CA SER C 56 -19.44 -15.16 -8.02
C SER C 56 -20.16 -14.10 -8.83
N SER C 57 -19.46 -13.47 -9.77
CA SER C 57 -20.07 -12.38 -10.51
C SER C 57 -21.17 -12.79 -11.51
N GLU C 58 -21.20 -14.09 -11.82
CA GLU C 58 -22.17 -14.62 -12.79
C GLU C 58 -23.46 -14.92 -12.09
N TYR C 59 -24.53 -14.74 -12.84
CA TYR C 59 -25.88 -15.04 -12.34
C TYR C 59 -26.83 -15.41 -13.45
N ASN C 60 -27.98 -15.96 -13.11
CA ASN C 60 -28.86 -16.58 -14.15
C ASN C 60 -29.24 -15.67 -15.31
N ASP C 61 -29.76 -14.48 -15.04
CA ASP C 61 -30.14 -13.59 -16.17
C ASP C 61 -28.91 -13.20 -16.97
N GLY C 62 -27.77 -13.02 -16.29
CA GLY C 62 -26.51 -12.66 -16.98
C GLY C 62 -26.00 -13.79 -17.87
N ALA C 63 -26.07 -15.02 -17.37
CA ALA C 63 -25.70 -16.16 -18.16
C ALA C 63 -26.59 -16.36 -19.36
N GLU C 64 -27.89 -16.15 -19.16
CA GLU C 64 -28.86 -16.30 -20.26
C GLU C 64 -28.56 -15.26 -21.33
N HIS C 65 -28.31 -14.04 -20.90
CA HIS C 65 -28.01 -12.99 -21.84
C HIS C 65 -26.73 -13.22 -22.61
N VAL C 66 -25.65 -13.53 -21.92
CA VAL C 66 -24.37 -13.71 -22.63
C VAL C 66 -24.40 -14.95 -23.57
N LEU C 67 -25.09 -16.01 -23.18
CA LEU C 67 -25.27 -17.20 -24.05
C LEU C 67 -26.00 -16.86 -25.31
N ARG C 68 -27.07 -16.12 -25.13
CA ARG C 68 -27.98 -15.85 -26.23
C ARG C 68 -27.44 -14.89 -27.27
N HIS C 69 -26.73 -13.85 -26.83
CA HIS C 69 -26.26 -12.77 -27.74
C HIS C 69 -24.80 -12.85 -28.14
N TYR C 70 -24.00 -13.67 -27.47
CA TYR C 70 -22.56 -13.81 -27.79
C TYR C 70 -22.10 -15.28 -27.97
N LEU C 71 -22.28 -16.13 -26.95
CA LEU C 71 -21.67 -17.43 -26.98
C LEU C 71 -22.31 -18.38 -28.02
N ILE C 72 -23.62 -18.48 -27.99
CA ILE C 72 -24.30 -19.37 -28.91
C ILE C 72 -24.10 -18.89 -30.38
N PRO C 73 -24.34 -17.59 -30.67
CA PRO C 73 -24.13 -17.15 -32.05
C PRO C 73 -22.71 -17.47 -32.56
N ALA C 74 -21.70 -17.34 -31.70
CA ALA C 74 -20.32 -17.62 -32.13
C ALA C 74 -20.16 -19.11 -32.53
N LEU C 75 -20.82 -20.02 -31.82
CA LEU C 75 -20.81 -21.40 -32.21
C LEU C 75 -21.64 -21.70 -33.46
N LEU C 76 -22.78 -21.05 -33.62
CA LEU C 76 -23.62 -21.23 -34.83
C LEU C 76 -22.91 -20.75 -36.08
N ALA C 77 -22.17 -19.66 -35.96
CA ALA C 77 -21.38 -19.13 -37.09
C ALA C 77 -20.18 -20.00 -37.48
N ALA C 78 -19.72 -20.94 -36.65
CA ALA C 78 -18.57 -21.75 -37.03
C ALA C 78 -18.97 -22.93 -37.96
N GLU C 79 -18.01 -23.41 -38.74
CA GLU C 79 -18.24 -24.46 -39.74
C GLU C 79 -18.35 -25.84 -39.15
N ASP C 80 -17.31 -26.20 -38.40
CA ASP C 80 -17.14 -27.51 -37.82
C ASP C 80 -16.93 -27.17 -36.35
N ILE C 81 -17.46 -28.02 -35.50
CA ILE C 81 -17.45 -27.78 -34.08
C ILE C 81 -17.17 -29.08 -33.35
N THR C 82 -16.39 -28.99 -32.28
CA THR C 82 -16.09 -30.08 -31.37
C THR C 82 -16.09 -29.47 -30.04
N ALA C 83 -16.26 -30.29 -29.02
CA ALA C 83 -16.22 -29.80 -27.68
C ALA C 83 -14.90 -29.08 -27.47
N ALA C 84 -13.79 -29.67 -27.91
CA ALA C 84 -12.44 -29.05 -27.75
C ALA C 84 -12.33 -27.68 -28.42
N LYS C 85 -13.01 -27.49 -29.54
CA LYS C 85 -12.95 -26.25 -30.26
C LYS C 85 -13.83 -25.14 -29.67
N VAL C 86 -14.75 -25.48 -28.77
CA VAL C 86 -15.58 -24.50 -28.12
C VAL C 86 -14.71 -23.45 -27.41
N THR C 87 -13.67 -23.88 -26.72
CA THR C 87 -12.81 -22.95 -26.04
C THR C 87 -12.17 -21.85 -26.95
N PRO C 88 -11.43 -22.24 -27.98
CA PRO C 88 -10.90 -21.20 -28.92
C PRO C 88 -11.96 -20.37 -29.65
N LEU C 89 -13.07 -20.96 -30.07
CA LEU C 89 -14.19 -20.20 -30.64
C LEU C 89 -14.77 -19.12 -29.69
N LEU C 90 -14.75 -19.38 -28.39
CA LEU C 90 -15.28 -18.44 -27.40
C LEU C 90 -14.21 -17.62 -26.63
N ALA C 91 -12.96 -17.80 -27.02
CA ALA C 91 -11.84 -17.25 -26.25
C ALA C 91 -11.82 -15.71 -26.20
N LYS C 92 -12.28 -15.08 -27.27
CA LYS C 92 -12.36 -13.63 -27.34
C LYS C 92 -13.33 -13.03 -26.30
N PHE C 93 -14.23 -13.83 -25.73
CA PHE C 93 -15.13 -13.35 -24.68
C PHE C 93 -14.49 -13.58 -23.31
N LYS C 94 -14.28 -12.51 -22.53
CA LYS C 94 -13.56 -12.61 -21.25
C LYS C 94 -14.49 -13.08 -20.15
N GLY C 95 -14.02 -14.00 -19.31
CA GLY C 95 -14.85 -14.52 -18.22
C GLY C 95 -16.02 -15.39 -18.70
N HIS C 96 -17.14 -15.21 -18.03
CA HIS C 96 -18.37 -15.94 -18.28
C HIS C 96 -18.12 -17.45 -18.32
N ARG C 97 -17.35 -17.92 -17.35
CA ARG C 97 -16.95 -19.31 -17.30
C ARG C 97 -18.12 -20.29 -17.10
N MET C 98 -19.04 -19.97 -16.21
CA MET C 98 -20.18 -20.86 -15.95
C MET C 98 -21.08 -21.02 -17.17
N ALA C 99 -21.32 -19.93 -17.83
CA ALA C 99 -22.03 -19.95 -19.09
C ALA C 99 -21.30 -20.74 -20.16
N LYS C 100 -20.01 -20.48 -20.37
CA LYS C 100 -19.25 -21.24 -21.36
C LYS C 100 -19.27 -22.76 -21.06
N GLY C 101 -19.15 -23.08 -19.78
CA GLY C 101 -19.08 -24.44 -19.30
C GLY C 101 -20.35 -25.21 -19.57
N ALA C 102 -21.48 -24.55 -19.34
CA ALA C 102 -22.79 -25.11 -19.64
C ALA C 102 -22.91 -25.43 -21.13
N LEU C 103 -22.44 -24.53 -21.97
CA LEU C 103 -22.55 -24.72 -23.40
C LEU C 103 -21.63 -25.83 -23.87
N GLU C 104 -20.39 -25.83 -23.37
CA GLU C 104 -19.48 -26.90 -23.64
C GLU C 104 -20.05 -28.26 -23.19
N MET C 105 -20.73 -28.30 -22.06
CA MET C 105 -21.33 -29.58 -21.58
C MET C 105 -22.35 -30.15 -22.60
N ALA C 106 -23.23 -29.29 -23.08
CA ALA C 106 -24.23 -29.67 -24.07
C ALA C 106 -23.60 -30.14 -25.36
N VAL C 107 -22.61 -29.40 -25.85
CA VAL C 107 -21.92 -29.82 -27.05
C VAL C 107 -21.21 -31.18 -26.85
N LEU C 108 -20.58 -31.36 -25.70
CA LEU C 108 -19.87 -32.58 -25.43
C LEU C 108 -20.82 -33.77 -25.33
N ASP C 109 -21.95 -33.55 -24.67
CA ASP C 109 -22.97 -34.58 -24.54
C ASP C 109 -23.49 -35.01 -25.94
N ALA C 110 -23.74 -34.05 -26.82
CA ALA C 110 -24.14 -34.37 -28.17
C ALA C 110 -23.05 -35.13 -28.95
N GLU C 111 -21.82 -34.66 -28.88
CA GLU C 111 -20.68 -35.32 -29.53
C GLU C 111 -20.51 -36.77 -29.02
N LEU C 112 -20.56 -36.97 -27.71
CA LEU C 112 -20.29 -38.27 -27.18
C LEU C 112 -21.41 -39.24 -27.49
N ARG C 113 -22.66 -38.76 -27.44
CA ARG C 113 -23.84 -39.60 -27.77
C ARG C 113 -23.67 -40.14 -29.18
N ALA C 114 -23.20 -39.31 -30.08
CA ALA C 114 -23.00 -39.72 -31.45
C ALA C 114 -21.88 -40.74 -31.65
N HIS C 115 -20.93 -40.81 -30.74
CA HIS C 115 -19.89 -41.83 -30.80
C HIS C 115 -20.23 -42.94 -29.82
N GLU C 116 -21.39 -42.88 -29.19
CA GLU C 116 -21.81 -43.88 -28.24
C GLU C 116 -20.77 -44.10 -27.15
N ARG C 117 -20.32 -43.02 -26.57
CA ARG C 117 -19.26 -42.98 -25.53
C ARG C 117 -19.71 -42.18 -24.30
N SER C 118 -19.40 -42.68 -23.12
CA SER C 118 -19.82 -42.02 -21.89
C SER C 118 -18.92 -40.82 -21.52
N PHE C 119 -19.46 -39.86 -20.75
CA PHE C 119 -18.66 -38.86 -20.08
C PHE C 119 -17.51 -39.52 -19.28
N ALA C 120 -17.81 -40.57 -18.53
CA ALA C 120 -16.78 -41.26 -17.75
C ALA C 120 -15.60 -41.73 -18.61
N ALA C 121 -15.89 -42.36 -19.72
CA ALA C 121 -14.84 -42.83 -20.63
C ALA C 121 -14.04 -41.67 -21.23
N GLU C 122 -14.72 -40.62 -21.71
CA GLU C 122 -14.03 -39.42 -22.21
C GLU C 122 -13.11 -38.77 -21.19
N LEU C 123 -13.56 -38.66 -19.92
CA LEU C 123 -12.77 -37.99 -18.90
C LEU C 123 -11.63 -38.79 -18.34
N GLY C 124 -11.69 -40.12 -18.47
CA GLY C 124 -10.67 -41.03 -17.90
C GLY C 124 -11.01 -41.65 -16.55
N SER C 125 -12.27 -42.07 -16.40
CA SER C 125 -12.74 -42.79 -15.22
C SER C 125 -11.92 -44.07 -14.96
N VAL C 126 -11.59 -44.31 -13.69
CA VAL C 126 -10.91 -45.54 -13.25
C VAL C 126 -11.70 -46.33 -12.17
N ARG C 127 -12.89 -45.88 -11.76
CA ARG C 127 -13.75 -46.60 -10.86
C ARG C 127 -15.20 -46.48 -11.31
N ASP C 128 -16.03 -47.41 -10.84
CA ASP C 128 -17.46 -47.51 -11.15
C ASP C 128 -18.38 -46.85 -10.19
N SER C 129 -17.87 -46.51 -9.04
CA SER C 129 -18.65 -45.77 -8.08
C SER C 129 -17.72 -44.92 -7.23
N VAL C 130 -18.31 -43.96 -6.51
CA VAL C 130 -17.56 -42.96 -5.77
C VAL C 130 -18.17 -42.73 -4.43
N PRO C 131 -17.34 -42.53 -3.41
CA PRO C 131 -17.86 -42.18 -2.09
C PRO C 131 -18.34 -40.74 -2.01
N CYS C 132 -19.43 -40.54 -1.28
CA CYS C 132 -20.15 -39.26 -1.22
C CYS C 132 -20.30 -38.73 0.15
N GLY C 133 -20.00 -37.44 0.28
CA GLY C 133 -20.26 -36.70 1.50
C GLY C 133 -21.47 -35.84 1.29
N VAL C 134 -21.72 -34.98 2.26
CA VAL C 134 -22.86 -34.05 2.22
C VAL C 134 -22.45 -32.66 2.80
N SER C 135 -23.00 -31.63 2.21
CA SER C 135 -22.76 -30.28 2.61
C SER C 135 -23.96 -29.86 3.46
N VAL C 136 -23.71 -29.37 4.67
CA VAL C 136 -24.75 -29.03 5.62
C VAL C 136 -24.73 -27.53 5.91
N GLY C 137 -25.89 -26.89 5.78
CA GLY C 137 -25.94 -25.45 5.91
C GLY C 137 -25.83 -24.90 7.31
N ILE C 138 -25.78 -23.60 7.39
CA ILE C 138 -25.90 -22.88 8.65
C ILE C 138 -27.36 -23.04 9.13
N MET C 139 -27.50 -23.25 10.45
CA MET C 139 -28.80 -23.43 11.11
C MET C 139 -29.02 -22.38 12.15
N ASP C 140 -30.27 -22.28 12.63
CA ASP C 140 -30.56 -21.33 13.71
C ASP C 140 -30.04 -21.71 15.09
N THR C 141 -29.95 -23.01 15.40
CA THR C 141 -29.53 -23.49 16.75
C THR C 141 -28.61 -24.68 16.62
N ILE C 142 -27.74 -24.85 17.61
CA ILE C 142 -26.85 -26.03 17.64
C ILE C 142 -27.68 -27.36 17.64
N PRO C 143 -28.74 -27.48 18.48
CA PRO C 143 -29.46 -28.79 18.48
C PRO C 143 -30.09 -29.19 17.16
N GLN C 144 -30.58 -28.21 16.40
CA GLN C 144 -31.11 -28.46 15.04
C GLN C 144 -30.02 -28.97 14.04
N LEU C 145 -28.82 -28.41 14.15
CA LEU C 145 -27.64 -28.93 13.42
C LEU C 145 -27.31 -30.39 13.76
N LEU C 146 -27.22 -30.69 15.05
CA LEU C 146 -26.88 -32.06 15.49
C LEU C 146 -27.89 -33.10 14.98
N ASP C 147 -29.17 -32.73 14.96
CA ASP C 147 -30.20 -33.55 14.33
C ASP C 147 -29.92 -33.87 12.89
N VAL C 148 -29.76 -32.81 12.09
CA VAL C 148 -29.55 -32.94 10.66
C VAL C 148 -28.30 -33.78 10.37
N VAL C 149 -27.22 -33.46 11.07
CA VAL C 149 -25.97 -34.20 10.90
C VAL C 149 -26.14 -35.67 11.23
N GLY C 150 -26.75 -35.94 12.40
CA GLY C 150 -27.05 -37.31 12.80
C GLY C 150 -27.86 -38.04 11.74
N GLY C 151 -28.83 -37.36 11.15
CA GLY C 151 -29.64 -37.93 10.05
C GLY C 151 -28.84 -38.37 8.83
N TYR C 152 -27.90 -37.50 8.42
CA TYR C 152 -27.09 -37.79 7.24
C TYR C 152 -26.06 -38.89 7.52
N LEU C 153 -25.45 -38.90 8.71
CA LEU C 153 -24.59 -40.05 9.11
C LEU C 153 -25.37 -41.38 9.07
N ASP C 154 -26.61 -41.37 9.56
CA ASP C 154 -27.52 -42.53 9.47
C ASP C 154 -27.77 -43.00 8.06
N GLU C 155 -27.97 -42.09 7.11
CA GLU C 155 -28.12 -42.51 5.70
C GLU C 155 -26.83 -43.13 5.09
N GLY C 156 -25.69 -42.94 5.75
CA GLY C 156 -24.42 -43.52 5.29
C GLY C 156 -23.47 -42.61 4.51
N TYR C 157 -23.75 -41.28 4.49
CA TYR C 157 -22.78 -40.31 4.01
C TYR C 157 -21.45 -40.48 4.77
N VAL C 158 -20.34 -40.44 4.03
CA VAL C 158 -19.02 -40.81 4.58
C VAL C 158 -18.24 -39.62 5.11
N ARG C 159 -18.78 -38.40 4.93
CA ARG C 159 -18.13 -37.16 5.37
C ARG C 159 -19.13 -36.04 5.52
N ILE C 160 -18.91 -35.21 6.53
CA ILE C 160 -19.73 -34.02 6.75
C ILE C 160 -18.94 -32.73 6.48
N LYS C 161 -19.54 -31.83 5.72
CA LYS C 161 -19.03 -30.49 5.50
C LYS C 161 -20.01 -29.49 6.10
N LEU C 162 -19.54 -28.59 6.94
CA LEU C 162 -20.35 -27.58 7.56
C LEU C 162 -20.07 -26.21 6.96
N LYS C 163 -21.13 -25.53 6.54
CA LYS C 163 -21.05 -24.12 6.24
C LYS C 163 -20.78 -23.35 7.51
N ILE C 164 -19.88 -22.37 7.42
CA ILE C 164 -19.53 -21.51 8.55
C ILE C 164 -19.49 -20.04 8.14
N GLU C 165 -19.48 -19.20 9.16
CA GLU C 165 -19.37 -17.74 9.01
C GLU C 165 -19.09 -17.15 10.37
N PRO C 166 -18.65 -15.89 10.43
CA PRO C 166 -18.47 -15.28 11.76
C PRO C 166 -19.74 -15.44 12.64
N GLY C 167 -19.53 -15.82 13.91
CA GLY C 167 -20.64 -16.15 14.80
C GLY C 167 -21.17 -17.57 14.68
N TRP C 168 -20.61 -18.39 13.78
CA TRP C 168 -21.07 -19.77 13.57
C TRP C 168 -19.87 -20.56 12.96
N ASP C 169 -18.91 -20.85 13.82
CA ASP C 169 -17.74 -21.62 13.43
C ASP C 169 -17.25 -22.59 14.51
N VAL C 170 -16.67 -22.06 15.60
CA VAL C 170 -16.08 -22.88 16.65
C VAL C 170 -17.15 -23.64 17.39
N GLU C 171 -18.28 -22.99 17.73
CA GLU C 171 -19.37 -23.68 18.48
C GLU C 171 -19.99 -24.88 17.73
N PRO C 172 -20.47 -24.68 16.52
CA PRO C 172 -20.98 -25.85 15.75
C PRO C 172 -19.94 -26.96 15.57
N VAL C 173 -18.67 -26.63 15.36
CA VAL C 173 -17.67 -27.68 15.18
C VAL C 173 -17.44 -28.44 16.48
N ARG C 174 -17.34 -27.72 17.60
CA ARG C 174 -17.14 -28.36 18.92
C ARG C 174 -18.31 -29.27 19.24
N ALA C 175 -19.53 -28.75 19.05
CA ALA C 175 -20.74 -29.53 19.27
C ALA C 175 -20.80 -30.83 18.46
N VAL C 176 -20.48 -30.77 17.17
CA VAL C 176 -20.48 -31.97 16.32
C VAL C 176 -19.42 -32.97 16.74
N ARG C 177 -18.32 -32.45 17.24
CA ARG C 177 -17.20 -33.27 17.71
C ARG C 177 -17.54 -33.94 19.05
N GLU C 178 -18.15 -33.18 19.99
CA GLU C 178 -18.66 -33.71 21.30
C GLU C 178 -19.77 -34.79 21.06
N ARG C 179 -20.72 -34.55 20.19
CA ARG C 179 -21.73 -35.54 19.93
C ARG C 179 -21.40 -36.75 19.05
N PHE C 180 -20.58 -36.62 18.04
CA PHE C 180 -20.33 -37.75 17.09
C PHE C 180 -18.89 -38.27 17.08
N GLY C 181 -17.98 -37.62 17.80
CA GLY C 181 -16.63 -38.14 17.99
C GLY C 181 -15.62 -37.71 16.95
N ASP C 182 -14.38 -38.13 17.19
CA ASP C 182 -13.24 -37.71 16.41
C ASP C 182 -13.00 -38.52 15.14
N ASP C 183 -13.78 -39.56 14.87
CA ASP C 183 -13.55 -40.38 13.67
C ASP C 183 -14.36 -40.00 12.45
N VAL C 184 -15.47 -39.29 12.66
CA VAL C 184 -16.23 -38.68 11.56
C VAL C 184 -15.31 -37.75 10.72
N LEU C 185 -15.30 -37.95 9.40
CA LEU C 185 -14.58 -37.04 8.51
C LEU C 185 -15.38 -35.73 8.48
N LEU C 186 -14.74 -34.67 8.94
CA LEU C 186 -15.39 -33.38 9.13
C LEU C 186 -14.56 -32.24 8.51
N GLN C 187 -15.24 -31.39 7.73
CA GLN C 187 -14.61 -30.19 7.19
C GLN C 187 -15.53 -28.96 7.25
N VAL C 188 -14.99 -27.75 7.00
CA VAL C 188 -15.80 -26.53 7.00
C VAL C 188 -15.63 -25.73 5.71
N ASP C 189 -16.60 -24.86 5.43
CA ASP C 189 -16.61 -24.03 4.23
C ASP C 189 -17.21 -22.66 4.51
N ALA C 190 -16.39 -21.62 4.27
CA ALA C 190 -16.71 -20.24 4.63
C ALA C 190 -17.27 -19.41 3.48
N ASN C 191 -17.18 -19.89 2.24
CA ASN C 191 -17.54 -19.09 1.06
C ASN C 191 -17.09 -17.63 1.16
N THR C 192 -15.82 -17.41 1.50
CA THR C 192 -15.16 -16.08 1.51
C THR C 192 -15.47 -15.14 2.69
N ALA C 193 -16.11 -15.65 3.74
CA ALA C 193 -16.63 -14.79 4.81
C ALA C 193 -15.65 -14.21 5.80
N TYR C 194 -14.38 -14.62 5.77
CA TYR C 194 -13.40 -14.08 6.73
C TYR C 194 -12.35 -13.21 6.09
N THR C 195 -11.58 -12.54 6.93
CA THR C 195 -10.36 -11.83 6.51
C THR C 195 -9.14 -12.37 7.24
N LEU C 196 -7.97 -11.96 6.77
CA LEU C 196 -6.73 -12.39 7.39
C LEU C 196 -6.65 -11.96 8.85
N GLY C 197 -7.33 -10.86 9.18
CA GLY C 197 -7.47 -10.42 10.58
C GLY C 197 -8.24 -11.37 11.49
N ASP C 198 -9.01 -12.30 10.91
CA ASP C 198 -9.73 -13.29 11.69
C ASP C 198 -8.92 -14.54 11.92
N ALA C 199 -7.62 -14.53 11.60
CA ALA C 199 -6.78 -15.70 11.80
C ALA C 199 -6.84 -16.28 13.22
N PRO C 200 -6.86 -15.44 14.25
CA PRO C 200 -6.90 -16.02 15.61
C PRO C 200 -8.19 -16.79 15.91
N GLN C 201 -9.30 -16.34 15.36
CA GLN C 201 -10.55 -17.08 15.44
C GLN C 201 -10.52 -18.41 14.68
N LEU C 202 -9.96 -18.41 13.46
CA LEU C 202 -9.88 -19.64 12.66
C LEU C 202 -8.88 -20.61 13.24
N ALA C 203 -7.88 -20.09 13.95
CA ALA C 203 -6.92 -20.94 14.68
C ALA C 203 -7.55 -21.68 15.86
N ARG C 204 -8.66 -21.15 16.39
CA ARG C 204 -9.43 -21.86 17.41
C ARG C 204 -10.06 -23.18 16.87
N LEU C 205 -10.09 -23.37 15.56
CA LEU C 205 -10.46 -24.66 14.96
C LEU C 205 -9.35 -25.71 14.94
N ASP C 206 -8.11 -25.31 15.21
CA ASP C 206 -6.93 -26.24 15.28
C ASP C 206 -7.18 -27.57 16.07
N PRO C 207 -7.73 -27.49 17.30
CA PRO C 207 -7.87 -28.76 18.04
C PRO C 207 -8.92 -29.77 17.54
N PHE C 208 -9.81 -29.39 16.63
CA PHE C 208 -10.85 -30.32 16.20
C PHE C 208 -10.50 -31.24 15.04
N GLY C 209 -9.25 -31.25 14.56
CA GLY C 209 -8.82 -32.23 13.52
C GLY C 209 -9.63 -32.22 12.21
N LEU C 210 -10.00 -31.05 11.73
CA LEU C 210 -10.73 -30.94 10.49
C LEU C 210 -9.87 -31.38 9.27
N LEU C 211 -10.48 -32.00 8.26
CA LEU C 211 -9.79 -32.24 7.00
C LEU C 211 -9.35 -31.00 6.27
N LEU C 212 -10.21 -29.98 6.28
CA LEU C 212 -9.88 -28.77 5.61
C LEU C 212 -10.81 -27.63 5.99
N ILE C 213 -10.41 -26.41 5.62
CA ILE C 213 -11.28 -25.21 5.62
C ILE C 213 -11.27 -24.70 4.19
N GLU C 214 -12.46 -24.63 3.59
CA GLU C 214 -12.63 -24.28 2.21
C GLU C 214 -12.84 -22.73 2.11
N GLN C 215 -12.03 -22.08 1.29
CA GLN C 215 -12.20 -20.67 0.90
C GLN C 215 -12.56 -19.75 2.07
N PRO C 216 -11.70 -19.71 3.10
CA PRO C 216 -11.89 -18.76 4.20
C PRO C 216 -11.89 -17.25 3.80
N LEU C 217 -11.07 -16.87 2.83
CA LEU C 217 -10.90 -15.48 2.39
C LEU C 217 -11.45 -15.26 0.98
N GLU C 218 -11.41 -14.01 0.52
CA GLU C 218 -12.05 -13.65 -0.74
C GLU C 218 -11.37 -14.34 -1.97
N GLU C 219 -12.13 -14.45 -3.05
CA GLU C 219 -11.72 -15.09 -4.31
C GLU C 219 -10.37 -14.62 -4.84
N GLU C 220 -10.15 -13.31 -4.84
CA GLU C 220 -8.89 -12.71 -5.31
C GLU C 220 -7.68 -12.78 -4.36
N ASP C 221 -7.89 -13.13 -3.08
CA ASP C 221 -6.81 -13.07 -2.11
C ASP C 221 -6.04 -14.40 -1.95
N VAL C 222 -5.32 -14.78 -2.99
CA VAL C 222 -4.53 -15.99 -3.03
C VAL C 222 -3.32 -15.86 -2.09
N LEU C 223 -2.59 -14.75 -2.17
CA LEU C 223 -1.48 -14.52 -1.23
C LEU C 223 -1.88 -14.49 0.24
N GLY C 224 -3.06 -13.94 0.53
CA GLY C 224 -3.62 -13.97 1.87
C GLY C 224 -3.87 -15.40 2.36
N HIS C 225 -4.30 -16.30 1.46
CA HIS C 225 -4.48 -17.66 1.87
C HIS C 225 -3.16 -18.33 2.22
N ALA C 226 -2.10 -18.03 1.48
CA ALA C 226 -0.78 -18.48 1.84
C ALA C 226 -0.33 -17.96 3.20
N GLU C 227 -0.63 -16.70 3.50
CA GLU C 227 -0.34 -16.11 4.80
C GLU C 227 -1.14 -16.80 5.88
N LEU C 228 -2.43 -17.03 5.61
CA LEU C 228 -3.28 -17.70 6.60
C LEU C 228 -2.77 -19.11 6.93
N ALA C 229 -2.22 -19.79 5.94
CA ALA C 229 -1.76 -21.15 6.15
C ALA C 229 -0.59 -21.23 7.11
N ARG C 230 0.21 -20.17 7.20
CA ARG C 230 1.31 -20.08 8.19
C ARG C 230 0.80 -19.88 9.63
N ARG C 231 -0.46 -19.50 9.77
CA ARG C 231 -1.05 -19.26 11.07
C ARG C 231 -2.03 -20.29 11.62
N ILE C 232 -2.57 -21.14 10.79
CA ILE C 232 -3.49 -22.17 11.28
C ILE C 232 -3.04 -23.57 10.89
N GLN C 233 -3.48 -24.55 11.67
CA GLN C 233 -3.13 -25.95 11.46
C GLN C 233 -4.08 -26.59 10.45
N THR C 234 -5.33 -26.11 10.36
CA THR C 234 -6.26 -26.69 9.41
C THR C 234 -5.80 -26.43 7.97
N PRO C 235 -5.70 -27.48 7.15
CA PRO C 235 -5.32 -27.29 5.74
C PRO C 235 -6.28 -26.41 4.94
N ILE C 236 -5.73 -25.59 4.05
CA ILE C 236 -6.53 -24.71 3.25
C ILE C 236 -6.94 -25.38 1.96
N CYS C 237 -8.20 -25.23 1.63
CA CYS C 237 -8.76 -25.68 0.37
C CYS C 237 -9.36 -24.46 -0.31
N LEU C 238 -9.22 -24.37 -1.62
CA LEU C 238 -9.76 -23.25 -2.37
C LEU C 238 -10.88 -23.79 -3.25
N ASP C 239 -11.83 -22.91 -3.53
CA ASP C 239 -12.95 -23.20 -4.36
C ASP C 239 -13.14 -22.03 -5.28
N GLU C 240 -13.75 -20.95 -4.78
CA GLU C 240 -13.99 -19.72 -5.59
C GLU C 240 -12.72 -19.25 -6.35
N SER C 241 -11.53 -19.36 -5.72
CA SER C 241 -10.27 -18.87 -6.33
C SER C 241 -9.82 -19.69 -7.52
N ILE C 242 -10.27 -20.94 -7.62
CA ILE C 242 -9.74 -21.86 -8.65
C ILE C 242 -10.62 -21.77 -9.87
N VAL C 243 -10.31 -20.82 -10.72
CA VAL C 243 -11.10 -20.58 -11.92
C VAL C 243 -10.56 -21.25 -13.18
N SER C 244 -9.43 -21.93 -13.08
CA SER C 244 -8.78 -22.53 -14.22
C SER C 244 -7.63 -23.39 -13.74
N ALA C 245 -7.05 -24.14 -14.65
CA ALA C 245 -5.85 -24.90 -14.36
C ALA C 245 -4.67 -24.01 -14.06
N ARG C 246 -4.53 -22.92 -14.81
CA ARG C 246 -3.47 -21.93 -14.53
C ARG C 246 -3.63 -21.36 -13.15
N ALA C 247 -4.86 -21.04 -12.75
CA ALA C 247 -5.09 -20.55 -11.38
C ALA C 247 -4.71 -21.54 -10.29
N ALA C 248 -4.96 -22.82 -10.54
CA ALA C 248 -4.58 -23.86 -9.57
C ALA C 248 -3.07 -23.98 -9.46
N ALA C 249 -2.40 -23.94 -10.62
CA ALA C 249 -0.94 -24.00 -10.63
C ALA C 249 -0.32 -22.82 -9.88
N ASP C 250 -0.89 -21.64 -10.09
CA ASP C 250 -0.44 -20.40 -9.42
C ASP C 250 -0.64 -20.50 -7.89
N ALA C 251 -1.82 -20.92 -7.46
CA ALA C 251 -2.08 -21.08 -6.04
C ALA C 251 -1.13 -22.07 -5.38
N ILE C 252 -0.87 -23.16 -6.08
CA ILE C 252 -0.04 -24.22 -5.54
C ILE C 252 1.40 -23.73 -5.44
N LYS C 253 1.94 -23.15 -6.50
CA LYS C 253 3.27 -22.48 -6.42
C LYS C 253 3.43 -21.49 -5.28
N LEU C 254 2.40 -20.75 -4.94
CA LEU C 254 2.48 -19.77 -3.89
C LEU C 254 2.22 -20.31 -2.49
N GLY C 255 2.02 -21.63 -2.34
CA GLY C 255 1.72 -22.21 -1.01
C GLY C 255 0.39 -21.77 -0.45
N ALA C 256 -0.55 -21.45 -1.32
CA ALA C 256 -1.87 -20.97 -0.88
C ALA C 256 -2.90 -22.03 -0.70
N VAL C 257 -2.58 -23.29 -1.05
CA VAL C 257 -3.59 -24.33 -1.09
C VAL C 257 -2.93 -25.67 -0.92
N GLN C 258 -3.54 -26.54 -0.14
CA GLN C 258 -3.14 -27.95 0.01
C GLN C 258 -4.10 -28.98 -0.60
N ILE C 259 -5.34 -28.61 -0.82
CA ILE C 259 -6.40 -29.46 -1.38
C ILE C 259 -7.28 -28.56 -2.25
N VAL C 260 -7.71 -29.04 -3.42
CA VAL C 260 -8.53 -28.25 -4.32
C VAL C 260 -9.94 -28.86 -4.55
N ASN C 261 -10.96 -28.02 -4.43
CA ASN C 261 -12.30 -28.36 -4.78
C ASN C 261 -12.45 -28.07 -6.30
N ILE C 262 -12.86 -29.08 -7.09
CA ILE C 262 -13.15 -28.88 -8.49
C ILE C 262 -14.64 -28.81 -8.72
N LYS C 263 -15.08 -27.70 -9.31
CA LYS C 263 -16.42 -27.54 -9.86
C LYS C 263 -16.36 -27.17 -11.34
N PRO C 264 -16.82 -28.06 -12.20
CA PRO C 264 -16.74 -27.86 -13.65
C PRO C 264 -17.23 -26.50 -14.15
N GLY C 265 -18.40 -26.07 -13.73
CA GLY C 265 -18.96 -24.81 -14.20
C GLY C 265 -18.06 -23.64 -13.80
N ARG C 266 -17.60 -23.66 -12.55
CA ARG C 266 -16.76 -22.57 -12.03
C ARG C 266 -15.48 -22.36 -12.86
N VAL C 267 -14.95 -23.44 -13.47
CA VAL C 267 -13.75 -23.40 -14.26
C VAL C 267 -13.95 -23.34 -15.77
N GLY C 268 -15.19 -23.24 -16.21
CA GLY C 268 -15.50 -23.13 -17.64
C GLY C 268 -15.67 -24.41 -18.39
N GLY C 269 -16.02 -25.48 -17.65
CA GLY C 269 -16.36 -26.75 -18.26
C GLY C 269 -15.68 -28.02 -17.76
N TYR C 270 -16.21 -29.17 -18.19
CA TYR C 270 -15.68 -30.48 -17.83
C TYR C 270 -14.29 -30.71 -18.41
N LEU C 271 -13.98 -30.18 -19.58
CA LEU C 271 -12.66 -30.35 -20.15
C LEU C 271 -11.59 -29.56 -19.39
N GLU C 272 -11.88 -28.32 -19.01
CA GLU C 272 -10.95 -27.63 -18.14
C GLU C 272 -10.87 -28.33 -16.75
N ALA C 273 -11.98 -28.87 -16.24
CA ALA C 273 -11.96 -29.54 -14.95
C ALA C 273 -11.02 -30.71 -14.94
N ARG C 274 -11.02 -31.46 -16.04
CA ARG C 274 -10.07 -32.50 -16.22
C ARG C 274 -8.58 -31.96 -16.17
N ARG C 275 -8.30 -30.85 -16.84
CA ARG C 275 -6.97 -30.24 -16.76
C ARG C 275 -6.63 -29.77 -15.34
N VAL C 276 -7.61 -29.29 -14.57
CA VAL C 276 -7.34 -28.91 -13.17
C VAL C 276 -6.95 -30.14 -12.37
N HIS C 277 -7.67 -31.23 -12.62
CA HIS C 277 -7.35 -32.49 -11.96
C HIS C 277 -5.92 -32.96 -12.21
N ASP C 278 -5.50 -32.85 -13.47
CA ASP C 278 -4.20 -33.31 -13.93
C ASP C 278 -3.06 -32.45 -13.42
N VAL C 279 -3.28 -31.14 -13.38
CA VAL C 279 -2.33 -30.22 -12.81
C VAL C 279 -2.16 -30.46 -11.31
N CYS C 280 -3.26 -30.59 -10.60
CA CYS C 280 -3.18 -30.91 -9.18
C CYS C 280 -2.49 -32.25 -8.90
N ALA C 281 -2.83 -33.30 -9.66
CA ALA C 281 -2.18 -34.61 -9.51
C ALA C 281 -0.65 -34.49 -9.67
N ALA C 282 -0.22 -33.76 -10.69
CA ALA C 282 1.19 -33.62 -10.96
C ALA C 282 1.96 -32.93 -9.82
N HIS C 283 1.30 -32.10 -9.03
CA HIS C 283 1.92 -31.48 -7.86
C HIS C 283 1.62 -32.18 -6.53
N GLY C 284 0.94 -33.33 -6.56
CA GLY C 284 0.62 -34.07 -5.34
C GLY C 284 -0.52 -33.47 -4.52
N ILE C 285 -1.34 -32.65 -5.12
CA ILE C 285 -2.44 -31.99 -4.47
C ILE C 285 -3.71 -32.81 -4.68
N PRO C 286 -4.28 -33.38 -3.61
CA PRO C 286 -5.58 -34.09 -3.72
C PRO C 286 -6.70 -33.17 -4.19
N VAL C 287 -7.65 -33.70 -4.96
CA VAL C 287 -8.81 -32.96 -5.32
C VAL C 287 -10.07 -33.71 -4.91
N TRP C 288 -11.16 -32.98 -4.84
CA TRP C 288 -12.47 -33.54 -4.60
C TRP C 288 -13.53 -32.78 -5.38
N CYS C 289 -14.63 -33.45 -5.70
CA CYS C 289 -15.69 -32.91 -6.56
C CYS C 289 -16.74 -32.10 -5.80
N GLY C 290 -16.94 -30.86 -6.22
CA GLY C 290 -17.91 -29.98 -5.61
C GLY C 290 -19.26 -30.17 -6.24
N ASP C 291 -20.22 -29.51 -5.64
CA ASP C 291 -21.61 -29.61 -6.05
C ASP C 291 -22.19 -28.21 -6.01
N MET C 292 -23.06 -27.93 -6.94
CA MET C 292 -23.74 -26.65 -6.99
C MET C 292 -25.26 -26.88 -6.96
N ILE C 293 -25.69 -27.91 -6.22
CA ILE C 293 -27.11 -28.32 -6.16
C ILE C 293 -27.70 -28.51 -7.58
N GLU C 294 -26.98 -29.24 -8.40
CA GLU C 294 -27.41 -29.49 -9.74
C GLU C 294 -28.58 -30.48 -9.78
N THR C 295 -29.32 -30.42 -10.88
CA THR C 295 -30.22 -31.50 -11.28
C THR C 295 -29.42 -32.72 -11.65
N GLY C 296 -30.13 -33.80 -11.95
CA GLY C 296 -29.51 -35.07 -12.33
C GLY C 296 -28.59 -35.02 -13.55
N LEU C 297 -28.74 -34.00 -14.39
CA LEU C 297 -27.86 -33.84 -15.55
C LEU C 297 -26.44 -33.53 -15.10
N GLY C 298 -26.31 -32.44 -14.35
CA GLY C 298 -25.03 -32.07 -13.78
C GLY C 298 -24.52 -33.09 -12.80
N ARG C 299 -25.43 -33.67 -12.02
CA ARG C 299 -25.01 -34.67 -11.02
C ARG C 299 -24.38 -35.87 -11.74
N ALA C 300 -24.93 -36.27 -12.88
CA ALA C 300 -24.39 -37.39 -13.65
C ALA C 300 -22.98 -37.11 -14.19
N ALA C 301 -22.79 -35.91 -14.70
CA ALA C 301 -21.50 -35.49 -15.21
C ALA C 301 -20.49 -35.39 -14.03
N ASN C 302 -20.90 -34.85 -12.89
CA ASN C 302 -20.01 -34.74 -11.77
C ASN C 302 -19.56 -36.08 -11.22
N VAL C 303 -20.47 -37.05 -11.15
CA VAL C 303 -20.14 -38.37 -10.60
C VAL C 303 -19.14 -39.03 -11.51
N ALA C 304 -19.33 -38.87 -12.82
CA ALA C 304 -18.32 -39.31 -13.79
C ALA C 304 -16.94 -38.65 -13.54
N LEU C 305 -16.92 -37.32 -13.47
CA LEU C 305 -15.70 -36.57 -13.17
C LEU C 305 -15.06 -37.03 -11.85
N ALA C 306 -15.85 -37.23 -10.80
CA ALA C 306 -15.33 -37.65 -9.50
C ALA C 306 -14.71 -39.06 -9.48
N SER C 307 -14.89 -39.84 -10.55
CA SER C 307 -14.29 -41.17 -10.65
C SER C 307 -12.86 -41.18 -11.26
N LEU C 308 -12.29 -40.00 -11.54
CA LEU C 308 -10.90 -39.86 -11.96
C LEU C 308 -9.94 -40.18 -10.80
N PRO C 309 -8.70 -40.53 -11.10
CA PRO C 309 -7.81 -41.14 -10.09
C PRO C 309 -7.39 -40.27 -8.93
N ASN C 310 -7.30 -38.97 -9.12
CA ASN C 310 -6.78 -38.09 -8.08
C ASN C 310 -7.89 -37.51 -7.19
N PHE C 311 -9.15 -37.87 -7.46
CA PHE C 311 -10.23 -37.53 -6.53
C PHE C 311 -10.15 -38.47 -5.32
N THR C 312 -9.38 -38.10 -4.31
CA THR C 312 -9.05 -39.02 -3.23
C THR C 312 -9.66 -38.62 -1.91
N LEU C 313 -10.52 -37.61 -1.96
CA LEU C 313 -11.33 -37.22 -0.79
C LEU C 313 -12.75 -37.21 -1.27
N PRO C 314 -13.69 -37.55 -0.39
CA PRO C 314 -15.10 -37.64 -0.79
C PRO C 314 -15.63 -36.31 -1.27
N GLY C 315 -16.50 -36.35 -2.27
CA GLY C 315 -17.11 -35.15 -2.83
C GLY C 315 -18.43 -34.75 -2.20
N ASP C 316 -18.93 -33.60 -2.62
CA ASP C 316 -20.23 -33.07 -2.23
C ASP C 316 -21.32 -33.64 -3.12
N THR C 317 -21.01 -34.54 -4.05
CA THR C 317 -22.08 -35.08 -4.93
C THR C 317 -23.00 -36.04 -4.17
N SER C 318 -23.95 -35.46 -3.45
CA SER C 318 -24.88 -36.17 -2.62
C SER C 318 -25.98 -36.76 -3.51
N ALA C 319 -26.82 -37.59 -2.91
CA ALA C 319 -27.90 -38.23 -3.65
C ALA C 319 -28.94 -37.19 -4.01
N SER C 320 -29.67 -37.42 -5.10
CA SER C 320 -30.74 -36.49 -5.54
C SER C 320 -31.66 -36.03 -4.41
N ASP C 321 -32.07 -36.98 -3.57
CA ASP C 321 -33.06 -36.68 -2.50
C ASP C 321 -32.54 -35.86 -1.31
N ARG C 322 -31.24 -35.63 -1.24
CA ARG C 322 -30.72 -34.65 -0.29
C ARG C 322 -31.27 -33.25 -0.60
N TYR C 323 -31.49 -32.94 -1.87
CA TYR C 323 -31.92 -31.62 -2.27
C TYR C 323 -33.34 -31.59 -2.81
N TYR C 324 -33.72 -32.62 -3.58
CA TYR C 324 -35.01 -32.66 -4.31
C TYR C 324 -35.96 -33.87 -4.00
N LYS C 325 -37.28 -33.65 -3.72
CA LYS C 325 -38.27 -34.77 -3.64
C LYS C 325 -38.30 -35.43 -5.02
N THR C 326 -38.32 -34.64 -6.08
CA THR C 326 -38.44 -35.16 -7.46
C THR C 326 -37.39 -34.53 -8.40
N ASP C 327 -36.40 -35.33 -8.79
CA ASP C 327 -35.41 -34.91 -9.79
C ASP C 327 -36.03 -35.04 -11.19
N ILE C 328 -35.51 -34.28 -12.14
CA ILE C 328 -35.96 -34.37 -13.54
C ILE C 328 -35.40 -35.52 -14.34
N THR C 329 -34.53 -36.29 -13.72
CA THR C 329 -33.90 -37.39 -14.36
C THR C 329 -34.23 -38.59 -13.49
N GLU C 330 -33.85 -39.78 -13.94
CA GLU C 330 -33.73 -40.87 -12.97
C GLU C 330 -32.82 -40.49 -11.77
N PRO C 331 -33.37 -40.53 -10.54
CA PRO C 331 -32.60 -40.04 -9.38
C PRO C 331 -31.33 -40.83 -9.04
N PHE C 332 -30.37 -40.15 -8.42
CA PHE C 332 -29.18 -40.77 -7.87
C PHE C 332 -29.51 -41.17 -6.44
N VAL C 333 -29.21 -42.44 -6.14
CA VAL C 333 -29.55 -43.03 -4.85
C VAL C 333 -28.32 -43.59 -4.16
N LEU C 334 -28.11 -43.10 -2.96
CA LEU C 334 -26.97 -43.54 -2.17
C LEU C 334 -27.07 -45.04 -1.87
N SER C 335 -25.92 -45.70 -1.83
CA SER C 335 -25.85 -47.15 -1.62
C SER C 335 -24.47 -47.49 -1.05
N GLY C 336 -24.40 -47.76 0.24
CA GLY C 336 -23.12 -48.01 0.91
C GLY C 336 -22.23 -46.78 0.95
N GLY C 337 -22.84 -45.60 1.12
CA GLY C 337 -22.15 -44.34 1.01
C GLY C 337 -21.61 -43.93 -0.38
N HIS C 338 -21.94 -44.68 -1.44
CA HIS C 338 -21.49 -44.43 -2.78
C HIS C 338 -22.60 -44.12 -3.79
N LEU C 339 -22.24 -43.48 -4.88
CA LEU C 339 -23.12 -43.27 -6.01
C LEU C 339 -22.47 -44.00 -7.18
N PRO C 340 -23.28 -44.59 -8.04
CA PRO C 340 -22.71 -45.29 -9.18
C PRO C 340 -22.49 -44.39 -10.39
N VAL C 341 -21.44 -44.68 -11.11
CA VAL C 341 -21.04 -43.91 -12.26
C VAL C 341 -21.93 -44.36 -13.40
N PRO C 342 -22.57 -43.41 -14.11
CA PRO C 342 -23.42 -43.71 -15.27
C PRO C 342 -22.70 -44.40 -16.41
N THR C 343 -23.47 -45.17 -17.21
CA THR C 343 -22.87 -46.06 -18.21
C THR C 343 -23.32 -45.88 -19.63
N GLY C 344 -24.48 -45.28 -19.87
CA GLY C 344 -24.84 -45.10 -21.26
C GLY C 344 -23.98 -44.10 -22.05
N PRO C 345 -24.36 -43.84 -23.31
CA PRO C 345 -23.72 -42.74 -24.03
C PRO C 345 -23.96 -41.38 -23.40
N GLY C 346 -22.98 -40.48 -23.63
CA GLY C 346 -22.97 -39.14 -23.05
C GLY C 346 -23.11 -39.11 -21.54
N LEU C 347 -23.98 -38.24 -21.06
CA LEU C 347 -24.20 -38.12 -19.63
C LEU C 347 -24.66 -39.40 -19.00
N GLY C 348 -25.30 -40.26 -19.82
CA GLY C 348 -25.92 -41.51 -19.35
C GLY C 348 -27.33 -41.36 -18.76
N VAL C 349 -27.87 -40.13 -18.82
CA VAL C 349 -29.17 -39.75 -18.35
C VAL C 349 -29.70 -38.63 -19.23
N ALA C 350 -31.02 -38.45 -19.17
CA ALA C 350 -31.73 -37.44 -19.94
C ALA C 350 -32.96 -37.02 -19.17
N PRO C 351 -33.48 -35.81 -19.45
CA PRO C 351 -34.65 -35.38 -18.68
C PRO C 351 -35.88 -36.19 -19.07
N ILE C 352 -36.66 -36.55 -18.07
CA ILE C 352 -37.96 -37.18 -18.26
C ILE C 352 -38.90 -36.03 -18.61
N PRO C 353 -39.37 -35.97 -19.87
CA PRO C 353 -40.03 -34.72 -20.39
C PRO C 353 -41.20 -34.16 -19.59
N GLU C 354 -41.97 -35.04 -18.95
CA GLU C 354 -43.15 -34.66 -18.15
C GLU C 354 -42.70 -33.98 -16.89
N LEU C 355 -41.66 -34.53 -16.25
CA LEU C 355 -41.10 -33.92 -15.03
C LEU C 355 -40.43 -32.56 -15.30
N LEU C 356 -39.75 -32.47 -16.44
CA LEU C 356 -39.08 -31.24 -16.85
C LEU C 356 -40.05 -30.12 -17.15
N ASP C 357 -41.12 -30.44 -17.87
CA ASP C 357 -42.18 -29.46 -18.17
C ASP C 357 -42.82 -28.89 -16.89
N GLU C 358 -43.04 -29.72 -15.86
CA GLU C 358 -43.66 -29.26 -14.60
C GLU C 358 -42.87 -28.11 -13.99
N VAL C 359 -41.55 -28.14 -14.16
CA VAL C 359 -40.63 -27.19 -13.49
C VAL C 359 -40.02 -26.12 -14.42
N THR C 360 -40.29 -26.19 -15.70
CA THR C 360 -39.89 -25.16 -16.63
C THR C 360 -40.71 -23.86 -16.50
N THR C 361 -40.04 -22.72 -16.26
CA THR C 361 -40.71 -21.43 -16.16
C THR C 361 -40.63 -20.64 -17.44
N ALA C 362 -39.75 -21.02 -18.37
CA ALA C 362 -39.53 -20.24 -19.63
C ALA C 362 -38.63 -21.00 -20.57
N LYS C 363 -38.69 -20.68 -21.83
CA LYS C 363 -38.08 -21.50 -22.84
C LYS C 363 -37.88 -20.63 -24.08
N VAL C 364 -36.73 -20.71 -24.74
CA VAL C 364 -36.51 -20.00 -25.98
C VAL C 364 -35.55 -20.78 -26.87
N TRP C 365 -35.79 -20.67 -28.16
CA TRP C 365 -34.99 -21.34 -29.14
C TRP C 365 -34.02 -20.32 -29.79
N ILE C 366 -32.72 -20.65 -29.92
CA ILE C 366 -31.73 -19.80 -30.61
C ILE C 366 -31.15 -20.59 -31.78
N GLY C 367 -31.35 -20.14 -33.04
CA GLY C 367 -31.20 -20.98 -34.30
C GLY C 367 -30.62 -20.35 -35.58
N MET D 1 36.62 12.26 35.48
CA MET D 1 36.45 13.57 34.93
C MET D 1 35.13 14.14 35.38
N LYS D 2 35.10 15.16 36.23
CA LYS D 2 33.81 15.77 36.58
C LYS D 2 33.77 16.86 35.53
N LEU D 3 32.63 17.01 34.84
CA LEU D 3 32.44 18.11 33.89
C LEU D 3 31.97 19.38 34.63
N SER D 4 32.73 20.47 34.50
CA SER D 4 32.44 21.78 35.18
C SER D 4 31.43 22.60 34.38
N GLY D 5 31.58 22.58 33.05
CA GLY D 5 30.61 23.21 32.16
C GLY D 5 31.00 23.18 30.70
N VAL D 6 30.16 23.77 29.88
CA VAL D 6 30.42 23.81 28.46
C VAL D 6 30.11 25.20 27.92
N GLU D 7 31.00 25.70 27.10
CA GLU D 7 30.80 26.91 26.34
C GLU D 7 30.30 26.58 24.93
N LEU D 8 29.14 27.13 24.56
CA LEU D 8 28.58 27.05 23.26
C LEU D 8 28.86 28.33 22.49
N ARG D 9 29.50 28.21 21.33
CA ARG D 9 29.78 29.31 20.41
C ARG D 9 29.06 29.13 19.08
N ARG D 10 28.44 30.17 18.55
CA ARG D 10 28.02 30.24 17.17
C ARG D 10 29.16 30.89 16.39
N VAL D 11 29.49 30.31 15.26
CA VAL D 11 30.61 30.74 14.44
C VAL D 11 30.10 30.87 13.01
N GLN D 12 30.58 31.88 12.30
CA GLN D 12 30.27 32.07 10.89
C GLN D 12 31.56 32.33 10.10
N MET D 13 31.85 31.52 9.09
CA MET D 13 33.09 31.59 8.34
C MET D 13 32.79 31.64 6.87
N PRO D 14 33.35 32.61 6.17
CA PRO D 14 33.03 32.70 4.71
C PRO D 14 33.73 31.56 3.91
N LEU D 15 33.07 31.08 2.87
CA LEU D 15 33.63 30.08 1.96
C LEU D 15 34.34 30.74 0.79
N VAL D 16 35.46 30.18 0.39
CA VAL D 16 36.17 30.58 -0.76
C VAL D 16 35.28 30.68 -2.02
N ALA D 17 34.25 29.84 -2.14
CA ALA D 17 33.37 29.84 -3.32
C ALA D 17 32.02 29.28 -2.92
N PRO D 18 30.94 29.70 -3.56
CA PRO D 18 29.64 29.09 -3.26
C PRO D 18 29.64 27.55 -3.46
N PHE D 19 29.00 26.85 -2.54
CA PHE D 19 28.93 25.40 -2.58
C PHE D 19 27.44 25.02 -2.78
N ARG D 20 27.15 24.51 -3.97
CA ARG D 20 25.80 24.09 -4.26
C ARG D 20 25.61 22.54 -4.29
N THR D 21 24.49 22.12 -3.75
CA THR D 21 24.17 20.75 -3.45
C THR D 21 22.73 20.58 -3.95
N SER D 22 22.21 19.38 -4.02
CA SER D 22 20.78 19.24 -4.42
C SER D 22 19.78 19.97 -3.52
N PHE D 23 20.13 20.20 -2.25
CA PHE D 23 19.25 20.88 -1.26
C PHE D 23 19.42 22.41 -1.10
N GLY D 24 20.41 23.01 -1.75
CA GLY D 24 20.60 24.46 -1.68
C GLY D 24 22.03 24.88 -1.89
N THR D 25 22.29 26.17 -1.62
CA THR D 25 23.58 26.81 -1.89
C THR D 25 24.01 27.54 -0.67
N ALA D 26 25.32 27.53 -0.41
CA ALA D 26 25.88 28.24 0.72
C ALA D 26 27.14 28.98 0.31
N SER D 27 27.25 30.23 0.81
CA SER D 27 28.45 31.09 0.69
C SER D 27 29.22 31.21 1.99
N VAL D 28 28.68 30.61 3.03
CA VAL D 28 29.16 30.76 4.36
C VAL D 28 28.91 29.43 5.06
N ARG D 29 29.69 29.14 6.07
CA ARG D 29 29.43 28.03 6.97
C ARG D 29 29.03 28.60 8.32
N GLU D 30 27.82 28.31 8.80
CA GLU D 30 27.39 28.63 10.17
C GLU D 30 27.44 27.36 11.01
N LEU D 31 28.15 27.38 12.12
CA LEU D 31 28.25 26.18 12.95
C LEU D 31 28.28 26.45 14.45
N LEU D 32 28.13 25.37 15.24
CA LEU D 32 28.29 25.37 16.68
C LEU D 32 29.61 24.77 17.07
N LEU D 33 30.37 25.43 17.96
CA LEU D 33 31.51 24.84 18.62
C LEU D 33 31.23 24.71 20.11
N LEU D 34 31.82 23.70 20.72
CA LEU D 34 31.67 23.42 22.14
C LEU D 34 33.06 23.44 22.77
N ARG D 35 33.18 24.09 23.93
CA ARG D 35 34.38 23.99 24.77
C ARG D 35 33.95 23.34 26.09
N ALA D 36 34.35 22.10 26.29
CA ALA D 36 34.07 21.44 27.52
C ALA D 36 35.17 21.82 28.48
N VAL D 37 34.79 22.19 29.69
CA VAL D 37 35.75 22.57 30.75
C VAL D 37 35.71 21.55 31.88
N THR D 38 36.89 21.07 32.23
CA THR D 38 37.09 20.17 33.36
C THR D 38 38.08 20.82 34.35
N PRO D 39 38.19 20.27 35.57
CA PRO D 39 39.28 20.69 36.44
C PRO D 39 40.67 20.52 35.78
N ALA D 40 40.88 19.36 35.12
CA ALA D 40 42.09 19.09 34.28
C ALA D 40 42.40 20.17 33.17
N GLY D 41 41.37 20.64 32.47
CA GLY D 41 41.52 21.50 31.28
C GLY D 41 40.35 21.40 30.28
N GLU D 42 40.63 21.85 29.07
CA GLU D 42 39.65 22.17 28.06
C GLU D 42 39.63 20.97 26.96
N GLY D 43 38.47 20.78 26.33
CA GLY D 43 38.37 19.99 25.11
C GLY D 43 37.40 20.66 24.17
N TRP D 44 37.64 20.50 22.88
CA TRP D 44 36.83 21.10 21.85
C TRP D 44 35.98 20.09 21.06
N GLY D 45 34.75 20.47 20.74
CA GLY D 45 33.93 19.73 19.83
C GLY D 45 33.27 20.63 18.81
N GLU D 46 32.82 20.02 17.71
CA GLU D 46 32.21 20.72 16.62
C GLU D 46 30.93 19.98 16.21
N CYS D 47 29.83 20.73 16.07
CA CYS D 47 28.57 20.23 15.54
C CYS D 47 28.55 20.44 14.04
N VAL D 48 28.07 19.45 13.32
CA VAL D 48 28.05 19.51 11.86
C VAL D 48 26.67 19.92 11.33
N THR D 49 25.73 20.31 12.19
CA THR D 49 24.49 20.89 11.69
C THR D 49 24.74 22.11 10.80
N ILE D 50 23.77 22.38 9.95
CA ILE D 50 23.69 23.57 9.18
C ILE D 50 22.50 24.44 9.67
N ALA D 51 22.22 25.55 9.00
CA ALA D 51 21.27 26.55 9.48
C ALA D 51 19.83 26.07 9.55
N GLY D 52 19.41 25.32 8.54
CA GLY D 52 18.01 24.79 8.49
C GLY D 52 17.99 23.28 8.24
N PRO D 53 16.85 22.64 8.48
CA PRO D 53 16.76 21.20 8.31
C PRO D 53 16.58 20.73 6.84
N LEU D 54 17.61 20.92 6.05
CA LEU D 54 17.58 20.63 4.66
C LEU D 54 18.36 19.37 4.25
N TYR D 55 19.34 18.98 5.06
CA TYR D 55 20.12 17.74 4.86
C TYR D 55 19.56 16.63 5.78
N SER D 56 19.26 16.97 7.03
CA SER D 56 18.61 16.08 7.98
C SER D 56 17.73 16.96 8.87
N SER D 57 17.02 16.36 9.80
CA SER D 57 16.07 17.09 10.62
C SER D 57 16.74 18.02 11.66
N GLU D 58 18.04 17.84 11.89
CA GLU D 58 18.77 18.64 12.82
C GLU D 58 19.27 19.92 12.16
N TYR D 59 19.33 20.98 12.96
CA TYR D 59 19.83 22.27 12.51
C TYR D 59 20.38 23.10 13.68
N ASN D 60 21.10 24.17 13.37
CA ASN D 60 21.93 24.87 14.39
C ASN D 60 21.16 25.33 15.61
N ASP D 61 20.04 26.03 15.43
CA ASP D 61 19.25 26.47 16.59
C ASP D 61 18.66 25.30 17.38
N GLY D 62 18.26 24.25 16.69
CA GLY D 62 17.77 23.01 17.34
C GLY D 62 18.84 22.29 18.14
N ALA D 63 20.02 22.20 17.59
CA ALA D 63 21.11 21.59 18.29
C ALA D 63 21.49 22.39 19.52
N GLU D 64 21.54 23.71 19.37
CA GLU D 64 21.93 24.60 20.48
C GLU D 64 20.92 24.41 21.59
N HIS D 65 19.65 24.38 21.23
CA HIS D 65 18.59 24.19 22.20
C HIS D 65 18.67 22.87 22.92
N VAL D 66 18.80 21.77 22.18
CA VAL D 66 18.76 20.47 22.82
C VAL D 66 20.01 20.27 23.66
N LEU D 67 21.15 20.78 23.20
CA LEU D 67 22.40 20.70 24.02
C LEU D 67 22.27 21.44 25.35
N ARG D 68 21.73 22.63 25.26
CA ARG D 68 21.65 23.50 26.40
C ARG D 68 20.65 23.07 27.51
N HIS D 69 19.51 22.54 27.11
CA HIS D 69 18.43 22.22 28.04
C HIS D 69 18.29 20.74 28.36
N TYR D 70 18.94 19.84 27.61
CA TYR D 70 18.83 18.40 27.87
C TYR D 70 20.17 17.71 27.96
N LEU D 71 20.98 17.81 26.92
CA LEU D 71 22.20 16.98 26.87
C LEU D 71 23.28 17.42 27.86
N ILE D 72 23.62 18.71 27.87
CA ILE D 72 24.68 19.20 28.75
C ILE D 72 24.27 19.03 30.21
N PRO D 73 23.01 19.41 30.56
CA PRO D 73 22.60 19.18 31.97
C PRO D 73 22.68 17.73 32.41
N ALA D 74 22.35 16.80 31.52
CA ALA D 74 22.42 15.35 31.88
C ALA D 74 23.87 14.93 32.17
N LEU D 75 24.84 15.52 31.48
CA LEU D 75 26.23 15.25 31.81
C LEU D 75 26.71 15.96 33.06
N LEU D 76 26.26 17.21 33.30
CA LEU D 76 26.67 17.93 34.52
C LEU D 76 26.13 17.27 35.81
N ALA D 77 24.93 16.73 35.74
CA ALA D 77 24.36 15.97 36.83
C ALA D 77 25.05 14.61 37.13
N ALA D 78 25.87 14.10 36.24
CA ALA D 78 26.49 12.84 36.51
C ALA D 78 27.75 13.07 37.31
N GLU D 79 28.24 12.04 37.98
CA GLU D 79 29.44 12.19 38.80
C GLU D 79 30.76 11.82 38.18
N ASP D 80 30.81 10.68 37.50
CA ASP D 80 32.06 10.25 36.91
C ASP D 80 32.31 10.90 35.58
N ILE D 81 31.79 10.25 34.58
CA ILE D 81 31.96 10.58 33.17
C ILE D 81 33.22 10.32 32.38
N THR D 82 33.03 9.59 31.29
CA THR D 82 34.02 9.31 30.32
C THR D 82 33.34 9.42 29.01
N ALA D 83 34.12 9.53 27.96
CA ALA D 83 33.56 9.59 26.62
C ALA D 83 32.65 8.40 26.37
N ALA D 84 33.08 7.20 26.76
CA ALA D 84 32.22 6.02 26.63
C ALA D 84 30.89 6.15 27.34
N LYS D 85 30.88 6.80 28.50
CA LYS D 85 29.65 6.87 29.30
C LYS D 85 28.66 7.93 28.83
N VAL D 86 29.11 8.81 27.94
CA VAL D 86 28.23 9.80 27.36
C VAL D 86 27.03 9.15 26.72
N THR D 87 27.26 8.10 25.96
CA THR D 87 26.14 7.42 25.26
C THR D 87 25.01 6.91 26.17
N PRO D 88 25.32 6.09 27.18
CA PRO D 88 24.25 5.66 28.13
C PRO D 88 23.64 6.83 28.92
N LEU D 89 24.45 7.82 29.32
CA LEU D 89 23.89 9.02 30.00
C LEU D 89 22.90 9.82 29.15
N LEU D 90 23.09 9.82 27.83
CA LEU D 90 22.20 10.52 26.92
C LEU D 90 21.23 9.61 26.15
N ALA D 91 21.19 8.32 26.46
CA ALA D 91 20.39 7.34 25.70
C ALA D 91 18.88 7.59 25.75
N LYS D 92 18.39 8.09 26.87
CA LYS D 92 16.95 8.40 27.02
C LYS D 92 16.47 9.49 26.02
N PHE D 93 17.38 10.28 25.46
CA PHE D 93 16.99 11.30 24.51
C PHE D 93 17.04 10.70 23.13
N LYS D 94 15.92 10.71 22.41
CA LYS D 94 15.84 10.09 21.10
C LYS D 94 16.45 10.99 20.08
N GLY D 95 17.26 10.43 19.19
CA GLY D 95 17.79 11.20 18.03
C GLY D 95 18.87 12.18 18.47
N HIS D 96 18.85 13.34 17.81
CA HIS D 96 19.77 14.44 18.07
C HIS D 96 21.21 13.96 18.03
N ARG D 97 21.50 13.17 17.02
CA ARG D 97 22.81 12.53 16.90
C ARG D 97 23.95 13.49 16.66
N MET D 98 23.73 14.50 15.84
CA MET D 98 24.79 15.50 15.57
C MET D 98 25.17 16.30 16.81
N ALA D 99 24.15 16.69 17.55
CA ALA D 99 24.35 17.33 18.83
C ALA D 99 25.06 16.41 19.82
N LYS D 100 24.60 15.17 19.98
CA LYS D 100 25.30 14.24 20.93
C LYS D 100 26.77 14.03 20.54
N GLY D 101 26.98 13.92 19.25
CA GLY D 101 28.31 13.65 18.73
C GLY D 101 29.29 14.78 19.00
N ALA D 102 28.81 16.00 18.81
CA ALA D 102 29.60 17.20 19.12
C ALA D 102 30.01 17.21 20.59
N LEU D 103 29.09 16.84 21.46
CA LEU D 103 29.38 16.84 22.87
C LEU D 103 30.34 15.76 23.22
N GLU D 104 30.10 14.56 22.70
CA GLU D 104 31.02 13.46 22.89
C GLU D 104 32.44 13.82 22.41
N MET D 105 32.54 14.53 21.30
CA MET D 105 33.85 14.95 20.78
C MET D 105 34.62 15.81 21.77
N ALA D 106 33.96 16.82 22.32
CA ALA D 106 34.56 17.71 23.30
C ALA D 106 34.98 16.94 24.55
N VAL D 107 34.13 16.03 25.05
CA VAL D 107 34.50 15.24 26.20
C VAL D 107 35.69 14.36 25.91
N LEU D 108 35.69 13.75 24.73
CA LEU D 108 36.77 12.86 24.35
C LEU D 108 38.09 13.60 24.22
N ASP D 109 38.04 14.77 23.60
CA ASP D 109 39.21 15.65 23.47
C ASP D 109 39.79 16.06 24.83
N ALA D 110 38.91 16.42 25.77
CA ALA D 110 39.39 16.71 27.14
C ALA D 110 39.99 15.46 27.80
N GLU D 111 39.31 14.33 27.72
CA GLU D 111 39.79 13.04 28.32
C GLU D 111 41.17 12.64 27.74
N LEU D 112 41.31 12.72 26.42
CA LEU D 112 42.52 12.29 25.80
C LEU D 112 43.70 13.24 26.04
N ARG D 113 43.43 14.56 26.03
CA ARG D 113 44.44 15.56 26.43
C ARG D 113 45.00 15.24 27.82
N ALA D 114 44.14 14.84 28.74
CA ALA D 114 44.56 14.50 30.08
C ALA D 114 45.38 13.24 30.20
N HIS D 115 45.28 12.33 29.26
CA HIS D 115 46.14 11.16 29.21
C HIS D 115 47.24 11.36 28.16
N GLU D 116 47.39 12.56 27.63
CA GLU D 116 48.42 12.85 26.60
C GLU D 116 48.38 11.89 25.38
N ARG D 117 47.17 11.61 24.90
CA ARG D 117 46.91 10.59 23.88
C ARG D 117 46.15 11.21 22.70
N SER D 118 46.52 10.85 21.48
CA SER D 118 45.90 11.42 20.31
C SER D 118 44.58 10.72 19.98
N PHE D 119 43.72 11.44 19.24
CA PHE D 119 42.53 10.84 18.64
C PHE D 119 42.94 9.62 17.79
N ALA D 120 43.99 9.78 16.99
CA ALA D 120 44.45 8.73 16.16
C ALA D 120 44.77 7.47 16.95
N ALA D 121 45.49 7.63 18.04
CA ALA D 121 45.83 6.46 18.87
C ALA D 121 44.58 5.81 19.47
N GLU D 122 43.67 6.62 20.01
CA GLU D 122 42.42 6.09 20.60
C GLU D 122 41.59 5.33 19.59
N LEU D 123 41.51 5.85 18.37
CA LEU D 123 40.63 5.24 17.37
C LEU D 123 41.23 3.98 16.71
N GLY D 124 42.55 3.82 16.79
CA GLY D 124 43.26 2.71 16.13
C GLY D 124 43.87 2.99 14.76
N SER D 125 44.48 4.14 14.61
CA SER D 125 45.18 4.53 13.41
C SER D 125 46.30 3.54 13.08
N VAL D 126 46.42 3.24 11.79
CA VAL D 126 47.52 2.42 11.27
C VAL D 126 48.41 3.11 10.22
N ARG D 127 48.13 4.36 9.88
CA ARG D 127 48.92 5.13 8.94
C ARG D 127 49.03 6.58 9.42
N ASP D 128 50.03 7.27 8.89
CA ASP D 128 50.40 8.65 9.29
C ASP D 128 49.90 9.69 8.35
N SER D 129 49.34 9.29 7.21
CA SER D 129 48.68 10.21 6.34
C SER D 129 47.61 9.47 5.56
N VAL D 130 46.71 10.23 4.97
CA VAL D 130 45.58 9.69 4.25
C VAL D 130 45.34 10.40 2.91
N PRO D 131 44.92 9.65 1.88
CA PRO D 131 44.70 10.27 0.58
C PRO D 131 43.38 10.98 0.58
N CYS D 132 43.33 12.09 -0.12
CA CYS D 132 42.20 12.99 -0.08
C CYS D 132 41.63 13.31 -1.42
N GLY D 133 40.30 13.27 -1.49
CA GLY D 133 39.58 13.69 -2.66
C GLY D 133 38.96 15.02 -2.36
N VAL D 134 38.10 15.42 -3.27
CA VAL D 134 37.38 16.66 -3.15
C VAL D 134 35.92 16.50 -3.63
N SER D 135 35.03 17.19 -2.96
CA SER D 135 33.63 17.25 -3.33
C SER D 135 33.38 18.56 -4.12
N VAL D 136 32.79 18.48 -5.32
CA VAL D 136 32.59 19.57 -6.20
C VAL D 136 31.11 19.80 -6.43
N GLY D 137 30.66 21.03 -6.23
CA GLY D 137 29.25 21.36 -6.26
C GLY D 137 28.64 21.42 -7.65
N ILE D 138 27.33 21.59 -7.66
CA ILE D 138 26.62 21.86 -8.85
C ILE D 138 27.01 23.28 -9.30
N MET D 139 27.17 23.44 -10.62
CA MET D 139 27.55 24.72 -11.25
C MET D 139 26.48 25.15 -12.25
N ASP D 140 26.59 26.39 -12.70
CA ASP D 140 25.62 26.91 -13.69
C ASP D 140 25.85 26.42 -15.11
N THR D 141 27.10 26.12 -15.46
CA THR D 141 27.44 25.67 -16.83
C THR D 141 28.48 24.53 -16.79
N ILE D 142 28.47 23.70 -17.84
CA ILE D 142 29.47 22.66 -17.98
C ILE D 142 30.90 23.24 -18.00
N PRO D 143 31.16 24.29 -18.82
CA PRO D 143 32.58 24.78 -18.88
C PRO D 143 33.16 25.32 -17.56
N GLN D 144 32.31 25.90 -16.72
CA GLN D 144 32.71 26.31 -15.36
C GLN D 144 33.08 25.11 -14.45
N LEU D 145 32.30 24.03 -14.55
CA LEU D 145 32.64 22.75 -13.88
C LEU D 145 33.98 22.17 -14.30
N LEU D 146 34.20 22.09 -15.61
CA LEU D 146 35.47 21.56 -16.14
C LEU D 146 36.69 22.35 -15.65
N ASP D 147 36.56 23.67 -15.59
CA ASP D 147 37.58 24.53 -14.98
C ASP D 147 37.89 24.15 -13.55
N VAL D 148 36.85 24.14 -12.70
CA VAL D 148 37.02 23.85 -11.27
C VAL D 148 37.66 22.48 -11.07
N VAL D 149 37.14 21.49 -11.80
CA VAL D 149 37.65 20.13 -11.70
C VAL D 149 39.09 20.04 -12.09
N GLY D 150 39.42 20.64 -13.24
CA GLY D 150 40.79 20.72 -13.72
C GLY D 150 41.72 21.35 -12.70
N GLY D 151 41.23 22.41 -12.04
CA GLY D 151 41.98 23.05 -10.93
C GLY D 151 42.33 22.14 -9.77
N TYR D 152 41.36 21.33 -9.35
CA TYR D 152 41.55 20.45 -8.21
C TYR D 152 42.45 19.27 -8.57
N LEU D 153 42.31 18.76 -9.79
CA LEU D 153 43.27 17.75 -10.28
C LEU D 153 44.71 18.27 -10.29
N ASP D 154 44.88 19.52 -10.72
CA ASP D 154 46.18 20.21 -10.68
C ASP D 154 46.75 20.35 -9.31
N GLU D 155 45.93 20.65 -8.30
CA GLU D 155 46.41 20.65 -6.89
C GLU D 155 46.84 19.26 -6.36
N GLY D 156 46.45 18.17 -7.04
CA GLY D 156 46.85 16.80 -6.66
C GLY D 156 45.81 15.98 -5.87
N TYR D 157 44.56 16.49 -5.75
CA TYR D 157 43.46 15.68 -5.26
C TYR D 157 43.36 14.37 -6.08
N VAL D 158 43.17 13.25 -5.38
CA VAL D 158 43.26 11.91 -6.00
C VAL D 158 41.93 11.36 -6.50
N ARG D 159 40.84 12.09 -6.25
CA ARG D 159 39.48 11.65 -6.60
C ARG D 159 38.50 12.82 -6.66
N ILE D 160 37.59 12.80 -7.63
CA ILE D 160 36.57 13.81 -7.79
C ILE D 160 35.20 13.26 -7.49
N LYS D 161 34.45 13.99 -6.65
CA LYS D 161 33.05 13.69 -6.35
C LYS D 161 32.22 14.86 -6.87
N LEU D 162 31.22 14.58 -7.69
CA LEU D 162 30.32 15.58 -8.21
C LEU D 162 28.95 15.52 -7.55
N LYS D 163 28.47 16.65 -7.06
CA LYS D 163 27.09 16.77 -6.65
C LYS D 163 26.20 16.74 -7.87
N ILE D 164 25.08 16.03 -7.75
CA ILE D 164 24.15 15.84 -8.84
C ILE D 164 22.72 16.00 -8.36
N GLU D 165 21.83 16.20 -9.32
CA GLU D 165 20.39 16.33 -9.10
C GLU D 165 19.70 16.23 -10.43
N PRO D 166 18.37 16.02 -10.43
CA PRO D 166 17.68 15.99 -11.74
C PRO D 166 17.98 17.24 -12.57
N GLY D 167 18.25 17.05 -13.86
CA GLY D 167 18.76 18.13 -14.72
C GLY D 167 20.28 18.35 -14.69
N TRP D 168 21.03 17.62 -13.86
CA TRP D 168 22.49 17.81 -13.73
C TRP D 168 23.12 16.51 -13.22
N ASP D 169 23.22 15.55 -14.14
CA ASP D 169 23.78 14.24 -13.82
C ASP D 169 24.58 13.64 -14.95
N VAL D 170 23.91 13.22 -16.00
CA VAL D 170 24.57 12.55 -17.12
C VAL D 170 25.47 13.49 -17.86
N GLU D 171 25.02 14.73 -18.13
CA GLU D 171 25.83 15.71 -18.91
C GLU D 171 27.13 16.10 -18.22
N PRO D 172 27.09 16.57 -16.97
CA PRO D 172 28.35 16.81 -16.27
C PRO D 172 29.27 15.60 -16.22
N VAL D 173 28.73 14.41 -16.01
CA VAL D 173 29.59 13.24 -15.89
C VAL D 173 30.27 12.95 -17.23
N ARG D 174 29.49 13.00 -18.32
CA ARG D 174 30.01 12.75 -19.68
C ARG D 174 31.11 13.76 -19.99
N ALA D 175 30.82 15.04 -19.77
CA ALA D 175 31.79 16.11 -19.97
C ALA D 175 33.09 15.88 -19.24
N VAL D 176 33.03 15.52 -17.95
CA VAL D 176 34.26 15.28 -17.15
C VAL D 176 35.05 14.10 -17.67
N ARG D 177 34.32 13.12 -18.16
CA ARG D 177 34.93 11.91 -18.68
C ARG D 177 35.61 12.19 -20.06
N GLU D 178 34.99 13.01 -20.86
CA GLU D 178 35.52 13.41 -22.12
C GLU D 178 36.77 14.26 -21.94
N ARG D 179 36.73 15.25 -21.08
CA ARG D 179 37.85 16.13 -20.88
C ARG D 179 39.02 15.47 -20.18
N PHE D 180 38.77 14.69 -19.13
CA PHE D 180 39.90 14.20 -18.26
C PHE D 180 40.19 12.72 -18.33
N GLY D 181 39.34 11.96 -19.02
CA GLY D 181 39.63 10.55 -19.27
C GLY D 181 39.11 9.58 -18.25
N ASP D 182 39.31 8.30 -18.54
CA ASP D 182 38.69 7.19 -17.79
C ASP D 182 39.50 6.75 -16.58
N ASP D 183 40.68 7.31 -16.32
CA ASP D 183 41.50 6.90 -15.15
C ASP D 183 41.33 7.73 -13.90
N VAL D 184 40.82 8.94 -14.04
CA VAL D 184 40.37 9.75 -12.91
C VAL D 184 39.35 8.95 -12.06
N LEU D 185 39.58 8.85 -10.76
CA LEU D 185 38.60 8.31 -9.84
C LEU D 185 37.46 9.32 -9.73
N LEU D 186 36.29 8.90 -10.15
CA LEU D 186 35.12 9.75 -10.26
C LEU D 186 33.87 9.11 -9.63
N GLN D 187 33.17 9.88 -8.77
CA GLN D 187 31.91 9.44 -8.15
C GLN D 187 30.87 10.57 -8.09
N VAL D 188 29.63 10.24 -7.75
CA VAL D 188 28.58 11.27 -7.68
C VAL D 188 27.83 11.16 -6.38
N ASP D 189 27.12 12.24 -6.04
CA ASP D 189 26.35 12.35 -4.80
C ASP D 189 25.11 13.18 -5.00
N ALA D 190 23.95 12.56 -4.73
CA ALA D 190 22.66 13.13 -4.98
C ALA D 190 21.99 13.78 -3.76
N ASN D 191 22.47 13.48 -2.54
CA ASN D 191 21.81 13.93 -1.33
C ASN D 191 20.31 13.75 -1.32
N THR D 192 19.86 12.56 -1.71
CA THR D 192 18.42 12.13 -1.67
C THR D 192 17.52 12.62 -2.79
N ALA D 193 18.10 13.26 -3.81
CA ALA D 193 17.28 13.97 -4.82
C ALA D 193 16.50 13.13 -5.84
N TYR D 194 16.72 11.82 -5.92
CA TYR D 194 15.95 10.96 -6.84
C TYR D 194 14.91 10.07 -6.17
N THR D 195 14.06 9.50 -6.99
CA THR D 195 13.17 8.39 -6.58
C THR D 195 13.47 7.13 -7.39
N LEU D 196 12.89 6.02 -6.94
CA LEU D 196 13.04 4.75 -7.61
C LEU D 196 12.50 4.79 -9.05
N GLY D 197 11.53 5.66 -9.29
CA GLY D 197 11.08 5.96 -10.65
C GLY D 197 12.09 6.64 -11.59
N ASP D 198 13.16 7.20 -11.05
CA ASP D 198 14.25 7.75 -11.85
C ASP D 198 15.34 6.74 -12.12
N ALA D 199 15.13 5.45 -11.83
CA ALA D 199 16.11 4.43 -12.17
C ALA D 199 16.61 4.43 -13.60
N PRO D 200 15.72 4.60 -14.58
CA PRO D 200 16.25 4.63 -15.97
C PRO D 200 17.23 5.79 -16.28
N GLN D 201 16.98 6.94 -15.69
CA GLN D 201 17.94 8.06 -15.77
C GLN D 201 19.27 7.80 -15.07
N LEU D 202 19.23 7.20 -13.86
CA LEU D 202 20.48 6.83 -13.17
C LEU D 202 21.23 5.72 -13.86
N ALA D 203 20.49 4.85 -14.55
CA ALA D 203 21.12 3.77 -15.36
C ALA D 203 21.89 4.32 -16.55
N ARG D 204 21.54 5.51 -17.02
CA ARG D 204 22.35 6.20 -18.06
C ARG D 204 23.78 6.58 -17.59
N LEU D 205 24.04 6.53 -16.29
CA LEU D 205 25.42 6.62 -15.75
C LEU D 205 26.28 5.37 -15.86
N ASP D 206 25.65 4.22 -16.15
CA ASP D 206 26.36 2.90 -16.28
C ASP D 206 27.68 2.98 -17.11
N PRO D 207 27.66 3.63 -18.29
CA PRO D 207 28.87 3.53 -19.11
C PRO D 207 30.08 4.36 -18.64
N PHE D 208 29.91 5.26 -17.69
CA PHE D 208 31.02 6.10 -17.28
C PHE D 208 31.90 5.59 -16.16
N GLY D 209 31.69 4.35 -15.72
CA GLY D 209 32.63 3.71 -14.76
C GLY D 209 32.83 4.44 -13.46
N LEU D 210 31.75 4.99 -12.92
CA LEU D 210 31.80 5.67 -11.61
C LEU D 210 32.11 4.72 -10.44
N LEU D 211 32.88 5.15 -9.47
CA LEU D 211 33.12 4.33 -8.25
C LEU D 211 31.83 4.05 -7.53
N LEU D 212 30.96 5.06 -7.48
CA LEU D 212 29.76 4.92 -6.69
C LEU D 212 28.80 6.07 -6.96
N ILE D 213 27.57 5.88 -6.54
CA ILE D 213 26.57 6.94 -6.43
C ILE D 213 26.12 6.95 -4.96
N GLU D 214 26.25 8.12 -4.31
CA GLU D 214 26.00 8.31 -2.88
C GLU D 214 24.57 8.80 -2.67
N GLN D 215 23.84 8.07 -1.87
CA GLN D 215 22.51 8.42 -1.42
C GLN D 215 21.62 8.99 -2.53
N PRO D 216 21.31 8.17 -3.54
CA PRO D 216 20.38 8.60 -4.57
C PRO D 216 18.96 8.84 -4.08
N LEU D 217 18.47 8.07 -3.12
CA LEU D 217 17.08 8.13 -2.64
C LEU D 217 17.02 8.65 -1.22
N GLU D 218 15.80 8.79 -0.69
CA GLU D 218 15.61 9.41 0.61
C GLU D 218 16.18 8.56 1.77
N GLU D 219 16.44 9.24 2.88
CA GLU D 219 17.11 8.68 4.07
C GLU D 219 16.45 7.37 4.56
N GLU D 220 15.13 7.39 4.62
CA GLU D 220 14.37 6.22 5.13
C GLU D 220 14.18 5.07 4.15
N ASP D 221 14.48 5.29 2.85
CA ASP D 221 14.20 4.28 1.85
C ASP D 221 15.37 3.29 1.60
N VAL D 222 15.65 2.45 2.60
CA VAL D 222 16.70 1.48 2.54
C VAL D 222 16.34 0.34 1.57
N LEU D 223 15.13 -0.18 1.65
CA LEU D 223 14.67 -1.18 0.71
C LEU D 223 14.66 -0.71 -0.73
N GLY D 224 14.34 0.56 -0.94
CA GLY D 224 14.39 1.15 -2.26
C GLY D 224 15.78 1.17 -2.83
N HIS D 225 16.77 1.38 -1.99
CA HIS D 225 18.13 1.36 -2.49
C HIS D 225 18.49 -0.02 -2.96
N ALA D 226 18.02 -1.05 -2.24
CA ALA D 226 18.30 -2.43 -2.62
C ALA D 226 17.63 -2.74 -3.95
N GLU D 227 16.43 -2.20 -4.16
CA GLU D 227 15.74 -2.31 -5.46
C GLU D 227 16.52 -1.59 -6.53
N LEU D 228 17.00 -0.39 -6.22
CA LEU D 228 17.74 0.39 -7.21
C LEU D 228 19.01 -0.32 -7.64
N ALA D 229 19.64 -1.02 -6.71
CA ALA D 229 20.90 -1.69 -7.01
C ALA D 229 20.71 -2.80 -8.03
N ARG D 230 19.52 -3.41 -8.08
CA ARG D 230 19.19 -4.44 -9.10
C ARG D 230 19.04 -3.86 -10.51
N ARG D 231 18.86 -2.55 -10.63
CA ARG D 231 18.63 -1.88 -11.89
C ARG D 231 19.77 -1.03 -12.44
N ILE D 232 20.82 -0.75 -11.66
CA ILE D 232 21.95 0.04 -12.15
C ILE D 232 23.25 -0.67 -11.86
N GLN D 233 24.23 -0.37 -12.70
CA GLN D 233 25.59 -0.95 -12.58
C GLN D 233 26.45 -0.17 -11.58
N THR D 234 26.19 1.13 -11.41
CA THR D 234 26.98 1.91 -10.46
C THR D 234 26.69 1.43 -8.98
N PRO D 235 27.73 1.11 -8.23
CA PRO D 235 27.55 0.72 -6.83
C PRO D 235 26.88 1.79 -5.99
N ILE D 236 25.99 1.37 -5.10
CA ILE D 236 25.30 2.28 -4.20
C ILE D 236 26.12 2.49 -2.90
N CYS D 237 26.24 3.76 -2.52
CA CYS D 237 26.85 4.18 -1.27
C CYS D 237 25.78 4.95 -0.51
N LEU D 238 25.71 4.74 0.77
CA LEU D 238 24.73 5.41 1.60
C LEU D 238 25.48 6.35 2.52
N ASP D 239 24.80 7.45 2.86
CA ASP D 239 25.31 8.52 3.71
C ASP D 239 24.23 8.85 4.70
N GLU D 240 23.24 9.65 4.28
CA GLU D 240 22.14 10.06 5.14
C GLU D 240 21.52 8.85 5.87
N SER D 241 21.41 7.70 5.21
CA SER D 241 20.72 6.51 5.82
C SER D 241 21.51 5.85 6.94
N ILE D 242 22.82 6.08 6.99
CA ILE D 242 23.67 5.36 7.94
C ILE D 242 23.79 6.19 9.20
N VAL D 243 22.82 6.03 10.08
CA VAL D 243 22.76 6.78 11.31
C VAL D 243 23.40 6.09 12.52
N SER D 244 23.86 4.86 12.34
CA SER D 244 24.41 4.06 13.43
C SER D 244 25.03 2.81 12.87
N ALA D 245 25.72 2.08 13.73
CA ALA D 245 26.29 0.81 13.34
C ALA D 245 25.17 -0.22 13.03
N ARG D 246 24.12 -0.21 13.83
CA ARG D 246 22.99 -1.05 13.58
C ARG D 246 22.38 -0.74 12.21
N ALA D 247 22.26 0.53 11.89
CA ALA D 247 21.71 0.90 10.56
C ALA D 247 22.57 0.41 9.42
N ALA D 248 23.89 0.43 9.61
CA ALA D 248 24.79 -0.07 8.58
C ALA D 248 24.63 -1.59 8.39
N ALA D 249 24.53 -2.31 9.50
CA ALA D 249 24.34 -3.73 9.47
C ALA D 249 23.05 -4.12 8.76
N ASP D 250 21.99 -3.37 9.05
CA ASP D 250 20.69 -3.60 8.46
C ASP D 250 20.76 -3.37 6.97
N ALA D 251 21.37 -2.26 6.56
CA ALA D 251 21.46 -1.94 5.16
C ALA D 251 22.25 -3.00 4.40
N ILE D 252 23.35 -3.44 4.99
CA ILE D 252 24.19 -4.46 4.40
C ILE D 252 23.42 -5.79 4.26
N LYS D 253 22.78 -6.26 5.32
CA LYS D 253 21.96 -7.46 5.24
C LYS D 253 20.89 -7.39 4.18
N LEU D 254 20.34 -6.23 3.92
CA LEU D 254 19.30 -6.12 2.89
C LEU D 254 19.81 -5.90 1.47
N GLY D 255 21.12 -5.89 1.24
CA GLY D 255 21.68 -5.60 -0.09
C GLY D 255 21.46 -4.18 -0.57
N ALA D 256 21.34 -3.25 0.35
CA ALA D 256 21.07 -1.86 0.02
C ALA D 256 22.30 -1.01 -0.16
N VAL D 257 23.48 -1.57 0.07
CA VAL D 257 24.68 -0.77 0.06
C VAL D 257 25.89 -1.63 -0.19
N GLN D 258 26.85 -1.12 -0.95
CA GLN D 258 28.14 -1.76 -1.20
C GLN D 258 29.35 -1.04 -0.63
N ILE D 259 29.21 0.24 -0.39
CA ILE D 259 30.27 1.10 0.16
C ILE D 259 29.59 2.09 1.08
N VAL D 260 30.18 2.33 2.23
CA VAL D 260 29.56 3.26 3.19
C VAL D 260 30.40 4.56 3.40
N ASN D 261 29.72 5.69 3.40
CA ASN D 261 30.32 6.98 3.82
C ASN D 261 30.14 7.14 5.31
N ILE D 262 31.24 7.33 6.03
CA ILE D 262 31.17 7.56 7.48
C ILE D 262 31.37 9.04 7.81
N LYS D 263 30.37 9.64 8.45
CA LYS D 263 30.45 10.96 9.03
C LYS D 263 30.16 10.85 10.50
N PRO D 264 31.16 11.09 11.33
CA PRO D 264 31.00 11.02 12.81
C PRO D 264 29.78 11.73 13.39
N GLY D 265 29.55 12.99 13.02
CA GLY D 265 28.39 13.69 13.58
C GLY D 265 27.08 12.99 13.26
N ARG D 266 26.94 12.59 12.00
CA ARG D 266 25.70 12.02 11.51
C ARG D 266 25.33 10.77 12.28
N VAL D 267 26.36 10.07 12.81
CA VAL D 267 26.13 8.84 13.56
C VAL D 267 26.19 8.97 15.07
N GLY D 268 26.33 10.19 15.56
CA GLY D 268 26.33 10.44 16.99
C GLY D 268 27.69 10.35 17.65
N GLY D 269 28.75 10.55 16.88
CA GLY D 269 30.10 10.65 17.44
C GLY D 269 31.21 9.79 16.82
N TYR D 270 32.46 10.12 17.18
CA TYR D 270 33.64 9.40 16.78
C TYR D 270 33.66 7.98 17.29
N LEU D 271 33.11 7.72 18.46
CA LEU D 271 33.12 6.36 18.98
C LEU D 271 32.12 5.47 18.20
N GLU D 272 30.94 5.97 17.89
CA GLU D 272 30.02 5.22 17.04
C GLU D 272 30.58 5.08 15.63
N ALA D 273 31.28 6.09 15.15
CA ALA D 273 31.91 6.01 13.86
C ALA D 273 32.93 4.88 13.77
N ARG D 274 33.69 4.68 14.83
CA ARG D 274 34.58 3.55 14.88
C ARG D 274 33.80 2.23 14.78
N ARG D 275 32.69 2.12 15.47
CA ARG D 275 31.89 0.90 15.41
C ARG D 275 31.30 0.69 14.01
N VAL D 276 30.92 1.76 13.32
CA VAL D 276 30.45 1.65 11.96
C VAL D 276 31.57 1.09 11.05
N HIS D 277 32.79 1.61 11.25
CA HIS D 277 33.95 1.14 10.54
C HIS D 277 34.17 -0.35 10.76
N ASP D 278 34.03 -0.80 12.01
CA ASP D 278 34.28 -2.19 12.38
C ASP D 278 33.21 -3.16 11.84
N VAL D 279 31.97 -2.73 11.86
CA VAL D 279 30.87 -3.49 11.32
C VAL D 279 31.03 -3.64 9.80
N CYS D 280 31.32 -2.56 9.13
CA CYS D 280 31.53 -2.62 7.71
C CYS D 280 32.72 -3.51 7.33
N ALA D 281 33.83 -3.37 8.05
CA ALA D 281 35.00 -4.22 7.82
C ALA D 281 34.63 -5.72 7.95
N ALA D 282 33.90 -6.07 9.00
CA ALA D 282 33.55 -7.44 9.21
C ALA D 282 32.69 -8.06 8.07
N HIS D 283 31.94 -7.23 7.35
CA HIS D 283 31.18 -7.68 6.21
C HIS D 283 31.87 -7.49 4.85
N GLY D 284 33.11 -7.02 4.85
CA GLY D 284 33.81 -6.73 3.61
C GLY D 284 33.34 -5.48 2.85
N ILE D 285 32.70 -4.56 3.52
CA ILE D 285 32.21 -3.32 2.94
C ILE D 285 33.27 -2.17 3.16
N PRO D 286 33.91 -1.66 2.10
CA PRO D 286 34.84 -0.51 2.19
C PRO D 286 34.14 0.73 2.72
N VAL D 287 34.86 1.53 3.50
CA VAL D 287 34.29 2.76 3.97
C VAL D 287 35.20 3.89 3.53
N TRP D 288 34.64 5.08 3.52
CA TRP D 288 35.43 6.30 3.33
C TRP D 288 34.89 7.43 4.21
N CYS D 289 35.75 8.41 4.52
CA CYS D 289 35.44 9.49 5.42
C CYS D 289 34.78 10.65 4.75
N GLY D 290 33.61 11.01 5.26
CA GLY D 290 32.87 12.17 4.74
C GLY D 290 33.30 13.46 5.44
N ASP D 291 32.81 14.54 4.92
CA ASP D 291 33.17 15.88 5.32
C ASP D 291 31.89 16.69 5.36
N MET D 292 31.79 17.55 6.36
CA MET D 292 30.65 18.43 6.50
C MET D 292 31.17 19.90 6.51
N ILE D 293 32.22 20.17 5.73
CA ILE D 293 32.84 21.48 5.67
C ILE D 293 33.19 21.96 7.10
N GLU D 294 33.86 21.11 7.83
CA GLU D 294 34.23 21.44 9.16
C GLU D 294 35.39 22.41 9.18
N THR D 295 35.50 23.13 10.30
CA THR D 295 36.74 23.81 10.67
C THR D 295 37.84 22.80 10.92
N GLY D 296 39.04 23.30 11.15
CA GLY D 296 40.19 22.46 11.48
C GLY D 296 40.03 21.52 12.67
N LEU D 297 39.08 21.81 13.57
CA LEU D 297 38.86 20.93 14.71
C LEU D 297 38.29 19.60 14.26
N GLY D 298 37.15 19.67 13.57
CA GLY D 298 36.55 18.52 12.99
C GLY D 298 37.43 17.88 11.92
N ARG D 299 38.09 18.70 11.13
CA ARG D 299 38.97 18.18 10.11
C ARG D 299 40.08 17.33 10.75
N ALA D 300 40.62 17.77 11.88
CA ALA D 300 41.68 17.01 12.58
C ALA D 300 41.20 15.65 13.09
N ALA D 301 39.99 15.64 13.61
CA ALA D 301 39.39 14.41 14.07
C ALA D 301 39.09 13.47 12.90
N ASN D 302 38.56 13.99 11.81
CA ASN D 302 38.23 13.19 10.65
C ASN D 302 39.46 12.57 10.02
N VAL D 303 40.57 13.32 9.94
CA VAL D 303 41.80 12.80 9.32
C VAL D 303 42.32 11.64 10.14
N ALA D 304 42.22 11.76 11.46
CA ALA D 304 42.56 10.68 12.38
C ALA D 304 41.68 9.46 12.14
N LEU D 305 40.36 9.67 12.13
CA LEU D 305 39.41 8.59 11.83
C LEU D 305 39.71 7.91 10.48
N ALA D 306 40.00 8.71 9.46
CA ALA D 306 40.27 8.19 8.12
C ALA D 306 41.54 7.35 7.99
N SER D 307 42.37 7.32 9.03
CA SER D 307 43.60 6.55 9.01
C SER D 307 43.40 5.12 9.57
N LEU D 308 42.16 4.77 9.90
CA LEU D 308 41.82 3.39 10.30
C LEU D 308 41.90 2.43 9.09
N PRO D 309 42.07 1.14 9.34
CA PRO D 309 42.44 0.20 8.24
C PRO D 309 41.45 -0.05 7.13
N ASN D 310 40.15 0.05 7.40
CA ASN D 310 39.13 -0.23 6.39
C ASN D 310 38.70 1.02 5.59
N PHE D 311 39.32 2.17 5.86
CA PHE D 311 39.13 3.34 5.00
C PHE D 311 39.97 3.17 3.72
N THR D 312 39.43 2.52 2.71
CA THR D 312 40.24 2.08 1.56
C THR D 312 39.85 2.79 0.31
N LEU D 313 38.97 3.77 0.43
CA LEU D 313 38.70 4.68 -0.65
C LEU D 313 39.00 6.08 -0.11
N PRO D 314 39.47 6.97 -0.98
CA PRO D 314 39.77 8.34 -0.56
C PRO D 314 38.54 9.08 -0.02
N GLY D 315 38.78 9.91 1.01
CA GLY D 315 37.73 10.66 1.64
C GLY D 315 37.52 12.04 1.07
N ASP D 316 36.48 12.70 1.58
CA ASP D 316 36.18 14.09 1.27
C ASP D 316 36.99 15.04 2.18
N THR D 317 37.85 14.56 3.06
CA THR D 317 38.61 15.47 3.94
C THR D 317 39.67 16.25 3.16
N SER D 318 39.22 17.30 2.51
CA SER D 318 40.05 18.14 1.68
C SER D 318 40.88 19.09 2.55
N ALA D 319 41.82 19.80 1.94
CA ALA D 319 42.66 20.76 2.65
C ALA D 319 41.83 21.94 3.07
N SER D 320 42.21 22.56 4.18
CA SER D 320 41.46 23.73 4.72
C SER D 320 41.14 24.77 3.66
N ASP D 321 42.10 25.05 2.78
CA ASP D 321 41.92 26.10 1.76
C ASP D 321 40.98 25.78 0.62
N ARG D 322 40.53 24.55 0.50
CA ARG D 322 39.43 24.24 -0.41
C ARG D 322 38.16 24.98 0.01
N TYR D 323 37.92 25.13 1.32
CA TYR D 323 36.72 25.78 1.81
C TYR D 323 36.96 27.20 2.37
N TYR D 324 38.08 27.39 3.06
CA TYR D 324 38.34 28.62 3.84
C TYR D 324 39.68 29.35 3.51
N LYS D 325 39.66 30.69 3.30
CA LYS D 325 40.93 31.49 3.18
C LYS D 325 41.65 31.37 4.51
N THR D 326 40.89 31.46 5.62
CA THR D 326 41.47 31.46 6.96
C THR D 326 40.74 30.46 7.85
N ASP D 327 41.41 29.37 8.18
CA ASP D 327 40.91 28.42 9.18
C ASP D 327 41.20 28.95 10.60
N ILE D 328 40.41 28.53 11.58
CA ILE D 328 40.64 28.87 12.99
C ILE D 328 41.72 28.08 13.71
N THR D 329 42.30 27.08 13.05
CA THR D 329 43.42 26.32 13.62
C THR D 329 44.55 26.46 12.66
N GLU D 330 45.66 25.83 12.97
CA GLU D 330 46.74 25.80 12.03
C GLU D 330 46.09 25.02 10.92
N PRO D 331 46.23 25.50 9.63
CA PRO D 331 45.50 24.72 8.61
C PRO D 331 46.05 23.43 8.03
N PHE D 332 45.16 22.63 7.44
CA PHE D 332 45.56 21.39 6.79
C PHE D 332 45.95 21.70 5.35
N VAL D 333 47.14 21.22 4.97
CA VAL D 333 47.71 21.51 3.66
C VAL D 333 48.01 20.22 2.90
N LEU D 334 47.41 20.13 1.72
CA LEU D 334 47.64 18.98 0.86
C LEU D 334 49.12 18.84 0.50
N SER D 335 49.59 17.62 0.40
CA SER D 335 50.95 17.34 0.07
C SER D 335 50.99 15.96 -0.59
N GLY D 336 51.20 15.93 -1.92
CA GLY D 336 51.23 14.66 -2.65
C GLY D 336 49.89 13.95 -2.63
N GLY D 337 48.83 14.75 -2.67
CA GLY D 337 47.46 14.26 -2.51
C GLY D 337 47.02 13.79 -1.11
N HIS D 338 47.88 13.95 -0.09
CA HIS D 338 47.60 13.43 1.25
C HIS D 338 47.55 14.53 2.29
N LEU D 339 46.88 14.24 3.40
CA LEU D 339 46.89 15.09 4.57
C LEU D 339 47.56 14.30 5.66
N PRO D 340 48.37 14.96 6.49
CA PRO D 340 49.00 14.22 7.60
C PRO D 340 48.09 14.10 8.79
N VAL D 341 48.21 12.98 9.46
CA VAL D 341 47.48 12.68 10.65
C VAL D 341 48.13 13.47 11.79
N PRO D 342 47.34 14.25 12.55
CA PRO D 342 47.83 14.95 13.75
C PRO D 342 48.46 14.06 14.81
N THR D 343 49.41 14.61 15.57
CA THR D 343 50.22 13.86 16.53
C THR D 343 50.14 14.27 17.97
N GLY D 344 49.77 15.50 18.27
CA GLY D 344 49.74 15.85 19.69
C GLY D 344 48.63 15.16 20.49
N PRO D 345 48.50 15.54 21.77
CA PRO D 345 47.34 15.07 22.54
C PRO D 345 45.97 15.55 21.98
N GLY D 346 44.94 14.75 22.24
CA GLY D 346 43.60 14.97 21.74
C GLY D 346 43.57 15.19 20.25
N LEU D 347 42.83 16.20 19.83
CA LEU D 347 42.67 16.49 18.42
C LEU D 347 43.97 16.79 17.75
N GLY D 348 44.96 17.25 18.53
CA GLY D 348 46.29 17.62 18.01
C GLY D 348 46.34 19.03 17.47
N VAL D 349 45.24 19.76 17.64
CA VAL D 349 45.07 21.14 17.26
C VAL D 349 44.10 21.82 18.24
N ALA D 350 44.14 23.15 18.22
CA ALA D 350 43.26 23.98 19.06
C ALA D 350 43.00 25.29 18.34
N PRO D 351 41.90 25.97 18.69
CA PRO D 351 41.66 27.23 18.01
C PRO D 351 42.70 28.26 18.39
N ILE D 352 43.15 29.02 17.40
CA ILE D 352 43.98 30.22 17.58
C ILE D 352 43.02 31.36 18.02
N PRO D 353 43.11 31.81 19.31
CA PRO D 353 41.99 32.60 19.93
C PRO D 353 41.60 33.87 19.18
N GLU D 354 42.58 34.50 18.55
CA GLU D 354 42.43 35.71 17.78
C GLU D 354 41.58 35.48 16.55
N LEU D 355 41.87 34.41 15.83
CA LEU D 355 41.11 33.98 14.64
C LEU D 355 39.70 33.50 14.97
N LEU D 356 39.55 32.80 16.09
CA LEU D 356 38.24 32.36 16.54
C LEU D 356 37.32 33.49 16.91
N ASP D 357 37.85 34.49 17.57
CA ASP D 357 37.06 35.62 17.98
C ASP D 357 36.54 36.40 16.80
N GLU D 358 37.36 36.57 15.78
CA GLU D 358 36.95 37.29 14.54
C GLU D 358 35.67 36.73 13.97
N VAL D 359 35.47 35.41 14.09
CA VAL D 359 34.35 34.69 13.46
C VAL D 359 33.26 34.24 14.42
N THR D 360 33.42 34.49 15.71
CA THR D 360 32.39 34.19 16.67
C THR D 360 31.25 35.21 16.60
N THR D 361 30.04 34.72 16.47
CA THR D 361 28.81 35.49 16.41
C THR D 361 28.10 35.59 17.76
N ALA D 362 28.33 34.63 18.66
CA ALA D 362 27.58 34.50 19.90
C ALA D 362 28.22 33.44 20.77
N LYS D 363 27.99 33.51 22.07
CA LYS D 363 28.74 32.71 23.04
C LYS D 363 27.88 32.63 24.30
N VAL D 364 27.77 31.46 24.89
CA VAL D 364 27.09 31.30 26.15
C VAL D 364 27.76 30.19 26.98
N TRP D 365 27.77 30.38 28.30
CA TRP D 365 28.36 29.42 29.25
C TRP D 365 27.23 28.63 29.88
N ILE D 366 27.35 27.30 29.94
CA ILE D 366 26.37 26.42 30.65
C ILE D 366 27.12 25.68 31.73
N GLY D 367 26.74 25.89 33.02
CA GLY D 367 27.56 25.45 34.22
C GLY D 367 26.91 24.66 35.36
#